data_2B14
# 
_entry.id   2B14 
# 
_audit_conform.dict_name       mmcif_pdbx.dic 
_audit_conform.dict_version    5.380 
_audit_conform.dict_location   http://mmcif.pdb.org/dictionaries/ascii/mmcif_pdbx.dic 
# 
loop_
_database_2.database_id 
_database_2.database_code 
_database_2.pdbx_database_accession 
_database_2.pdbx_DOI 
PDB   2B14         pdb_00002b14 10.2210/pdb2b14/pdb 
RCSB  RCSB034544   ?            ?                   
WWPDB D_1000034544 ?            ?                   
# 
loop_
_pdbx_database_related.db_name 
_pdbx_database_related.db_id 
_pdbx_database_related.details 
_pdbx_database_related.content_type 
PDB 2B15 'the same protein without mutant' unspecified 
PDB 2B16 'the same protein, mutant Y78F'   unspecified 
# 
_pdbx_database_status.status_code                     REL 
_pdbx_database_status.entry_id                        2B14 
_pdbx_database_status.recvd_initial_deposition_date   2005-09-15 
_pdbx_database_status.deposit_site                    RCSB 
_pdbx_database_status.process_site                    PDBJ 
_pdbx_database_status.status_code_sf                  REL 
_pdbx_database_status.status_code_mr                  ? 
_pdbx_database_status.SG_entry                        ? 
_pdbx_database_status.pdb_format_compatible           Y 
_pdbx_database_status.status_code_cs                  ? 
_pdbx_database_status.status_code_nmr_data            ? 
_pdbx_database_status.methods_development_category    ? 
# 
loop_
_audit_author.name 
_audit_author.pdbx_ordinal 
'Morais-de-Sa, E.' 1 
'Neto-Silva, R.M.' 2 
'Pereira, P.J.'    3 
'Saraiva, M.J.'    4 
'Damas, A.M.'      5 
# 
_citation.id                        primary 
_citation.title                     'The binding of 2,4-dinitrophenol to wild-type and amyloidogenic transthyretin' 
_citation.journal_abbrev            'ACTA CRYSTALLOGR.,SECT.D' 
_citation.journal_volume            62 
_citation.page_first                512 
_citation.page_last                 519 
_citation.year                      2006 
_citation.journal_id_ASTM           ABCRE6 
_citation.country                   DK 
_citation.journal_id_ISSN           0907-4449 
_citation.journal_id_CSD            0766 
_citation.book_publisher            ? 
_citation.pdbx_database_id_PubMed   16627944 
_citation.pdbx_database_id_DOI      10.1107/S0907444906006962 
# 
loop_
_citation_author.citation_id 
_citation_author.name 
_citation_author.ordinal 
_citation_author.identifier_ORCID 
primary 'Morais-de-Sa, E.' 1 ? 
primary 'Neto-Silva, R.M.' 2 ? 
primary 'Pereira, P.J.'    3 ? 
primary 'Saraiva, M.J.'    4 ? 
primary 'Damas, A.M.'      5 ? 
# 
_cell.entry_id           2B14 
_cell.length_a           42.550 
_cell.length_b           84.247 
_cell.length_c           63.397 
_cell.angle_alpha        90.00 
_cell.angle_beta         90.00 
_cell.angle_gamma        90.00 
_cell.Z_PDB              8 
_cell.pdbx_unique_axis   ? 
_cell.length_a_esd       ? 
_cell.length_b_esd       ? 
_cell.length_c_esd       ? 
_cell.angle_alpha_esd    ? 
_cell.angle_beta_esd     ? 
_cell.angle_gamma_esd    ? 
# 
_symmetry.entry_id                         2B14 
_symmetry.space_group_name_H-M             'P 21 21 2' 
_symmetry.pdbx_full_space_group_name_H-M   ? 
_symmetry.cell_setting                     ? 
_symmetry.Int_Tables_number                18 
_symmetry.space_group_name_Hall            ? 
# 
loop_
_entity.id 
_entity.type 
_entity.src_method 
_entity.pdbx_description 
_entity.formula_weight 
_entity.pdbx_number_of_molecules 
_entity.pdbx_ec 
_entity.pdbx_mutation 
_entity.pdbx_fragment 
_entity.details 
1 polymer     man Transthyretin     13761.317 2  ? L55P ? ? 
2 non-polymer syn 2,4-DINITROPHENOL 184.106   2  ? ?    ? ? 
3 water       nat water             18.015    72 ? ?    ? ? 
# 
_entity_name_com.entity_id   1 
_entity_name_com.name        'Prealbumin, TBPA, TTR, ATTR' 
# 
_entity_poly.entity_id                      1 
_entity_poly.type                           'polypeptide(L)' 
_entity_poly.nstd_linkage                   no 
_entity_poly.nstd_monomer                   no 
_entity_poly.pdbx_seq_one_letter_code       
;GPTGTGESKCPLMVKVLDAVRGSPAINVAVHVFRKAADDTWEPFASGKTSESGEPHGLTTEEEFVEGIYKVEIDTKSYWK
ALGISPFHEHAEVVFTANDSGPRRYTIAALLSPYSYSTTAVVTNPKE
;
_entity_poly.pdbx_seq_one_letter_code_can   
;GPTGTGESKCPLMVKVLDAVRGSPAINVAVHVFRKAADDTWEPFASGKTSESGEPHGLTTEEEFVEGIYKVEIDTKSYWK
ALGISPFHEHAEVVFTANDSGPRRYTIAALLSPYSYSTTAVVTNPKE
;
_entity_poly.pdbx_strand_id                 A,B 
_entity_poly.pdbx_target_identifier         ? 
# 
loop_
_entity_poly_seq.entity_id 
_entity_poly_seq.num 
_entity_poly_seq.mon_id 
_entity_poly_seq.hetero 
1 1   GLY n 
1 2   PRO n 
1 3   THR n 
1 4   GLY n 
1 5   THR n 
1 6   GLY n 
1 7   GLU n 
1 8   SER n 
1 9   LYS n 
1 10  CYS n 
1 11  PRO n 
1 12  LEU n 
1 13  MET n 
1 14  VAL n 
1 15  LYS n 
1 16  VAL n 
1 17  LEU n 
1 18  ASP n 
1 19  ALA n 
1 20  VAL n 
1 21  ARG n 
1 22  GLY n 
1 23  SER n 
1 24  PRO n 
1 25  ALA n 
1 26  ILE n 
1 27  ASN n 
1 28  VAL n 
1 29  ALA n 
1 30  VAL n 
1 31  HIS n 
1 32  VAL n 
1 33  PHE n 
1 34  ARG n 
1 35  LYS n 
1 36  ALA n 
1 37  ALA n 
1 38  ASP n 
1 39  ASP n 
1 40  THR n 
1 41  TRP n 
1 42  GLU n 
1 43  PRO n 
1 44  PHE n 
1 45  ALA n 
1 46  SER n 
1 47  GLY n 
1 48  LYS n 
1 49  THR n 
1 50  SER n 
1 51  GLU n 
1 52  SER n 
1 53  GLY n 
1 54  GLU n 
1 55  PRO n 
1 56  HIS n 
1 57  GLY n 
1 58  LEU n 
1 59  THR n 
1 60  THR n 
1 61  GLU n 
1 62  GLU n 
1 63  GLU n 
1 64  PHE n 
1 65  VAL n 
1 66  GLU n 
1 67  GLY n 
1 68  ILE n 
1 69  TYR n 
1 70  LYS n 
1 71  VAL n 
1 72  GLU n 
1 73  ILE n 
1 74  ASP n 
1 75  THR n 
1 76  LYS n 
1 77  SER n 
1 78  TYR n 
1 79  TRP n 
1 80  LYS n 
1 81  ALA n 
1 82  LEU n 
1 83  GLY n 
1 84  ILE n 
1 85  SER n 
1 86  PRO n 
1 87  PHE n 
1 88  HIS n 
1 89  GLU n 
1 90  HIS n 
1 91  ALA n 
1 92  GLU n 
1 93  VAL n 
1 94  VAL n 
1 95  PHE n 
1 96  THR n 
1 97  ALA n 
1 98  ASN n 
1 99  ASP n 
1 100 SER n 
1 101 GLY n 
1 102 PRO n 
1 103 ARG n 
1 104 ARG n 
1 105 TYR n 
1 106 THR n 
1 107 ILE n 
1 108 ALA n 
1 109 ALA n 
1 110 LEU n 
1 111 LEU n 
1 112 SER n 
1 113 PRO n 
1 114 TYR n 
1 115 SER n 
1 116 TYR n 
1 117 SER n 
1 118 THR n 
1 119 THR n 
1 120 ALA n 
1 121 VAL n 
1 122 VAL n 
1 123 THR n 
1 124 ASN n 
1 125 PRO n 
1 126 LYS n 
1 127 GLU n 
# 
_entity_src_gen.entity_id                          1 
_entity_src_gen.pdbx_src_id                        1 
_entity_src_gen.pdbx_alt_source_flag               sample 
_entity_src_gen.pdbx_seq_type                      ? 
_entity_src_gen.pdbx_beg_seq_num                   ? 
_entity_src_gen.pdbx_end_seq_num                   ? 
_entity_src_gen.gene_src_common_name               human 
_entity_src_gen.gene_src_genus                     Homo 
_entity_src_gen.pdbx_gene_src_gene                 ? 
_entity_src_gen.gene_src_species                   ? 
_entity_src_gen.gene_src_strain                    ? 
_entity_src_gen.gene_src_tissue                    ? 
_entity_src_gen.gene_src_tissue_fraction           ? 
_entity_src_gen.gene_src_details                   ? 
_entity_src_gen.pdbx_gene_src_fragment             ? 
_entity_src_gen.pdbx_gene_src_scientific_name      'Homo sapiens' 
_entity_src_gen.pdbx_gene_src_ncbi_taxonomy_id     9606 
_entity_src_gen.pdbx_gene_src_variant              ? 
_entity_src_gen.pdbx_gene_src_cell_line            ? 
_entity_src_gen.pdbx_gene_src_atcc                 ? 
_entity_src_gen.pdbx_gene_src_organ                ? 
_entity_src_gen.pdbx_gene_src_organelle            ? 
_entity_src_gen.pdbx_gene_src_cell                 ? 
_entity_src_gen.pdbx_gene_src_cellular_location    ? 
_entity_src_gen.host_org_common_name               ? 
_entity_src_gen.pdbx_host_org_scientific_name      'Escherichia coli BL21' 
_entity_src_gen.pdbx_host_org_ncbi_taxonomy_id     511693 
_entity_src_gen.host_org_genus                     Escherichia 
_entity_src_gen.pdbx_host_org_gene                 ? 
_entity_src_gen.pdbx_host_org_organ                ? 
_entity_src_gen.host_org_species                   'Escherichia coli' 
_entity_src_gen.pdbx_host_org_tissue               ? 
_entity_src_gen.pdbx_host_org_tissue_fraction      ? 
_entity_src_gen.pdbx_host_org_strain               BL21 
_entity_src_gen.pdbx_host_org_variant              ? 
_entity_src_gen.pdbx_host_org_cell_line            ? 
_entity_src_gen.pdbx_host_org_atcc                 ? 
_entity_src_gen.pdbx_host_org_culture_collection   ? 
_entity_src_gen.pdbx_host_org_cell                 ? 
_entity_src_gen.pdbx_host_org_organelle            ? 
_entity_src_gen.pdbx_host_org_cellular_location    ? 
_entity_src_gen.pdbx_host_org_vector_type          plasmid 
_entity_src_gen.pdbx_host_org_vector               ? 
_entity_src_gen.host_org_details                   ? 
_entity_src_gen.expression_system_id               ? 
_entity_src_gen.plasmid_name                       pINTR 
_entity_src_gen.plasmid_details                    ? 
_entity_src_gen.pdbx_description                   ? 
# 
_struct_ref.id                         1 
_struct_ref.db_name                    UNP 
_struct_ref.db_code                    TTHY_HUMAN 
_struct_ref.pdbx_db_accession          P02766 
_struct_ref.entity_id                  1 
_struct_ref.pdbx_align_begin           21 
_struct_ref.pdbx_db_isoform            ? 
_struct_ref.pdbx_seq_one_letter_code   ? 
# 
loop_
_struct_ref_seq.align_id 
_struct_ref_seq.ref_id 
_struct_ref_seq.pdbx_PDB_id_code 
_struct_ref_seq.pdbx_strand_id 
_struct_ref_seq.seq_align_beg 
_struct_ref_seq.pdbx_seq_align_beg_ins_code 
_struct_ref_seq.seq_align_end 
_struct_ref_seq.pdbx_seq_align_end_ins_code 
_struct_ref_seq.pdbx_db_accession 
_struct_ref_seq.db_align_beg 
_struct_ref_seq.pdbx_db_align_beg_ins_code 
_struct_ref_seq.db_align_end 
_struct_ref_seq.pdbx_db_align_end_ins_code 
_struct_ref_seq.pdbx_auth_seq_align_beg 
_struct_ref_seq.pdbx_auth_seq_align_end 
1 1 2B14 A 1 ? 127 ? P02766 21 ? 147 ? 1 127 
2 1 2B14 B 1 ? 127 ? P02766 21 ? 147 ? 1 127 
# 
loop_
_struct_ref_seq_dif.align_id 
_struct_ref_seq_dif.pdbx_pdb_id_code 
_struct_ref_seq_dif.mon_id 
_struct_ref_seq_dif.pdbx_pdb_strand_id 
_struct_ref_seq_dif.seq_num 
_struct_ref_seq_dif.pdbx_pdb_ins_code 
_struct_ref_seq_dif.pdbx_seq_db_name 
_struct_ref_seq_dif.pdbx_seq_db_accession_code 
_struct_ref_seq_dif.db_mon_id 
_struct_ref_seq_dif.pdbx_seq_db_seq_num 
_struct_ref_seq_dif.details 
_struct_ref_seq_dif.pdbx_auth_seq_num 
_struct_ref_seq_dif.pdbx_ordinal 
1 2B14 PRO A 55 ? UNP P02766 LEU 75 'engineered mutation' 55 1 
2 2B14 PRO B 55 ? UNP P02766 LEU 75 'engineered mutation' 55 2 
# 
loop_
_chem_comp.id 
_chem_comp.type 
_chem_comp.mon_nstd_flag 
_chem_comp.name 
_chem_comp.pdbx_synonyms 
_chem_comp.formula 
_chem_comp.formula_weight 
ALA 'L-peptide linking' y ALANINE           ? 'C3 H7 N O2'     89.093  
ARG 'L-peptide linking' y ARGININE          ? 'C6 H15 N4 O2 1' 175.209 
ASN 'L-peptide linking' y ASPARAGINE        ? 'C4 H8 N2 O3'    132.118 
ASP 'L-peptide linking' y 'ASPARTIC ACID'   ? 'C4 H7 N O4'     133.103 
CYS 'L-peptide linking' y CYSTEINE          ? 'C3 H7 N O2 S'   121.158 
DNF non-polymer         . 2,4-DINITROPHENOL ? 'C6 H4 N2 O5'    184.106 
GLU 'L-peptide linking' y 'GLUTAMIC ACID'   ? 'C5 H9 N O4'     147.129 
GLY 'peptide linking'   y GLYCINE           ? 'C2 H5 N O2'     75.067  
HIS 'L-peptide linking' y HISTIDINE         ? 'C6 H10 N3 O2 1' 156.162 
HOH non-polymer         . WATER             ? 'H2 O'           18.015  
ILE 'L-peptide linking' y ISOLEUCINE        ? 'C6 H13 N O2'    131.173 
LEU 'L-peptide linking' y LEUCINE           ? 'C6 H13 N O2'    131.173 
LYS 'L-peptide linking' y LYSINE            ? 'C6 H15 N2 O2 1' 147.195 
MET 'L-peptide linking' y METHIONINE        ? 'C5 H11 N O2 S'  149.211 
PHE 'L-peptide linking' y PHENYLALANINE     ? 'C9 H11 N O2'    165.189 
PRO 'L-peptide linking' y PROLINE           ? 'C5 H9 N O2'     115.130 
SER 'L-peptide linking' y SERINE            ? 'C3 H7 N O3'     105.093 
THR 'L-peptide linking' y THREONINE         ? 'C4 H9 N O3'     119.119 
TRP 'L-peptide linking' y TRYPTOPHAN        ? 'C11 H12 N2 O2'  204.225 
TYR 'L-peptide linking' y TYROSINE          ? 'C9 H11 N O3'    181.189 
VAL 'L-peptide linking' y VALINE            ? 'C5 H11 N O2'    117.146 
# 
_exptl.entry_id          2B14 
_exptl.method            'X-RAY DIFFRACTION' 
_exptl.crystals_number   1 
# 
_exptl_crystal.id                    1 
_exptl_crystal.density_meas          ? 
_exptl_crystal.density_Matthews      2.06 
_exptl_crystal.density_percent_sol   40.38 
_exptl_crystal.description           ? 
_exptl_crystal.F_000                 ? 
_exptl_crystal.preparation           ? 
# 
_exptl_crystal_grow.crystal_id      1 
_exptl_crystal_grow.method          'VAPOR DIFFUSION, HANGING DROP' 
_exptl_crystal_grow.temp            287 
_exptl_crystal_grow.temp_details    ? 
_exptl_crystal_grow.pH              7.0 
_exptl_crystal_grow.pdbx_details    'PEG550, Hepes, pH 7.0, VAPOR DIFFUSION, HANGING DROP, temperature 287K' 
_exptl_crystal_grow.pdbx_pH_range   . 
# 
_diffrn.id                     1 
_diffrn.ambient_temp           100 
_diffrn.ambient_temp_details   ? 
_diffrn.crystal_id             1 
# 
_diffrn_detector.diffrn_id              1 
_diffrn_detector.detector               CCD 
_diffrn_detector.type                   'ADSC QUANTUM 4' 
_diffrn_detector.pdbx_collection_date   2005-02-17 
_diffrn_detector.details                ? 
# 
_diffrn_radiation.diffrn_id                        1 
_diffrn_radiation.wavelength_id                    1 
_diffrn_radiation.pdbx_monochromatic_or_laue_m_l   M 
_diffrn_radiation.monochromator                    ? 
_diffrn_radiation.pdbx_diffrn_protocol             'SINGLE WAVELENGTH' 
_diffrn_radiation.pdbx_scattering_type             x-ray 
# 
_diffrn_radiation_wavelength.id           1 
_diffrn_radiation_wavelength.wavelength   0.979 
_diffrn_radiation_wavelength.wt           1.0 
# 
_diffrn_source.diffrn_id                   1 
_diffrn_source.source                      SYNCHROTRON 
_diffrn_source.type                        'ESRF BEAMLINE ID14-4' 
_diffrn_source.pdbx_synchrotron_site       ESRF 
_diffrn_source.pdbx_synchrotron_beamline   ID14-4 
_diffrn_source.pdbx_wavelength             ? 
_diffrn_source.pdbx_wavelength_list        0.979 
# 
_reflns.entry_id                     2B14 
_reflns.observed_criterion_sigma_F   0 
_reflns.observed_criterion_sigma_I   0 
_reflns.d_resolution_high            2.0 
_reflns.d_resolution_low             50.85 
_reflns.number_all                   16093 
_reflns.number_obs                   16093 
_reflns.percent_possible_obs         99.1 
_reflns.pdbx_Rmerge_I_obs            0.073 
_reflns.pdbx_Rsym_value              0.066 
_reflns.pdbx_netI_over_sigmaI        6.5 
_reflns.B_iso_Wilson_estimate        ? 
_reflns.pdbx_redundancy              5.9 
_reflns.R_free_details               ? 
_reflns.limit_h_max                  ? 
_reflns.limit_h_min                  ? 
_reflns.limit_k_max                  ? 
_reflns.limit_k_min                  ? 
_reflns.limit_l_max                  ? 
_reflns.limit_l_min                  ? 
_reflns.observed_criterion_F_max     ? 
_reflns.observed_criterion_F_min     ? 
_reflns.pdbx_chi_squared             ? 
_reflns.pdbx_scaling_rejects         ? 
_reflns.pdbx_ordinal                 1 
_reflns.pdbx_diffrn_id               1 
# 
_reflns_shell.d_res_high             2.0 
_reflns_shell.d_res_low              2.09 
_reflns_shell.percent_possible_all   93.7 
_reflns_shell.Rmerge_I_obs           0.178 
_reflns_shell.pdbx_Rsym_value        0.162 
_reflns_shell.meanI_over_sigI_obs    4.2 
_reflns_shell.pdbx_redundancy        5.6 
_reflns_shell.percent_possible_obs   ? 
_reflns_shell.number_unique_all      1909 
_reflns_shell.number_measured_all    ? 
_reflns_shell.number_measured_obs    ? 
_reflns_shell.number_unique_obs      ? 
_reflns_shell.pdbx_chi_squared       ? 
_reflns_shell.pdbx_ordinal           1 
_reflns_shell.pdbx_diffrn_id         1 
# 
_refine.entry_id                                 2B14 
_refine.ls_d_res_high                            2.0 
_refine.ls_d_res_low                             10.0 
_refine.pdbx_ls_sigma_F                          0 
_refine.pdbx_ls_sigma_I                          ? 
_refine.ls_number_reflns_all                     15815 
_refine.ls_number_reflns_obs                     15815 
_refine.ls_number_reflns_R_free                  793 
_refine.ls_percent_reflns_obs                    98.89 
_refine.ls_R_factor_all                          0.204 
_refine.ls_R_factor_obs                          0.204 
_refine.ls_R_factor_R_work                       0.203 
_refine.ls_R_factor_R_free                       0.239 
_refine.ls_redundancy_reflns_obs                 ? 
_refine.pdbx_data_cutoff_high_absF               ? 
_refine.pdbx_data_cutoff_low_absF                ? 
_refine.ls_number_parameters                     ? 
_refine.ls_number_restraints                     ? 
_refine.ls_percent_reflns_R_free                 5 
_refine.ls_R_factor_R_free_error                 ? 
_refine.ls_R_factor_R_free_error_details         ? 
_refine.pdbx_method_to_determine_struct          'MOLECULAR REPLACEMENT' 
_refine.pdbx_starting_model                      'PDB ENTRY 1F86' 
_refine.pdbx_ls_cross_valid_method               THROUGHOUT 
_refine.pdbx_R_Free_selection_details            RANDOM 
_refine.pdbx_stereochem_target_val_spec_case     ? 
_refine.pdbx_stereochemistry_target_values       'Engh & Huber' 
_refine.solvent_model_details                    ? 
_refine.solvent_model_param_bsol                 ? 
_refine.solvent_model_param_ksol                 ? 
_refine.occupancy_max                            ? 
_refine.occupancy_min                            ? 
_refine.pdbx_isotropic_thermal_model             ? 
_refine.B_iso_mean                               ? 
_refine.aniso_B[1][1]                            ? 
_refine.aniso_B[1][2]                            ? 
_refine.aniso_B[1][3]                            ? 
_refine.aniso_B[2][2]                            ? 
_refine.aniso_B[2][3]                            ? 
_refine.aniso_B[3][3]                            ? 
_refine.details                                  ? 
_refine.B_iso_min                                ? 
_refine.B_iso_max                                ? 
_refine.correlation_coeff_Fo_to_Fc               ? 
_refine.correlation_coeff_Fo_to_Fc_free          ? 
_refine.pdbx_solvent_vdw_probe_radii             ? 
_refine.pdbx_solvent_ion_probe_radii             ? 
_refine.pdbx_solvent_shrinkage_radii             ? 
_refine.overall_SU_R_Cruickshank_DPI             ? 
_refine.overall_SU_R_free                        ? 
_refine.overall_SU_ML                            ? 
_refine.overall_SU_B                             ? 
_refine.pdbx_overall_ESU_R_Free                  ? 
_refine.pdbx_data_cutoff_high_rms_absF           ? 
_refine.pdbx_overall_ESU_R                       ? 
_refine.ls_wR_factor_R_free                      ? 
_refine.ls_wR_factor_R_work                      ? 
_refine.overall_FOM_free_R_set                   ? 
_refine.overall_FOM_work_R_set                   ? 
_refine.pdbx_refine_id                           'X-RAY DIFFRACTION' 
_refine.pdbx_diffrn_id                           1 
_refine.pdbx_TLS_residual_ADP_flag               ? 
_refine.pdbx_overall_phase_error                 ? 
_refine.pdbx_overall_SU_R_free_Cruickshank_DPI   ? 
_refine.pdbx_overall_SU_R_Blow_DPI               ? 
_refine.pdbx_overall_SU_R_free_Blow_DPI          ? 
# 
_refine_hist.pdbx_refine_id                   'X-RAY DIFFRACTION' 
_refine_hist.cycle_id                         LAST 
_refine_hist.pdbx_number_atoms_protein        1684 
_refine_hist.pdbx_number_atoms_nucleic_acid   0 
_refine_hist.pdbx_number_atoms_ligand         26 
_refine_hist.number_atoms_solvent             72 
_refine_hist.number_atoms_total               1782 
_refine_hist.d_res_high                       2.0 
_refine_hist.d_res_low                        10.0 
# 
loop_
_refine_ls_restr.type 
_refine_ls_restr.dev_ideal 
_refine_ls_restr.dev_ideal_target 
_refine_ls_restr.weight 
_refine_ls_restr.number 
_refine_ls_restr.pdbx_refine_id 
_refine_ls_restr.pdbx_restraint_function 
r_bond_refined_d    0.015 ? ? ? 'X-RAY DIFFRACTION' ? 
r_angle_refined_deg 1.620 ? ? ? 'X-RAY DIFFRACTION' ? 
# 
_struct.entry_id                  2B14 
_struct.title                     
'The crystal structure of 2,4-dinitrophenol in complex with the amyloidogenic variant Transthyretin Leu 55 Pro' 
_struct.pdbx_model_details        ? 
_struct.pdbx_CASP_flag            ? 
_struct.pdbx_model_type_details   ? 
# 
_struct_keywords.entry_id        2B14 
_struct_keywords.pdbx_keywords   'TRANSPORT PROTEIN' 
_struct_keywords.text            'AMYLOID, TRANSTHYRETIN, 2, 4-DINITROPHENOL, Tetramer Stabilizer, TRANSPORT PROTEIN' 
# 
loop_
_struct_asym.id 
_struct_asym.pdbx_blank_PDB_chainid_flag 
_struct_asym.pdbx_modified 
_struct_asym.entity_id 
_struct_asym.details 
A N N 1 ? 
B N N 1 ? 
C N N 2 ? 
D N N 2 ? 
E N N 3 ? 
F N N 3 ? 
# 
_struct_biol.id   1 
# 
loop_
_struct_conf.conf_type_id 
_struct_conf.id 
_struct_conf.pdbx_PDB_helix_id 
_struct_conf.beg_label_comp_id 
_struct_conf.beg_label_asym_id 
_struct_conf.beg_label_seq_id 
_struct_conf.pdbx_beg_PDB_ins_code 
_struct_conf.end_label_comp_id 
_struct_conf.end_label_asym_id 
_struct_conf.end_label_seq_id 
_struct_conf.pdbx_end_PDB_ins_code 
_struct_conf.beg_auth_comp_id 
_struct_conf.beg_auth_asym_id 
_struct_conf.beg_auth_seq_id 
_struct_conf.end_auth_comp_id 
_struct_conf.end_auth_asym_id 
_struct_conf.end_auth_seq_id 
_struct_conf.pdbx_PDB_helix_class 
_struct_conf.details 
_struct_conf.pdbx_PDB_helix_length 
HELX_P HELX_P1 1 ASP A 74 ? LEU A 82 ? ASP A 74 LEU A 82 1 ? 9  
HELX_P HELX_P2 2 ASP B 74 ? GLY B 83 ? ASP B 74 GLY B 83 1 ? 10 
# 
_struct_conf_type.id          HELX_P 
_struct_conf_type.criteria    ? 
_struct_conf_type.reference   ? 
# 
loop_
_struct_sheet.id 
_struct_sheet.type 
_struct_sheet.number_strands 
_struct_sheet.details 
A ? 8 ? 
B ? 8 ? 
# 
loop_
_struct_sheet_order.sheet_id 
_struct_sheet_order.range_id_1 
_struct_sheet_order.range_id_2 
_struct_sheet_order.offset 
_struct_sheet_order.sense 
A 1 2 ? anti-parallel 
A 2 3 ? parallel      
A 3 4 ? anti-parallel 
A 4 5 ? anti-parallel 
A 5 6 ? anti-parallel 
A 6 7 ? parallel      
A 7 8 ? anti-parallel 
B 1 2 ? anti-parallel 
B 2 3 ? anti-parallel 
B 3 4 ? anti-parallel 
B 4 5 ? anti-parallel 
B 5 6 ? anti-parallel 
B 6 7 ? anti-parallel 
B 7 8 ? anti-parallel 
# 
loop_
_struct_sheet_range.sheet_id 
_struct_sheet_range.id 
_struct_sheet_range.beg_label_comp_id 
_struct_sheet_range.beg_label_asym_id 
_struct_sheet_range.beg_label_seq_id 
_struct_sheet_range.pdbx_beg_PDB_ins_code 
_struct_sheet_range.end_label_comp_id 
_struct_sheet_range.end_label_asym_id 
_struct_sheet_range.end_label_seq_id 
_struct_sheet_range.pdbx_end_PDB_ins_code 
_struct_sheet_range.beg_auth_comp_id 
_struct_sheet_range.beg_auth_asym_id 
_struct_sheet_range.beg_auth_seq_id 
_struct_sheet_range.end_auth_comp_id 
_struct_sheet_range.end_auth_asym_id 
_struct_sheet_range.end_auth_seq_id 
A 1 SER A 23  ? PRO A 24  ? SER A 23  PRO A 24  
A 2 LEU A 12  ? ASP A 18  ? LEU A 12  ASP A 18  
A 3 ARG A 104 ? SER A 112 ? ARG A 104 SER A 112 
A 4 SER A 115 ? THR A 123 ? SER A 115 THR A 123 
A 5 SER B 115 ? THR B 123 ? SER B 115 THR B 123 
A 6 ARG B 104 ? SER B 112 ? ARG B 104 SER B 112 
A 7 LEU B 12  ? ASP B 18  ? LEU B 12  ASP B 18  
A 8 SER B 23  ? PRO B 24  ? SER B 23  PRO B 24  
B 1 TRP A 41  ? LYS A 48  ? TRP A 41  LYS A 48  
B 2 ALA A 29  ? LYS A 35  ? ALA A 29  LYS A 35  
B 3 GLY A 67  ? ILE A 73  ? GLY A 67  ILE A 73  
B 4 HIS A 88  ? ALA A 97  ? HIS A 88  ALA A 97  
B 5 HIS B 88  ? ALA B 97  ? HIS B 88  ALA B 97  
B 6 GLY B 67  ? ILE B 73  ? GLY B 67  ILE B 73  
B 7 ALA B 29  ? LYS B 35  ? ALA B 29  LYS B 35  
B 8 TRP B 41  ? LYS B 48  ? TRP B 41  LYS B 48  
# 
loop_
_pdbx_struct_sheet_hbond.sheet_id 
_pdbx_struct_sheet_hbond.range_id_1 
_pdbx_struct_sheet_hbond.range_id_2 
_pdbx_struct_sheet_hbond.range_1_label_atom_id 
_pdbx_struct_sheet_hbond.range_1_label_comp_id 
_pdbx_struct_sheet_hbond.range_1_label_asym_id 
_pdbx_struct_sheet_hbond.range_1_label_seq_id 
_pdbx_struct_sheet_hbond.range_1_PDB_ins_code 
_pdbx_struct_sheet_hbond.range_1_auth_atom_id 
_pdbx_struct_sheet_hbond.range_1_auth_comp_id 
_pdbx_struct_sheet_hbond.range_1_auth_asym_id 
_pdbx_struct_sheet_hbond.range_1_auth_seq_id 
_pdbx_struct_sheet_hbond.range_2_label_atom_id 
_pdbx_struct_sheet_hbond.range_2_label_comp_id 
_pdbx_struct_sheet_hbond.range_2_label_asym_id 
_pdbx_struct_sheet_hbond.range_2_label_seq_id 
_pdbx_struct_sheet_hbond.range_2_PDB_ins_code 
_pdbx_struct_sheet_hbond.range_2_auth_atom_id 
_pdbx_struct_sheet_hbond.range_2_auth_comp_id 
_pdbx_struct_sheet_hbond.range_2_auth_asym_id 
_pdbx_struct_sheet_hbond.range_2_auth_seq_id 
A 1 2 O SER A 23  ? O SER A 23  N ASP A 18  ? N ASP A 18  
A 2 3 N MET A 13  ? N MET A 13  O TYR A 105 ? O TYR A 105 
A 3 4 N LEU A 110 ? N LEU A 110 O SER A 117 ? O SER A 117 
A 4 5 N THR A 118 ? N THR A 118 O TYR B 116 ? O TYR B 116 
A 5 6 O VAL B 121 ? O VAL B 121 N THR B 106 ? N THR B 106 
A 6 7 O LEU B 111 ? O LEU B 111 N LEU B 17  ? N LEU B 17  
A 7 8 N ASP B 18  ? N ASP B 18  O SER B 23  ? O SER B 23  
B 1 2 O ALA A 45  ? O ALA A 45  N VAL A 32  ? N VAL A 32  
B 2 3 N HIS A 31  ? N HIS A 31  O GLU A 72  ? O GLU A 72  
B 3 4 N VAL A 71  ? N VAL A 71  O VAL A 93  ? O VAL A 93  
B 4 5 N GLU A 89  ? N GLU A 89  O VAL B 94  ? O VAL B 94  
B 5 6 O ALA B 91  ? O ALA B 91  N ILE B 73  ? N ILE B 73  
B 6 7 O GLU B 72  ? O GLU B 72  N HIS B 31  ? N HIS B 31  
B 7 8 N VAL B 32  ? N VAL B 32  O ALA B 45  ? O ALA B 45  
# 
loop_
_struct_site.id 
_struct_site.pdbx_evidence_code 
_struct_site.pdbx_auth_asym_id 
_struct_site.pdbx_auth_comp_id 
_struct_site.pdbx_auth_seq_id 
_struct_site.pdbx_auth_ins_code 
_struct_site.pdbx_num_residues 
_struct_site.details 
AC1 Software B DNF 128 ? 10 'BINDING SITE FOR RESIDUE DNF B 128' 
AC2 Software A DNF 128 ? 10 'BINDING SITE FOR RESIDUE DNF A 128' 
# 
loop_
_struct_site_gen.id 
_struct_site_gen.site_id 
_struct_site_gen.pdbx_num_res 
_struct_site_gen.label_comp_id 
_struct_site_gen.label_asym_id 
_struct_site_gen.label_seq_id 
_struct_site_gen.pdbx_auth_ins_code 
_struct_site_gen.auth_comp_id 
_struct_site_gen.auth_asym_id 
_struct_site_gen.auth_seq_id 
_struct_site_gen.label_atom_id 
_struct_site_gen.label_alt_id 
_struct_site_gen.symmetry 
_struct_site_gen.details 
1  AC1 10 LEU B 17  ? LEU B 17  . ? 1_555 ? 
2  AC1 10 ALA B 108 ? ALA B 108 . ? 1_555 ? 
3  AC1 10 ALA B 108 ? ALA B 108 . ? 2_665 ? 
4  AC1 10 ALA B 109 ? ALA B 109 . ? 1_555 ? 
5  AC1 10 LEU B 110 ? LEU B 110 . ? 2_665 ? 
6  AC1 10 LEU B 110 ? LEU B 110 . ? 1_555 ? 
7  AC1 10 SER B 117 ? SER B 117 . ? 2_665 ? 
8  AC1 10 SER B 117 ? SER B 117 . ? 1_555 ? 
9  AC1 10 THR B 118 ? THR B 118 . ? 1_555 ? 
10 AC1 10 THR B 119 ? THR B 119 . ? 1_555 ? 
11 AC2 10 LEU A 17  ? LEU A 17  . ? 2_665 ? 
12 AC2 10 ALA A 108 ? ALA A 108 . ? 2_665 ? 
13 AC2 10 ALA A 108 ? ALA A 108 . ? 1_555 ? 
14 AC2 10 ALA A 109 ? ALA A 109 . ? 1_555 ? 
15 AC2 10 LEU A 110 ? LEU A 110 . ? 2_665 ? 
16 AC2 10 LEU A 110 ? LEU A 110 . ? 1_555 ? 
17 AC2 10 SER A 117 ? SER A 117 . ? 1_555 ? 
18 AC2 10 SER A 117 ? SER A 117 . ? 2_665 ? 
19 AC2 10 THR A 118 ? THR A 118 . ? 1_555 ? 
20 AC2 10 THR A 119 ? THR A 119 . ? 1_555 ? 
# 
_atom_sites.entry_id                    2B14 
_atom_sites.fract_transf_matrix[1][1]   -0.00166219 
_atom_sites.fract_transf_matrix[1][2]   -0.01658247 
_atom_sites.fract_transf_matrix[1][3]   0.01657114 
_atom_sites.fract_transf_matrix[2][1]   -0.00202059 
_atom_sites.fract_transf_matrix[2][2]   -0.00816607 
_atom_sites.fract_transf_matrix[2][3]   -0.00837433 
_atom_sites.fract_transf_matrix[3][1]   0.01550369 
_atom_sites.fract_transf_matrix[3][2]   -0.00268036 
_atom_sites.fract_transf_matrix[3][3]   -0.00112708 
_atom_sites.fract_transf_vector[1]      0.524178 
_atom_sites.fract_transf_vector[2]      0.649255 
_atom_sites.fract_transf_vector[3]      0.750870 
# 
loop_
_atom_type.symbol 
C 
N 
O 
S 
# 
loop_
_atom_site.group_PDB 
_atom_site.id 
_atom_site.type_symbol 
_atom_site.label_atom_id 
_atom_site.label_alt_id 
_atom_site.label_comp_id 
_atom_site.label_asym_id 
_atom_site.label_entity_id 
_atom_site.label_seq_id 
_atom_site.pdbx_PDB_ins_code 
_atom_site.Cartn_x 
_atom_site.Cartn_y 
_atom_site.Cartn_z 
_atom_site.occupancy 
_atom_site.B_iso_or_equiv 
_atom_site.pdbx_formal_charge 
_atom_site.auth_seq_id 
_atom_site.auth_comp_id 
_atom_site.auth_asym_id 
_atom_site.auth_atom_id 
_atom_site.pdbx_PDB_model_num 
ATOM   1    N N   . CYS A 1 10  ? -23.097 1.652   6.032   1.00 34.59 ? 10   CYS A N   1 
ATOM   2    C CA  . CYS A 1 10  ? -21.926 1.245   5.209   1.00 33.86 ? 10   CYS A CA  1 
ATOM   3    C C   . CYS A 1 10  ? -20.790 0.684   6.035   1.00 30.86 ? 10   CYS A C   1 
ATOM   4    O O   . CYS A 1 10  ? -20.171 1.388   6.849   1.00 31.06 ? 10   CYS A O   1 
ATOM   5    C CB  . CYS A 1 10  ? -21.475 2.411   4.340   1.00 35.06 ? 10   CYS A CB  1 
ATOM   6    S SG  . CYS A 1 10  ? -22.662 2.633   2.966   1.00 44.58 ? 10   CYS A SG  1 
ATOM   7    N N   . PRO A 1 11  ? -20.520 -0.607  5.842   1.00 27.65 ? 11   PRO A N   1 
ATOM   8    C CA  . PRO A 1 11  ? -19.521 -1.313  6.589   1.00 25.04 ? 11   PRO A CA  1 
ATOM   9    C C   . PRO A 1 11  ? -18.120 -1.074  6.004   1.00 23.18 ? 11   PRO A C   1 
ATOM   10   O O   . PRO A 1 11  ? -17.129 -1.384  6.645   1.00 22.26 ? 11   PRO A O   1 
ATOM   11   C CB  . PRO A 1 11  ? -19.945 -2.756  6.403   1.00 25.32 ? 11   PRO A CB  1 
ATOM   12   C CG  . PRO A 1 11  ? -20.470 -2.790  5.019   1.00 26.46 ? 11   PRO A CG  1 
ATOM   13   C CD  . PRO A 1 11  ? -21.195 -1.479  4.864   1.00 27.60 ? 11   PRO A CD  1 
ATOM   14   N N   . LEU A 1 12  ? -18.019 -0.483  4.815   1.00 20.44 ? 12   LEU A N   1 
ATOM   15   C CA  . LEU A 1 12  ? -16.699 -0.168  4.305   1.00 19.56 ? 12   LEU A CA  1 
ATOM   16   C C   . LEU A 1 12  ? -16.697 1.214   3.709   1.00 20.61 ? 12   LEU A C   1 
ATOM   17   O O   . LEU A 1 12  ? -17.431 1.457   2.743   1.00 20.20 ? 12   LEU A O   1 
ATOM   18   C CB  . LEU A 1 12  ? -16.290 -1.153  3.232   1.00 18.85 ? 12   LEU A CB  1 
ATOM   19   C CG  . LEU A 1 12  ? -15.018 -0.829  2.459   1.00 16.71 ? 12   LEU A CG  1 
ATOM   20   C CD1 . LEU A 1 12  ? -13.772 -0.833  3.354   1.00 17.48 ? 12   LEU A CD1 1 
ATOM   21   C CD2 . LEU A 1 12  ? -14.871 -1.782  1.274   1.00 13.97 ? 12   LEU A CD2 1 
ATOM   22   N N   . MET A 1 13  ? -15.897 2.108   4.294   1.00 19.48 ? 13   MET A N   1 
ATOM   23   C CA  . MET A 1 13  ? -15.826 3.486   3.875   1.00 21.69 ? 13   MET A CA  1 
ATOM   24   C C   . MET A 1 13  ? -14.373 3.817   3.632   1.00 19.43 ? 13   MET A C   1 
ATOM   25   O O   . MET A 1 13  ? -13.503 3.244   4.274   1.00 18.57 ? 13   MET A O   1 
ATOM   26   C CB  . MET A 1 13  ? -16.380 4.388   4.983   1.00 20.97 ? 13   MET A CB  1 
ATOM   27   C CG  . MET A 1 13  ? -17.845 4.111   5.216   1.00 27.45 ? 13   MET A CG  1 
ATOM   28   S SD  . MET A 1 13  ? -18.444 4.770   6.754   1.00 33.38 ? 13   MET A SD  1 
ATOM   29   C CE  . MET A 1 13  ? -19.133 6.292   6.076   1.00 38.42 ? 13   MET A CE  1 
ATOM   30   N N   . VAL A 1 14  ? -14.114 4.739   2.709   1.00 18.08 ? 14   VAL A N   1 
ATOM   31   C CA  . VAL A 1 14  ? -12.744 5.123   2.383   1.00 16.69 ? 14   VAL A CA  1 
ATOM   32   C C   . VAL A 1 14  ? -12.711 6.644   2.413   1.00 17.22 ? 14   VAL A C   1 
ATOM   33   O O   . VAL A 1 14  ? -13.662 7.327   1.956   1.00 18.09 ? 14   VAL A O   1 
ATOM   34   C CB  . VAL A 1 14  ? -12.364 4.603   1.004   1.00 16.60 ? 14   VAL A CB  1 
ATOM   35   C CG1 . VAL A 1 14  ? -11.006 5.168   0.547   1.00 18.26 ? 14   VAL A CG1 1 
ATOM   36   C CG2 . VAL A 1 14  ? -12.345 3.102   0.989   1.00 15.06 ? 14   VAL A CG2 1 
ATOM   37   N N   . LYS A 1 15  ? -11.657 7.210   2.964   1.00 16.51 ? 15   LYS A N   1 
ATOM   38   C CA  . LYS A 1 15  ? -11.551 8.652   2.991   1.00 16.67 ? 15   LYS A CA  1 
ATOM   39   C C   . LYS A 1 15  ? -10.189 9.041   2.504   1.00 15.68 ? 15   LYS A C   1 
ATOM   40   O O   . LYS A 1 15  ? -9.197  8.512   2.977   1.00 15.21 ? 15   LYS A O   1 
ATOM   41   C CB  . LYS A 1 15  ? -11.842 9.212   4.385   1.00 17.61 ? 15   LYS A CB  1 
ATOM   42   C CG  . LYS A 1 15  ? -11.888 10.752  4.463   1.00 22.10 ? 15   LYS A CG  1 
ATOM   43   C CD  . LYS A 1 15  ? -12.319 11.120  5.900   1.00 30.35 ? 15   LYS A CD  1 
ATOM   44   C CE  . LYS A 1 15  ? -13.229 12.311  5.950   1.00 32.61 ? 15   LYS A CE  1 
ATOM   45   N NZ  . LYS A 1 15  ? -12.615 13.447  5.207   1.00 36.43 ? 15   LYS A NZ  1 
ATOM   46   N N   . VAL A 1 16  ? -10.132 9.942   1.520   1.00 14.34 ? 16   VAL A N   1 
ATOM   47   C CA  . VAL A 1 16  ? -8.864  10.239  0.911   1.00 13.34 ? 16   VAL A CA  1 
ATOM   48   C C   . VAL A 1 16  ? -8.570  11.729  1.036   1.00 13.61 ? 16   VAL A C   1 
ATOM   49   O O   . VAL A 1 16  ? -9.415  12.572  0.658   1.00 13.47 ? 16   VAL A O   1 
ATOM   50   C CB  . VAL A 1 16  ? -8.772  9.817   -0.597  1.00 13.05 ? 16   VAL A CB  1 
ATOM   51   C CG1 . VAL A 1 16  ? -7.295  9.843   -1.051  1.00 12.02 ? 16   VAL A CG1 1 
ATOM   52   C CG2 . VAL A 1 16  ? -9.424  8.440   -0.868  1.00 15.28 ? 16   VAL A CG2 1 
ATOM   53   N N   . LEU A 1 17  ? -7.372  12.039  1.539   1.00 13.36 ? 17   LEU A N   1 
ATOM   54   C CA  . LEU A 1 17  ? -6.977  13.416  1.852   1.00 14.26 ? 17   LEU A CA  1 
ATOM   55   C C   . LEU A 1 17  ? -5.759  13.783  1.030   1.00 14.62 ? 17   LEU A C   1 
ATOM   56   O O   . LEU A 1 17  ? -4.901  12.949  0.775   1.00 14.05 ? 17   LEU A O   1 
ATOM   57   C CB  . LEU A 1 17  ? -6.638  13.555  3.334   1.00 13.73 ? 17   LEU A CB  1 
ATOM   58   C CG  . LEU A 1 17  ? -7.802  13.293  4.324   1.00 14.90 ? 17   LEU A CG  1 
ATOM   59   C CD1 . LEU A 1 17  ? -7.392  13.795  5.711   1.00 18.94 ? 17   LEU A CD1 1 
ATOM   60   C CD2 . LEU A 1 17  ? -9.095  13.986  3.949   1.00 14.97 ? 17   LEU A CD2 1 
ATOM   61   N N   . ASP A 1 18  ? -5.713  15.030  0.592   1.00 15.03 ? 18   ASP A N   1 
ATOM   62   C CA  . ASP A 1 18  ? -4.589  15.531  -0.199  1.00 15.03 ? 18   ASP A CA  1 
ATOM   63   C C   . ASP A 1 18  ? -3.689  16.356  0.743   1.00 13.91 ? 18   ASP A C   1 
ATOM   64   O O   . ASP A 1 18  ? -4.130  17.373  1.313   1.00 14.19 ? 18   ASP A O   1 
ATOM   65   C CB  . ASP A 1 18  ? -5.164  16.319  -1.376  1.00 14.88 ? 18   ASP A CB  1 
ATOM   66   C CG  . ASP A 1 18  ? -4.105  17.007  -2.183  1.00 17.47 ? 18   ASP A CG  1 
ATOM   67   O OD1 . ASP A 1 18  ? -3.038  17.338  -1.604  1.00 19.28 ? 18   ASP A OD1 1 
ATOM   68   O OD2 . ASP A 1 18  ? -4.372  17.205  -3.393  1.00 20.72 ? 18   ASP A OD2 1 
ATOM   69   N N   . ALA A 1 19  ? -2.453  15.900  0.974   1.00 13.59 ? 19   ALA A N   1 
ATOM   70   C CA  . ALA A 1 19  ? -1.561  16.593  1.931   1.00 14.73 ? 19   ALA A CA  1 
ATOM   71   C C   . ALA A 1 19  ? -0.822  17.775  1.303   1.00 15.37 ? 19   ALA A C   1 
ATOM   72   O O   . ALA A 1 19  ? -0.105  18.470  2.000   1.00 16.34 ? 19   ALA A O   1 
ATOM   73   C CB  . ALA A 1 19  ? -0.527  15.645  2.528   1.00 14.71 ? 19   ALA A CB  1 
ATOM   74   N N   . VAL A 1 20  ? -0.987  17.972  0.002   1.00 15.03 ? 20   VAL A N   1 
ATOM   75   C CA  . VAL A 1 20  ? -0.369  19.113  -0.689  1.00 15.49 ? 20   VAL A CA  1 
ATOM   76   C C   . VAL A 1 20  ? -1.328  20.278  -0.580  1.00 16.15 ? 20   VAL A C   1 
ATOM   77   O O   . VAL A 1 20  ? -0.946  21.378  -0.173  1.00 16.24 ? 20   VAL A O   1 
ATOM   78   C CB  . VAL A 1 20  ? -0.058  18.773  -2.157  1.00 14.89 ? 20   VAL A CB  1 
ATOM   79   C CG1 . VAL A 1 20  ? 0.318   20.060  -3.047  1.00 17.54 ? 20   VAL A CG1 1 
ATOM   80   C CG2 . VAL A 1 20  ? 1.079   17.768  -2.223  1.00 14.06 ? 20   VAL A CG2 1 
ATOM   81   N N   . ARG A 1 21  ? -2.583  20.005  -0.922  1.00 17.74 ? 21   ARG A N   1 
ATOM   82   C CA  . ARG A 1 21  ? -3.666  21.005  -0.918  1.00 19.58 ? 21   ARG A CA  1 
ATOM   83   C C   . ARG A 1 21  ? -4.371  21.192  0.413   1.00 18.55 ? 21   ARG A C   1 
ATOM   84   O O   . ARG A 1 21  ? -5.102  22.175  0.598   1.00 18.34 ? 21   ARG A O   1 
ATOM   85   C CB  . ARG A 1 21  ? -4.704  20.612  -1.973  1.00 19.46 ? 21   ARG A CB  1 
ATOM   86   C CG  . ARG A 1 21  ? -4.245  20.977  -3.411  1.00 22.92 ? 21   ARG A CG  1 
ATOM   87   C CD  . ARG A 1 21  ? -5.287  20.492  -4.467  1.00 24.48 ? 21   ARG A CD  1 
ATOM   88   N NE  . ARG A 1 21  ? -5.361  21.398  -5.626  1.00 32.95 ? 21   ARG A NE  1 
ATOM   89   N N   . GLY A 1 22  ? -4.212  20.246  1.346   1.00 17.79 ? 22   GLY A N   1 
ATOM   90   C CA  . GLY A 1 22  ? -4.926  20.405  2.639   1.00 16.04 ? 22   GLY A CA  1 
ATOM   91   C C   . GLY A 1 22  ? -6.417  20.338  2.396   1.00 16.67 ? 22   GLY A C   1 
ATOM   92   O O   . GLY A 1 22  ? -7.211  21.172  2.885   1.00 18.49 ? 22   GLY A O   1 
ATOM   93   N N   . SER A 1 23  ? -6.835  19.318  1.673   1.00 17.61 ? 23   SER A N   1 
ATOM   94   C CA  . SER A 1 23  ? -8.225  19.174  1.395   1.00 18.10 ? 23   SER A CA  1 
ATOM   95   C C   . SER A 1 23  ? -8.485  17.709  1.145   1.00 17.35 ? 23   SER A C   1 
ATOM   96   O O   . SER A 1 23  ? -7.559  16.926  0.955   1.00 17.24 ? 23   SER A O   1 
ATOM   97   C CB  . SER A 1 23  ? -8.587  19.980  0.118   1.00 19.52 ? 23   SER A CB  1 
ATOM   98   O OG  . SER A 1 23  ? -8.039  19.311  -0.991  1.00 24.76 ? 23   SER A OG  1 
ATOM   99   N N   . PRO A 1 24  ? -9.768  17.328  1.115   1.00 17.78 ? 24   PRO A N   1 
ATOM   100  C CA  . PRO A 1 24  ? -10.139 15.995  0.681   1.00 16.91 ? 24   PRO A CA  1 
ATOM   101  C C   . PRO A 1 24  ? -9.662  15.756  -0.755  1.00 18.02 ? 24   PRO A C   1 
ATOM   102  O O   . PRO A 1 24  ? -9.671  16.693  -1.574  1.00 17.57 ? 24   PRO A O   1 
ATOM   103  C CB  . PRO A 1 24  ? -11.661 16.026  0.693   1.00 17.97 ? 24   PRO A CB  1 
ATOM   104  C CG  . PRO A 1 24  ? -12.039 17.176  1.464   1.00 18.66 ? 24   PRO A CG  1 
ATOM   105  C CD  . PRO A 1 24  ? -10.927 18.157  1.467   1.00 16.01 ? 24   PRO A CD  1 
ATOM   106  N N   . ALA A 1 25  ? -9.251  14.534  -1.078  1.00 16.49 ? 25   ALA A N   1 
ATOM   107  C CA  . ALA A 1 25  ? -8.861  14.253  -2.463  1.00 17.22 ? 25   ALA A CA  1 
ATOM   108  C C   . ALA A 1 25  ? -10.124 13.888  -3.243  1.00 17.64 ? 25   ALA A C   1 
ATOM   109  O O   . ALA A 1 25  ? -10.776 12.896  -2.955  1.00 15.49 ? 25   ALA A O   1 
ATOM   110  C CB  . ALA A 1 25  ? -7.856  13.130  -2.511  1.00 17.60 ? 25   ALA A CB  1 
ATOM   111  N N   . ILE A 1 26  ? -10.505 14.734  -4.202  1.00 18.15 ? 26   ILE A N   1 
ATOM   112  C CA  . ILE A 1 26  ? -11.818 14.619  -4.847  1.00 19.09 ? 26   ILE A CA  1 
ATOM   113  C C   . ILE A 1 26  ? -11.634 14.009  -6.214  1.00 18.78 ? 26   ILE A C   1 
ATOM   114  O O   . ILE A 1 26  ? -10.592 14.191  -6.833  1.00 17.47 ? 26   ILE A O   1 
ATOM   115  C CB  . ILE A 1 26  ? -12.465 16.023  -5.082  1.00 20.12 ? 26   ILE A CB  1 
ATOM   116  C CG1 . ILE A 1 26  ? -12.543 16.827  -3.795  1.00 21.49 ? 26   ILE A CG1 1 
ATOM   117  C CG2 . ILE A 1 26  ? -13.842 15.871  -5.721  1.00 20.99 ? 26   ILE A CG2 1 
ATOM   118  C CD1 . ILE A 1 26  ? -13.121 18.315  -4.001  1.00 23.09 ? 26   ILE A CD1 1 
ATOM   119  N N   . ASN A 1 27  ? -12.644 13.295  -6.690  1.00 18.74 ? 27   ASN A N   1 
ATOM   120  C CA  . ASN A 1 27  ? -12.584 12.626  -7.989  1.00 20.50 ? 27   ASN A CA  1 
ATOM   121  C C   . ASN A 1 27  ? -11.545 11.514  -8.070  1.00 19.70 ? 27   ASN A C   1 
ATOM   122  O O   . ASN A 1 27  ? -11.027 11.189  -9.142  1.00 20.39 ? 27   ASN A O   1 
ATOM   123  C CB  . ASN A 1 27  ? -12.416 13.649  -9.131  1.00 21.89 ? 27   ASN A CB  1 
ATOM   124  C CG  . ASN A 1 27  ? -13.703 14.435  -9.389  1.00 27.18 ? 27   ASN A CG  1 
ATOM   125  O OD1 . ASN A 1 27  ? -14.795 13.946  -9.114  1.00 34.06 ? 27   ASN A OD1 1 
ATOM   126  N ND2 . ASN A 1 27  ? -13.577 15.670  -9.898  1.00 34.04 ? 27   ASN A ND2 1 
ATOM   127  N N   . VAL A 1 28  ? -11.246 10.897  -6.930  1.00 19.01 ? 28   VAL A N   1 
ATOM   128  C CA  . VAL A 1 28  ? -10.257 9.826   -6.914  1.00 17.45 ? 28   VAL A CA  1 
ATOM   129  C C   . VAL A 1 28  ? -10.960 8.484   -7.126  1.00 16.30 ? 28   VAL A C   1 
ATOM   130  O O   . VAL A 1 28  ? -11.902 8.198   -6.429  1.00 16.64 ? 28   VAL A O   1 
ATOM   131  C CB  . VAL A 1 28  ? -9.517  9.774   -5.569  1.00 17.58 ? 28   VAL A CB  1 
ATOM   132  C CG1 . VAL A 1 28  ? -8.597  8.598   -5.551  1.00 18.26 ? 28   VAL A CG1 1 
ATOM   133  C CG2 . VAL A 1 28  ? -8.731  11.091  -5.348  1.00 16.75 ? 28   VAL A CG2 1 
ATOM   134  N N   . ALA A 1 29  ? -10.494 7.672   -8.060  1.00 15.02 ? 29   ALA A N   1 
ATOM   135  C CA  . ALA A 1 29  ? -11.109 6.371   -8.291  1.00 14.49 ? 29   ALA A CA  1 
ATOM   136  C C   . ALA A 1 29  ? -10.682 5.426   -7.167  1.00 13.56 ? 29   ALA A C   1 
ATOM   137  O O   . ALA A 1 29  ? -9.526  5.398   -6.762  1.00 13.32 ? 29   ALA A O   1 
ATOM   138  C CB  . ALA A 1 29  ? -10.667 5.797   -9.637  1.00 13.42 ? 29   ALA A CB  1 
ATOM   139  N N   . VAL A 1 30  ? -11.629 4.649   -6.681  1.00 14.09 ? 30   VAL A N   1 
ATOM   140  C CA  . VAL A 1 30  ? -11.332 3.662   -5.590  1.00 12.93 ? 30   VAL A CA  1 
ATOM   141  C C   . VAL A 1 30  ? -11.829 2.314   -6.071  1.00 13.41 ? 30   VAL A C   1 
ATOM   142  O O   . VAL A 1 30  ? -13.011 2.187   -6.422  1.00 14.13 ? 30   VAL A O   1 
ATOM   143  C CB  . VAL A 1 30  ? -12.018 4.070   -4.257  1.00 12.91 ? 30   VAL A CB  1 
ATOM   144  C CG1 . VAL A 1 30  ? -11.921 2.930   -3.192  1.00 13.46 ? 30   VAL A CG1 1 
ATOM   145  C CG2 . VAL A 1 30  ? -11.412 5.379   -3.701  1.00 12.92 ? 30   VAL A CG2 1 
ATOM   146  N N   . HIS A 1 31  ? -10.955 1.315   -6.144  1.00 12.88 ? 31   HIS A N   1 
ATOM   147  C CA  . HIS A 1 31  ? -11.399 -0.006  -6.567  1.00 14.23 ? 31   HIS A CA  1 
ATOM   148  C C   . HIS A 1 31  ? -11.157 -0.984  -5.421  1.00 14.31 ? 31   HIS A C   1 
ATOM   149  O O   . HIS A 1 31  ? -10.103 -0.966  -4.800  1.00 15.22 ? 31   HIS A O   1 
ATOM   150  C CB  . HIS A 1 31  ? -10.650 -0.537  -7.776  1.00 13.48 ? 31   HIS A CB  1 
ATOM   151  C CG  . HIS A 1 31  ? -10.837 0.290   -9.027  1.00 18.66 ? 31   HIS A CG  1 
ATOM   152  N ND1 . HIS A 1 31  ? -11.683 -0.083  -10.053 1.00 19.91 ? 31   HIS A ND1 1 
ATOM   153  C CD2 . HIS A 1 31  ? -10.279 1.462   -9.403  1.00 20.51 ? 31   HIS A CD2 1 
ATOM   154  C CE1 . HIS A 1 31  ? -11.629 0.825   -11.019 1.00 24.81 ? 31   HIS A CE1 1 
ATOM   155  N NE2 . HIS A 1 31  ? -10.779 1.773   -10.653 1.00 23.70 ? 31   HIS A NE2 1 
ATOM   156  N N   . VAL A 1 32  ? -12.128 -1.828  -5.180  1.00 13.39 ? 32   VAL A N   1 
ATOM   157  C CA  . VAL A 1 32  ? -12.020 -2.794  -4.083  1.00 13.04 ? 32   VAL A CA  1 
ATOM   158  C C   . VAL A 1 32  ? -12.120 -4.162  -4.732  1.00 13.72 ? 32   VAL A C   1 
ATOM   159  O O   . VAL A 1 32  ? -12.987 -4.394  -5.591  1.00 13.66 ? 32   VAL A O   1 
ATOM   160  C CB  . VAL A 1 32  ? -13.174 -2.620  -3.059  1.00 13.67 ? 32   VAL A CB  1 
ATOM   161  C CG1 . VAL A 1 32  ? -12.991 -3.544  -1.805  1.00 11.45 ? 32   VAL A CG1 1 
ATOM   162  C CG2 . VAL A 1 32  ? -13.284 -1.168  -2.655  1.00 12.51 ? 32   VAL A CG2 1 
ATOM   163  N N   . PHE A 1 33  ? -11.251 -5.067  -4.284  1.00 13.91 ? 33   PHE A N   1 
ATOM   164  C CA  . PHE A 1 33  ? -11.207 -6.433  -4.741  1.00 13.85 ? 33   PHE A CA  1 
ATOM   165  C C   . PHE A 1 33  ? -11.283 -7.362  -3.533  1.00 14.30 ? 33   PHE A C   1 
ATOM   166  O O   . PHE A 1 33  ? -10.932 -6.990  -2.456  1.00 12.86 ? 33   PHE A O   1 
ATOM   167  C CB  . PHE A 1 33  ? -9.859  -6.713  -5.432  1.00 13.88 ? 33   PHE A CB  1 
ATOM   168  C CG  . PHE A 1 33  ? -9.592  -5.803  -6.612  1.00 15.79 ? 33   PHE A CG  1 
ATOM   169  C CD1 . PHE A 1 33  ? -9.056  -4.546  -6.413  1.00 16.63 ? 33   PHE A CD1 1 
ATOM   170  C CD2 . PHE A 1 33  ? -9.983  -6.179  -7.902  1.00 18.35 ? 33   PHE A CD2 1 
ATOM   171  C CE1 . PHE A 1 33  ? -8.839  -3.677  -7.502  1.00 18.46 ? 33   PHE A CE1 1 
ATOM   172  C CE2 . PHE A 1 33  ? -9.795  -5.313  -9.005  1.00 20.85 ? 33   PHE A CE2 1 
ATOM   173  C CZ  . PHE A 1 33  ? -9.198  -4.078  -8.795  1.00 19.15 ? 33   PHE A CZ  1 
ATOM   174  N N   . ARG A 1 34  ? -11.683 -8.588  -3.766  1.00 14.68 ? 34   ARG A N   1 
ATOM   175  C CA  . ARG A 1 34  ? -11.771 -9.561  -2.699  1.00 17.15 ? 34   ARG A CA  1 
ATOM   176  C C   . ARG A 1 34  ? -11.131 -10.799 -3.297  1.00 18.39 ? 34   ARG A C   1 
ATOM   177  O O   . ARG A 1 34  ? -11.374 -11.134 -4.465  1.00 19.42 ? 34   ARG A O   1 
ATOM   178  C CB  . ARG A 1 34  ? -13.225 -9.843  -2.342  1.00 16.47 ? 34   ARG A CB  1 
ATOM   179  C CG  . ARG A 1 34  ? -13.355 -10.925 -1.232  1.00 16.91 ? 34   ARG A CG  1 
ATOM   180  C CD  . ARG A 1 34  ? -14.813 -11.228 -0.945  1.00 19.92 ? 34   ARG A CD  1 
ATOM   181  N NE  . ARG A 1 34  ? -14.901 -12.254 0.100   1.00 20.07 ? 34   ARG A NE  1 
ATOM   182  C CZ  . ARG A 1 34  ? -14.786 -13.548 -0.148  1.00 24.28 ? 34   ARG A CZ  1 
ATOM   183  N NH1 . ARG A 1 34  ? -14.604 -13.980 -1.426  1.00 21.18 ? 34   ARG A NH1 1 
ATOM   184  N NH2 . ARG A 1 34  ? -14.872 -14.407 0.877   1.00 23.13 ? 34   ARG A NH2 1 
ATOM   185  N N   . LYS A 1 35  ? -10.278 -11.431 -2.513  1.00 20.69 ? 35   LYS A N   1 
ATOM   186  C CA  . LYS A 1 35  ? -9.467  -12.536 -2.969  1.00 23.71 ? 35   LYS A CA  1 
ATOM   187  C C   . LYS A 1 35  ? -10.391 -13.730 -3.212  1.00 24.22 ? 35   LYS A C   1 
ATOM   188  O O   . LYS A 1 35  ? -11.135 -14.118 -2.323  1.00 23.95 ? 35   LYS A O   1 
ATOM   189  C CB  . LYS A 1 35  ? -8.429  -12.829 -1.893  1.00 23.41 ? 35   LYS A CB  1 
ATOM   190  C CG  . LYS A 1 35  ? -7.325  -13.765 -2.298  1.00 28.03 ? 35   LYS A CG  1 
ATOM   191  C CD  . LYS A 1 35  ? -6.286  -13.903 -1.161  1.00 29.42 ? 35   LYS A CD  1 
ATOM   192  C CE  . LYS A 1 35  ? -4.990  -13.146 -1.516  1.00 36.17 ? 35   LYS A CE  1 
ATOM   193  N NZ  . LYS A 1 35  ? -3.916  -13.284 -0.449  1.00 38.82 ? 35   LYS A NZ  1 
ATOM   194  N N   . ALA A 1 36  ? -10.388 -14.269 -4.428  1.00 25.58 ? 36   ALA A N   1 
ATOM   195  C CA  . ALA A 1 36  ? -11.242 -15.403 -4.763  1.00 27.74 ? 36   ALA A CA  1 
ATOM   196  C C   . ALA A 1 36  ? -10.662 -16.732 -4.261  1.00 29.03 ? 36   ALA A C   1 
ATOM   197  O O   . ALA A 1 36  ? -9.497  -16.805 -3.863  1.00 29.24 ? 36   ALA A O   1 
ATOM   198  C CB  . ALA A 1 36  ? -11.497 -15.459 -6.259  1.00 27.18 ? 36   ALA A CB  1 
ATOM   199  N N   . ALA A 1 37  ? -11.495 -17.773 -4.281  1.00 31.66 ? 37   ALA A N   1 
ATOM   200  C CA  . ALA A 1 37  ? -11.080 -19.133 -3.903  1.00 33.35 ? 37   ALA A CA  1 
ATOM   201  C C   . ALA A 1 37  ? -9.831  -19.597 -4.663  1.00 34.30 ? 37   ALA A C   1 
ATOM   202  O O   . ALA A 1 37  ? -8.908  -20.161 -4.079  1.00 34.67 ? 37   ALA A O   1 
ATOM   203  C CB  . ALA A 1 37  ? -12.241 -20.120 -4.138  1.00 33.70 ? 37   ALA A CB  1 
ATOM   204  N N   . ASP A 1 38  ? -9.795  -19.338 -5.969  1.00 35.21 ? 38   ASP A N   1 
ATOM   205  C CA  . ASP A 1 38  ? -8.650  -19.737 -6.777  1.00 36.43 ? 38   ASP A CA  1 
ATOM   206  C C   . ASP A 1 38  ? -7.531  -18.726 -6.565  1.00 36.76 ? 38   ASP A C   1 
ATOM   207  O O   . ASP A 1 38  ? -6.597  -18.662 -7.364  1.00 38.12 ? 38   ASP A O   1 
ATOM   208  C CB  . ASP A 1 38  ? -9.027  -19.763 -8.237  1.00 36.35 ? 38   ASP A CB  1 
ATOM   209  C CG  . ASP A 1 38  ? -9.150  -18.372 -8.793  1.00 38.75 ? 38   ASP A CG  1 
ATOM   210  O OD1 . ASP A 1 38  ? -8.720  -17.458 -8.063  1.00 37.78 ? 38   ASP A OD1 1 
ATOM   211  O OD2 . ASP A 1 38  ? -9.674  -18.180 -9.916  1.00 40.49 ? 38   ASP A OD2 1 
ATOM   212  N N   . ASP A 1 39  ? -7.658  -17.910 -5.511  1.00 36.70 ? 39   ASP A N   1 
ATOM   213  C CA  . ASP A 1 39  ? -6.598  -16.999 -5.037  1.00 35.88 ? 39   ASP A CA  1 
ATOM   214  C C   . ASP A 1 39  ? -6.301  -15.806 -5.919  1.00 35.47 ? 39   ASP A C   1 
ATOM   215  O O   . ASP A 1 39  ? -5.277  -15.124 -5.737  1.00 36.21 ? 39   ASP A O   1 
ATOM   216  C CB  . ASP A 1 39  ? -5.298  -17.750 -4.766  1.00 36.04 ? 39   ASP A CB  1 
ATOM   217  C CG  . ASP A 1 39  ? -4.193  -16.838 -4.288  1.00 37.78 ? 39   ASP A CG  1 
ATOM   218  N N   . THR A 1 40  ? -7.186  -15.526 -6.861  1.00 33.90 ? 40   THR A N   1 
ATOM   219  C CA  . THR A 1 40  ? -7.078  -14.298 -7.642  1.00 32.60 ? 40   THR A CA  1 
ATOM   220  C C   . THR A 1 40  ? -7.881  -13.141 -7.009  1.00 31.19 ? 40   THR A C   1 
ATOM   221  O O   . THR A 1 40  ? -8.744  -13.354 -6.153  1.00 30.55 ? 40   THR A O   1 
ATOM   222  C CB  . THR A 1 40  ? -7.550  -14.530 -9.066  1.00 32.78 ? 40   THR A CB  1 
ATOM   223  O OG1 . THR A 1 40  ? -8.942  -14.856 -9.048  1.00 33.31 ? 40   THR A OG1 1 
ATOM   224  C CG2 . THR A 1 40  ? -6.772  -15.689 -9.698  1.00 33.62 ? 40   THR A CG2 1 
ATOM   225  N N   . TRP A 1 41  ? -7.583  -11.918 -7.423  1.00 29.49 ? 41   TRP A N   1 
ATOM   226  C CA  . TRP A 1 41  ? -8.314  -10.760 -6.930  1.00 28.56 ? 41   TRP A CA  1 
ATOM   227  C C   . TRP A 1 41  ? -9.524  -10.591 -7.804  1.00 28.55 ? 41   TRP A C   1 
ATOM   228  O O   . TRP A 1 41  ? -9.381  -10.442 -9.020  1.00 29.63 ? 41   TRP A O   1 
ATOM   229  C CB  . TRP A 1 41  ? -7.444  -9.507  -6.989  1.00 27.70 ? 41   TRP A CB  1 
ATOM   230  C CG  . TRP A 1 41  ? -6.342  -9.465  -5.946  1.00 27.75 ? 41   TRP A CG  1 
ATOM   231  C CD1 . TRP A 1 41  ? -4.991  -9.465  -6.172  1.00 28.10 ? 41   TRP A CD1 1 
ATOM   232  C CD2 . TRP A 1 41  ? -6.511  -9.377  -4.519  1.00 27.45 ? 41   TRP A CD2 1 
ATOM   233  N NE1 . TRP A 1 41  ? -4.310  -9.405  -4.972  1.00 27.65 ? 41   TRP A NE1 1 
ATOM   234  C CE2 . TRP A 1 41  ? -5.218  -9.339  -3.943  1.00 29.26 ? 41   TRP A CE2 1 
ATOM   235  C CE3 . TRP A 1 41  ? -7.630  -9.318  -3.674  1.00 26.06 ? 41   TRP A CE3 1 
ATOM   236  C CZ2 . TRP A 1 41  ? -5.012  -9.265  -2.549  1.00 25.90 ? 41   TRP A CZ2 1 
ATOM   237  C CZ3 . TRP A 1 41  ? -7.419  -9.250  -2.289  1.00 25.79 ? 41   TRP A CZ3 1 
ATOM   238  C CH2 . TRP A 1 41  ? -6.122  -9.222  -1.754  1.00 25.68 ? 41   TRP A CH2 1 
ATOM   239  N N   . GLU A 1 42  ? -10.712 -10.655 -7.208  1.00 27.39 ? 42   GLU A N   1 
ATOM   240  C CA  . GLU A 1 42  ? -11.949 -10.417 -7.920  1.00 26.77 ? 42   GLU A CA  1 
ATOM   241  C C   . GLU A 1 42  ? -12.534 -9.046  -7.626  1.00 25.61 ? 42   GLU A C   1 
ATOM   242  O O   . GLU A 1 42  ? -12.647 -8.665  -6.481  1.00 24.98 ? 42   GLU A O   1 
ATOM   243  C CB  . GLU A 1 42  ? -12.986 -11.442 -7.522  1.00 27.37 ? 42   GLU A CB  1 
ATOM   244  C CG  . GLU A 1 42  ? -12.872 -12.692 -8.292  1.00 34.52 ? 42   GLU A CG  1 
ATOM   245  C CD  . GLU A 1 42  ? -13.850 -13.729 -7.805  1.00 42.18 ? 42   GLU A CD  1 
ATOM   246  O OE1 . GLU A 1 42  ? -14.371 -13.566 -6.667  1.00 44.57 ? 42   GLU A OE1 1 
ATOM   247  O OE2 . GLU A 1 42  ? -14.087 -14.694 -8.571  1.00 44.41 ? 42   GLU A OE2 1 
ATOM   248  N N   . PRO A 1 43  ? -12.926 -8.304  -8.664  1.00 24.86 ? 43   PRO A N   1 
ATOM   249  C CA  . PRO A 1 43  ? -13.619 -7.065  -8.447  1.00 23.84 ? 43   PRO A CA  1 
ATOM   250  C C   . PRO A 1 43  ? -14.723 -7.235  -7.425  1.00 23.55 ? 43   PRO A C   1 
ATOM   251  O O   . PRO A 1 43  ? -15.478 -8.212  -7.481  1.00 24.11 ? 43   PRO A O   1 
ATOM   252  C CB  . PRO A 1 43  ? -14.232 -6.770  -9.818  1.00 24.92 ? 43   PRO A CB  1 
ATOM   253  C CG  . PRO A 1 43  ? -13.214 -7.278  -10.766 1.00 25.58 ? 43   PRO A CG  1 
ATOM   254  C CD  . PRO A 1 43  ? -12.726 -8.575  -10.099 1.00 25.60 ? 43   PRO A CD  1 
ATOM   255  N N   . PHE A 1 44  ? -14.843 -6.278  -6.506  1.00 21.89 ? 44   PHE A N   1 
ATOM   256  C CA  . PHE A 1 44  ? -15.855 -6.335  -5.440  1.00 20.59 ? 44   PHE A CA  1 
ATOM   257  C C   . PHE A 1 44  ? -16.680 -5.061  -5.445  1.00 20.23 ? 44   PHE A C   1 
ATOM   258  O O   . PHE A 1 44  ? -17.899 -5.075  -5.347  1.00 19.44 ? 44   PHE A O   1 
ATOM   259  C CB  . PHE A 1 44  ? -15.178 -6.493  -4.044  1.00 20.19 ? 44   PHE A CB  1 
ATOM   260  C CG  . PHE A 1 44  ? -16.180 -6.540  -2.879  1.00 21.49 ? 44   PHE A CG  1 
ATOM   261  C CD1 . PHE A 1 44  ? -16.960 -7.680  -2.655  1.00 24.64 ? 44   PHE A CD1 1 
ATOM   262  C CD2 . PHE A 1 44  ? -16.345 -5.446  -2.030  1.00 19.46 ? 44   PHE A CD2 1 
ATOM   263  C CE1 . PHE A 1 44  ? -17.892 -7.721  -1.611  1.00 21.72 ? 44   PHE A CE1 1 
ATOM   264  C CE2 . PHE A 1 44  ? -17.277 -5.464  -0.994  1.00 21.60 ? 44   PHE A CE2 1 
ATOM   265  C CZ  . PHE A 1 44  ? -18.054 -6.603  -0.781  1.00 22.60 ? 44   PHE A CZ  1 
ATOM   266  N N   . ALA A 1 45  ? -15.986 -3.937  -5.551  1.00 19.02 ? 45   ALA A N   1 
ATOM   267  C CA  . ALA A 1 45  ? -16.647 -2.639  -5.548  1.00 19.23 ? 45   ALA A CA  1 
ATOM   268  C C   . ALA A 1 45  ? -15.737 -1.559  -6.102  1.00 17.13 ? 45   ALA A C   1 
ATOM   269  O O   . ALA A 1 45  ? -14.537 -1.732  -6.223  1.00 16.50 ? 45   ALA A O   1 
ATOM   270  C CB  . ALA A 1 45  ? -17.140 -2.234  -4.135  1.00 18.21 ? 45   ALA A CB  1 
ATOM   271  N N   . SER A 1 46  ? -16.352 -0.428  -6.404  1.00 17.95 ? 46   SER A N   1 
ATOM   272  C CA  . SER A 1 46  ? -15.612 0.689   -6.967  1.00 17.24 ? 46   SER A CA  1 
ATOM   273  C C   . SER A 1 46  ? -16.444 1.955   -6.896  1.00 17.10 ? 46   SER A C   1 
ATOM   274  O O   . SER A 1 46  ? -17.677 1.930   -6.852  1.00 16.48 ? 46   SER A O   1 
ATOM   275  C CB  . SER A 1 46  ? -15.009 0.378   -8.354  1.00 17.04 ? 46   SER A CB  1 
ATOM   276  O OG  . SER A 1 46  ? -15.925 0.447   -9.442  1.00 16.66 ? 46   SER A OG  1 
ATOM   277  N N   . GLY A 1 47  ? -15.756 3.077   -6.761  1.00 16.89 ? 47   GLY A N   1 
ATOM   278  C CA  . GLY A 1 47  ? -16.462 4.336   -6.722  1.00 16.65 ? 47   GLY A CA  1 
ATOM   279  C C   . GLY A 1 47  ? -15.447 5.435   -6.944  1.00 16.63 ? 47   GLY A C   1 
ATOM   280  O O   . GLY A 1 47  ? -14.291 5.171   -7.278  1.00 15.02 ? 47   GLY A O   1 
ATOM   281  N N   . LYS A 1 48  ? -15.893 6.663   -6.746  1.00 16.84 ? 48   LYS A N   1 
ATOM   282  C CA  . LYS A 1 48  ? -15.020 7.806   -6.845  1.00 18.54 ? 48   LYS A CA  1 
ATOM   283  C C   . LYS A 1 48  ? -15.330 8.780   -5.734  1.00 16.92 ? 48   LYS A C   1 
ATOM   284  O O   . LYS A 1 48  ? -16.443 8.892   -5.272  1.00 16.57 ? 48   LYS A O   1 
ATOM   285  C CB  . LYS A 1 48  ? -15.146 8.450   -8.210  1.00 20.08 ? 48   LYS A CB  1 
ATOM   286  C CG  . LYS A 1 48  ? -16.236 9.387   -8.343  1.00 23.46 ? 48   LYS A CG  1 
ATOM   287  C CD  . LYS A 1 48  ? -15.960 10.252  -9.589  1.00 30.07 ? 48   LYS A CD  1 
ATOM   288  N N   . THR A 1 49  ? -14.300 9.421   -5.224  1.00 16.87 ? 49   THR A N   1 
ATOM   289  C CA  . THR A 1 49  ? -14.490 10.140  -4.005  1.00 16.13 ? 49   THR A CA  1 
ATOM   290  C C   . THR A 1 49  ? -15.293 11.360  -4.354  1.00 18.55 ? 49   THR A C   1 
ATOM   291  O O   . THR A 1 49  ? -15.116 11.947  -5.433  1.00 17.97 ? 49   THR A O   1 
ATOM   292  C CB  . THR A 1 49  ? -13.157 10.551  -3.365  1.00 16.52 ? 49   THR A CB  1 
ATOM   293  O OG1 . THR A 1 49  ? -12.353 11.283  -4.312  1.00 13.45 ? 49   THR A OG1 1 
ATOM   294  C CG2 . THR A 1 49  ? -12.407 9.313   -2.910  1.00 13.49 ? 49   THR A CG2 1 
ATOM   295  N N   . SER A 1 50  ? -16.149 11.776  -3.435  1.00 18.86 ? 50   SER A N   1 
ATOM   296  C CA  . SER A 1 50  ? -16.854 13.033  -3.637  1.00 19.51 ? 50   SER A CA  1 
ATOM   297  C C   . SER A 1 50  ? -16.067 14.193  -2.998  1.00 20.01 ? 50   SER A C   1 
ATOM   298  O O   . SER A 1 50  ? -14.876 14.080  -2.654  1.00 17.83 ? 50   SER A O   1 
ATOM   299  C CB  . SER A 1 50  ? -18.189 12.927  -2.947  1.00 20.18 ? 50   SER A CB  1 
ATOM   300  O OG  . SER A 1 50  ? -17.912 12.692  -1.581  1.00 19.30 ? 50   SER A OG  1 
ATOM   301  N N   . GLU A 1 51  ? -16.744 15.334  -2.843  1.00 21.27 ? 51   GLU A N   1 
ATOM   302  C CA  . GLU A 1 51  ? -16.103 16.515  -2.269  1.00 21.31 ? 51   GLU A CA  1 
ATOM   303  C C   . GLU A 1 51  ? -15.625 16.267  -0.837  1.00 21.08 ? 51   GLU A C   1 
ATOM   304  O O   . GLU A 1 51  ? -14.720 16.940  -0.350  1.00 21.42 ? 51   GLU A O   1 
ATOM   305  C CB  . GLU A 1 51  ? -17.064 17.700  -2.304  1.00 21.50 ? 51   GLU A CB  1 
ATOM   306  C CG  . GLU A 1 51  ? -17.039 18.424  -3.652  1.00 25.12 ? 51   GLU A CG  1 
ATOM   307  N N   . SER A 1 52  ? -16.221 15.303  -0.145  1.00 20.18 ? 52   SER A N   1 
ATOM   308  C CA  . SER A 1 52  ? -15.746 15.027  1.195   1.00 20.40 ? 52   SER A CA  1 
ATOM   309  C C   . SER A 1 52  ? -14.522 14.115  1.170   1.00 19.77 ? 52   SER A C   1 
ATOM   310  O O   . SER A 1 52  ? -13.983 13.767  2.221   1.00 20.36 ? 52   SER A O   1 
ATOM   311  C CB  . SER A 1 52  ? -16.845 14.391  2.043   1.00 19.43 ? 52   SER A CB  1 
ATOM   312  O OG  . SER A 1 52  ? -17.169 13.085  1.576   1.00 23.07 ? 52   SER A OG  1 
ATOM   313  N N   . GLY A 1 53  ? -14.111 13.683  -0.020  1.00 19.37 ? 53   GLY A N   1 
ATOM   314  C CA  . GLY A 1 53  ? -12.979 12.755  -0.142  1.00 18.86 ? 53   GLY A CA  1 
ATOM   315  C C   . GLY A 1 53  ? -13.343 11.282  0.064   1.00 19.80 ? 53   GLY A C   1 
ATOM   316  O O   . GLY A 1 53  ? -12.474 10.446  0.242   1.00 19.06 ? 53   GLY A O   1 
ATOM   317  N N   . GLU A 1 54  ? -14.625 10.943  0.003   1.00 20.20 ? 54   GLU A N   1 
ATOM   318  C CA  . GLU A 1 54  ? -15.021 9.550   0.155   1.00 21.23 ? 54   GLU A CA  1 
ATOM   319  C C   . GLU A 1 54  ? -15.994 9.104   -0.936  1.00 22.27 ? 54   GLU A C   1 
ATOM   320  O O   . GLU A 1 54  ? -16.857 9.865   -1.371  1.00 20.83 ? 54   GLU A O   1 
ATOM   321  C CB  . GLU A 1 54  ? -15.632 9.336   1.545   1.00 22.50 ? 54   GLU A CB  1 
ATOM   322  C CG  . GLU A 1 54  ? -16.783 10.249  1.818   1.00 28.02 ? 54   GLU A CG  1 
ATOM   323  C CD  . GLU A 1 54  ? -16.901 10.638  3.279   1.00 34.84 ? 54   GLU A CD  1 
ATOM   324  O OE1 . GLU A 1 54  ? -16.607 9.796   4.160   1.00 38.71 ? 54   GLU A OE1 1 
ATOM   325  O OE2 . GLU A 1 54  ? -17.311 11.790  3.545   1.00 36.11 ? 54   GLU A OE2 1 
ATOM   326  N N   . PRO A 1 55  ? -15.877 7.845   -1.357  1.00 23.53 ? 55   PRO A N   1 
ATOM   327  C CA  . PRO A 1 55  ? -16.838 7.326   -2.297  1.00 25.39 ? 55   PRO A CA  1 
ATOM   328  C C   . PRO A 1 55  ? -18.032 6.956   -1.445  1.00 27.46 ? 55   PRO A C   1 
ATOM   329  O O   . PRO A 1 55  ? -17.935 6.924   -0.213  1.00 28.01 ? 55   PRO A O   1 
ATOM   330  C CB  . PRO A 1 55  ? -16.133 6.083   -2.882  1.00 25.04 ? 55   PRO A CB  1 
ATOM   331  C CG  . PRO A 1 55  ? -15.024 5.761   -1.982  1.00 23.44 ? 55   PRO A CG  1 
ATOM   332  C CD  . PRO A 1 55  ? -14.924 6.812   -0.911  1.00 22.90 ? 55   PRO A CD  1 
ATOM   333  N N   . HIS A 1 56  ? -19.177 6.723   -2.055  1.00 30.09 ? 56   HIS A N   1 
ATOM   334  C CA  . HIS A 1 56  ? -20.357 6.464   -1.234  1.00 32.00 ? 56   HIS A CA  1 
ATOM   335  C C   . HIS A 1 56  ? -20.976 5.120   -1.585  1.00 31.53 ? 56   HIS A C   1 
ATOM   336  O O   . HIS A 1 56  ? -20.824 4.620   -2.705  1.00 31.87 ? 56   HIS A O   1 
ATOM   337  C CB  . HIS A 1 56  ? -21.363 7.622   -1.325  1.00 33.26 ? 56   HIS A CB  1 
ATOM   338  C CG  . HIS A 1 56  ? -20.818 8.929   -0.809  1.00 36.90 ? 56   HIS A CG  1 
ATOM   339  N ND1 . HIS A 1 56  ? -21.004 9.357   0.491   1.00 39.58 ? 56   HIS A ND1 1 
ATOM   340  C CD2 . HIS A 1 56  ? -20.053 9.876   -1.409  1.00 37.76 ? 56   HIS A CD2 1 
ATOM   341  C CE1 . HIS A 1 56  ? -20.395 10.519  0.662   1.00 40.38 ? 56   HIS A CE1 1 
ATOM   342  N NE2 . HIS A 1 56  ? -19.814 10.858  -0.475  1.00 40.26 ? 56   HIS A NE2 1 
ATOM   343  N N   . GLY A 1 57  ? -21.594 4.494   -0.592  1.00 30.63 ? 57   GLY A N   1 
ATOM   344  C CA  . GLY A 1 57  ? -22.252 3.233   -0.825  1.00 29.89 ? 57   GLY A CA  1 
ATOM   345  C C   . GLY A 1 57  ? -21.409 2.209   -1.556  1.00 29.18 ? 57   GLY A C   1 
ATOM   346  O O   . GLY A 1 57  ? -21.900 1.520   -2.465  1.00 29.00 ? 57   GLY A O   1 
ATOM   347  N N   . LEU A 1 58  ? -20.148 2.082   -1.153  1.00 27.98 ? 58   LEU A N   1 
ATOM   348  C CA  . LEU A 1 58  ? -19.278 1.042   -1.723  1.00 26.57 ? 58   LEU A CA  1 
ATOM   349  C C   . LEU A 1 58  ? -19.877 -0.360  -1.659  1.00 26.97 ? 58   LEU A C   1 
ATOM   350  O O   . LEU A 1 58  ? -19.814 -1.102  -2.646  1.00 27.95 ? 58   LEU A O   1 
ATOM   351  C CB  . LEU A 1 58  ? -17.926 1.020   -1.024  1.00 25.48 ? 58   LEU A CB  1 
ATOM   352  C CG  . LEU A 1 58  ? -16.894 1.993   -1.554  1.00 22.84 ? 58   LEU A CG  1 
ATOM   353  C CD1 . LEU A 1 58  ? -15.659 1.897   -0.741  1.00 20.10 ? 58   LEU A CD1 1 
ATOM   354  C CD2 . LEU A 1 58  ? -16.549 1.695   -3.037  1.00 21.67 ? 58   LEU A CD2 1 
ATOM   355  N N   . THR A 1 59  ? -20.407 -0.737  -0.498  1.00 26.03 ? 59   THR A N   1 
ATOM   356  C CA  . THR A 1 59  ? -20.923 -2.102  -0.297  1.00 26.03 ? 59   THR A CA  1 
ATOM   357  C C   . THR A 1 59  ? -22.046 -2.133  0.739   1.00 26.74 ? 59   THR A C   1 
ATOM   358  O O   . THR A 1 59  ? -22.438 -1.090  1.272   1.00 26.06 ? 59   THR A O   1 
ATOM   359  C CB  . THR A 1 59  ? -19.796 -3.090  0.113   1.00 26.30 ? 59   THR A CB  1 
ATOM   360  O OG1 . THR A 1 59  ? -20.257 -4.439  -0.036  1.00 25.63 ? 59   THR A OG1 1 
ATOM   361  C CG2 . THR A 1 59  ? -19.315 -2.862  1.554   1.00 24.90 ? 59   THR A CG2 1 
ATOM   362  N N   . THR A 1 60  ? -22.581 -3.326  1.021   1.00 26.76 ? 60   THR A N   1 
ATOM   363  C CA  . THR A 1 60  ? -23.657 -3.465  1.988   1.00 26.58 ? 60   THR A CA  1 
ATOM   364  C C   . THR A 1 60  ? -23.199 -4.474  3.031   1.00 26.81 ? 60   THR A C   1 
ATOM   365  O O   . THR A 1 60  ? -22.252 -5.236  2.791   1.00 25.56 ? 60   THR A O   1 
ATOM   366  C CB  . THR A 1 60  ? -24.936 -4.033  1.342   1.00 27.41 ? 60   THR A CB  1 
ATOM   367  O OG1 . THR A 1 60  ? -24.715 -5.402  0.968   1.00 28.65 ? 60   THR A OG1 1 
ATOM   368  C CG2 . THR A 1 60  ? -25.346 -3.234  0.087   1.00 29.24 ? 60   THR A CG2 1 
ATOM   369  N N   . GLU A 1 61  ? -23.870 -4.491  4.174   1.00 26.45 ? 61   GLU A N   1 
ATOM   370  C CA  . GLU A 1 61  ? -23.538 -5.484  5.179   1.00 27.88 ? 61   GLU A CA  1 
ATOM   371  C C   . GLU A 1 61  ? -23.688 -6.892  4.628   1.00 27.57 ? 61   GLU A C   1 
ATOM   372  O O   . GLU A 1 61  ? -22.904 -7.759  4.964   1.00 28.98 ? 61   GLU A O   1 
ATOM   373  C CB  . GLU A 1 61  ? -24.388 -5.311  6.433   1.00 28.29 ? 61   GLU A CB  1 
ATOM   374  C CG  . GLU A 1 61  ? -24.197 -3.947  7.110   1.00 30.74 ? 61   GLU A CG  1 
ATOM   375  N N   . GLU A 1 62  ? -24.683 -7.136  3.775   1.00 26.65 ? 62   GLU A N   1 
ATOM   376  C CA  . GLU A 1 62  ? -24.906 -8.505  3.305   1.00 25.72 ? 62   GLU A CA  1 
ATOM   377  C C   . GLU A 1 62  ? -23.762 -8.992  2.396   1.00 25.20 ? 62   GLU A C   1 
ATOM   378  O O   . GLU A 1 62  ? -23.339 -10.148 2.450   1.00 24.21 ? 62   GLU A O   1 
ATOM   379  C CB  . GLU A 1 62  ? -26.256 -8.613  2.567   1.00 26.02 ? 62   GLU A CB  1 
ATOM   380  N N   . GLU A 1 63  ? -23.293 -8.100  1.533   1.00 22.79 ? 63   GLU A N   1 
ATOM   381  C CA  . GLU A 1 63  ? -22.289 -8.438  0.548   1.00 23.40 ? 63   GLU A CA  1 
ATOM   382  C C   . GLU A 1 63  ? -20.869 -8.520  1.132   1.00 20.31 ? 63   GLU A C   1 
ATOM   383  O O   . GLU A 1 63  ? -20.001 -9.236  0.619   1.00 20.60 ? 63   GLU A O   1 
ATOM   384  C CB  . GLU A 1 63  ? -22.383 -7.386  -0.580  1.00 23.20 ? 63   GLU A CB  1 
ATOM   385  C CG  . GLU A 1 63  ? -21.204 -7.265  -1.483  1.00 29.34 ? 63   GLU A CG  1 
ATOM   386  C CD  . GLU A 1 63  ? -21.442 -6.224  -2.616  1.00 31.16 ? 63   GLU A CD  1 
ATOM   387  O OE1 . GLU A 1 63  ? -22.486 -6.341  -3.332  1.00 37.29 ? 63   GLU A OE1 1 
ATOM   388  O OE2 . GLU A 1 63  ? -20.605 -5.296  -2.782  1.00 35.35 ? 63   GLU A OE2 1 
ATOM   389  N N   . PHE A 1 64  ? -20.647 -7.798  2.212   1.00 18.77 ? 64   PHE A N   1 
ATOM   390  C CA  . PHE A 1 64  ? -19.308 -7.579  2.721   1.00 17.81 ? 64   PHE A CA  1 
ATOM   391  C C   . PHE A 1 64  ? -19.057 -8.679  3.715   1.00 17.94 ? 64   PHE A C   1 
ATOM   392  O O   . PHE A 1 64  ? -19.081 -8.457  4.919   1.00 17.55 ? 64   PHE A O   1 
ATOM   393  C CB  . PHE A 1 64  ? -19.215 -6.207  3.398   1.00 17.19 ? 64   PHE A CB  1 
ATOM   394  C CG  . PHE A 1 64  ? -17.808 -5.815  3.808   1.00 17.95 ? 64   PHE A CG  1 
ATOM   395  C CD1 . PHE A 1 64  ? -16.735 -5.930  2.912   1.00 15.35 ? 64   PHE A CD1 1 
ATOM   396  C CD2 . PHE A 1 64  ? -17.571 -5.257  5.043   1.00 17.03 ? 64   PHE A CD2 1 
ATOM   397  C CE1 . PHE A 1 64  ? -15.415 -5.566  3.272   1.00 16.16 ? 64   PHE A CE1 1 
ATOM   398  C CE2 . PHE A 1 64  ? -16.239 -4.857  5.410   1.00 17.02 ? 64   PHE A CE2 1 
ATOM   399  C CZ  . PHE A 1 64  ? -15.161 -5.046  4.525   1.00 14.49 ? 64   PHE A CZ  1 
ATOM   400  N N   . VAL A 1 65  ? -18.817 -9.874  3.205   1.00 17.83 ? 65   VAL A N   1 
ATOM   401  C CA  . VAL A 1 65  ? -18.628 -11.033 4.080   1.00 17.49 ? 65   VAL A CA  1 
ATOM   402  C C   . VAL A 1 65  ? -17.145 -11.136 4.407   1.00 17.88 ? 65   VAL A C   1 
ATOM   403  O O   . VAL A 1 65  ? -16.316 -10.327 3.945   1.00 17.14 ? 65   VAL A O   1 
ATOM   404  C CB  . VAL A 1 65  ? -19.045 -12.320 3.314   1.00 16.92 ? 65   VAL A CB  1 
ATOM   405  C CG1 . VAL A 1 65  ? -20.510 -12.279 2.992   1.00 16.58 ? 65   VAL A CG1 1 
ATOM   406  C CG2 . VAL A 1 65  ? -18.234 -12.436 2.036   1.00 17.27 ? 65   VAL A CG2 1 
ATOM   407  N N   . GLU A 1 66  ? -16.811 -12.149 5.196   1.00 17.00 ? 66   GLU A N   1 
ATOM   408  C CA  . GLU A 1 66  ? -15.445 -12.440 5.528   1.00 18.16 ? 66   GLU A CA  1 
ATOM   409  C C   . GLU A 1 66  ? -14.632 -12.623 4.245   1.00 17.56 ? 66   GLU A C   1 
ATOM   410  O O   . GLU A 1 66  ? -15.100 -13.205 3.253   1.00 17.57 ? 66   GLU A O   1 
ATOM   411  C CB  . GLU A 1 66  ? -15.436 -13.747 6.330   1.00 19.04 ? 66   GLU A CB  1 
ATOM   412  C CG  . GLU A 1 66  ? -14.639 -13.744 7.518   1.00 25.64 ? 66   GLU A CG  1 
ATOM   413  C CD  . GLU A 1 66  ? -14.667 -15.097 8.207   1.00 30.38 ? 66   GLU A CD  1 
ATOM   414  O OE1 . GLU A 1 66  ? -15.766 -15.631 8.491   1.00 32.57 ? 66   GLU A OE1 1 
ATOM   415  O OE2 . GLU A 1 66  ? -13.581 -15.653 8.430   1.00 35.73 ? 66   GLU A OE2 1 
ATOM   416  N N   . GLY A 1 67  ? -13.376 -12.178 4.276   1.00 16.50 ? 67   GLY A N   1 
ATOM   417  C CA  . GLY A 1 67  ? -12.504 -12.393 3.137   1.00 16.71 ? 67   GLY A CA  1 
ATOM   418  C C   . GLY A 1 67  ? -11.258 -11.556 3.267   1.00 15.75 ? 67   GLY A C   1 
ATOM   419  O O   . GLY A 1 67  ? -11.084 -10.868 4.256   1.00 16.45 ? 67   GLY A O   1 
ATOM   420  N N   . ILE A 1 68  ? -10.394 -11.605 2.261   1.00 15.00 ? 68   ILE A N   1 
ATOM   421  C CA  . ILE A 1 68  ? -9.253  -10.752 2.271   1.00 14.31 ? 68   ILE A CA  1 
ATOM   422  C C   . ILE A 1 68  ? -9.553  -9.727  1.191   1.00 15.08 ? 68   ILE A C   1 
ATOM   423  O O   . ILE A 1 68  ? -9.891  -10.099 0.046   1.00 13.94 ? 68   ILE A O   1 
ATOM   424  C CB  . ILE A 1 68  ? -7.970  -11.504 1.949   1.00 15.07 ? 68   ILE A CB  1 
ATOM   425  C CG1 . ILE A 1 68  ? -7.653  -12.545 3.082   1.00 15.44 ? 68   ILE A CG1 1 
ATOM   426  C CG2 . ILE A 1 68  ? -6.814  -10.510 1.819   1.00 15.07 ? 68   ILE A CG2 1 
ATOM   427  C CD1 . ILE A 1 68  ? -6.428  -13.388 2.782   1.00 17.12 ? 68   ILE A CD1 1 
ATOM   428  N N   . TYR A 1 69  ? -9.481  -8.447  1.566   1.00 14.47 ? 69   TYR A N   1 
ATOM   429  C CA  . TYR A 1 69  ? -9.878  -7.381  0.604   1.00 14.24 ? 69   TYR A CA  1 
ATOM   430  C C   . TYR A 1 69  ? -8.703  -6.535  0.236   1.00 14.36 ? 69   TYR A C   1 
ATOM   431  O O   . TYR A 1 69  ? -7.757  -6.440  0.978   1.00 14.19 ? 69   TYR A O   1 
ATOM   432  C CB  . TYR A 1 69  ? -10.976 -6.492  1.225   1.00 13.41 ? 69   TYR A CB  1 
ATOM   433  C CG  . TYR A 1 69  ? -12.282 -7.212  1.360   1.00 14.37 ? 69   TYR A CG  1 
ATOM   434  C CD1 . TYR A 1 69  ? -12.493 -8.139  2.401   1.00 12.49 ? 69   TYR A CD1 1 
ATOM   435  C CD2 . TYR A 1 69  ? -13.280 -7.064  0.393   1.00 16.30 ? 69   TYR A CD2 1 
ATOM   436  C CE1 . TYR A 1 69  ? -13.686 -8.826  2.493   1.00 12.92 ? 69   TYR A CE1 1 
ATOM   437  C CE2 . TYR A 1 69  ? -14.484 -7.746  0.496   1.00 15.06 ? 69   TYR A CE2 1 
ATOM   438  C CZ  . TYR A 1 69  ? -14.671 -8.621  1.572   1.00 14.72 ? 69   TYR A CZ  1 
ATOM   439  O OH  . TYR A 1 69  ? -15.864 -9.304  1.645   1.00 15.64 ? 69   TYR A OH  1 
ATOM   440  N N   . LYS A 1 70  ? -8.781  -5.863  -0.904  1.00 16.08 ? 70   LYS A N   1 
ATOM   441  C CA  . LYS A 1 70  ? -7.730  -4.962  -1.299  1.00 16.96 ? 70   LYS A CA  1 
ATOM   442  C C   . LYS A 1 70  ? -8.424  -3.708  -1.786  1.00 16.69 ? 70   LYS A C   1 
ATOM   443  O O   . LYS A 1 70  ? -9.299  -3.800  -2.667  1.00 16.06 ? 70   LYS A O   1 
ATOM   444  C CB  . LYS A 1 70  ? -6.928  -5.565  -2.459  1.00 18.00 ? 70   LYS A CB  1 
ATOM   445  C CG  . LYS A 1 70  ? -6.086  -4.505  -3.229  1.00 19.93 ? 70   LYS A CG  1 
ATOM   446  C CD  . LYS A 1 70  ? -5.174  -5.071  -4.271  1.00 22.57 ? 70   LYS A CD  1 
ATOM   447  C CE  . LYS A 1 70  ? -4.073  -5.928  -3.622  1.00 30.96 ? 70   LYS A CE  1 
ATOM   448  N NZ  . LYS A 1 70  ? -2.872  -6.146  -4.535  1.00 36.05 ? 70   LYS A NZ  1 
ATOM   449  N N   . VAL A 1 71  ? -8.066  -2.561  -1.199  1.00 15.51 ? 71   VAL A N   1 
ATOM   450  C CA  . VAL A 1 71  ? -8.625  -1.284  -1.592  1.00 16.28 ? 71   VAL A CA  1 
ATOM   451  C C   . VAL A 1 71  ? -7.544  -0.571  -2.367  1.00 17.05 ? 71   VAL A C   1 
ATOM   452  O O   . VAL A 1 71  ? -6.445  -0.345  -1.848  1.00 17.90 ? 71   VAL A O   1 
ATOM   453  C CB  . VAL A 1 71  ? -9.042  -0.393  -0.402  1.00 16.47 ? 71   VAL A CB  1 
ATOM   454  C CG1 . VAL A 1 71  ? -9.486  1.004   -0.923  1.00 15.60 ? 71   VAL A CG1 1 
ATOM   455  C CG2 . VAL A 1 71  ? -10.153 -1.041  0.368   1.00 16.97 ? 71   VAL A CG2 1 
ATOM   456  N N   . GLU A 1 72  ? -7.803  -0.298  -3.637  1.00 16.76 ? 72   GLU A N   1 
ATOM   457  C CA  . GLU A 1 72  ? -6.772  0.316   -4.451  1.00 18.47 ? 72   GLU A CA  1 
ATOM   458  C C   . GLU A 1 72  ? -7.268  1.713   -4.834  1.00 17.88 ? 72   GLU A C   1 
ATOM   459  O O   . GLU A 1 72  ? -8.331  1.875   -5.440  1.00 17.26 ? 72   GLU A O   1 
ATOM   460  C CB  . GLU A 1 72  ? -6.443  -0.568  -5.657  1.00 18.77 ? 72   GLU A CB  1 
ATOM   461  C CG  . GLU A 1 72  ? -5.815  0.171   -6.842  1.00 24.00 ? 72   GLU A CG  1 
ATOM   462  C CD  . GLU A 1 72  ? -5.885  -0.655  -8.142  1.00 26.34 ? 72   GLU A CD  1 
ATOM   463  O OE1 . GLU A 1 72  ? -5.464  -1.849  -8.133  1.00 28.71 ? 72   GLU A OE1 1 
ATOM   464  O OE2 . GLU A 1 72  ? -6.366  -0.095  -9.169  1.00 35.39 ? 72   GLU A OE2 1 
ATOM   465  N N   . ILE A 1 73  ? -6.513  2.711   -4.404  1.00 16.20 ? 73   ILE A N   1 
ATOM   466  C CA  . ILE A 1 73  ? -6.890  4.078   -4.586  1.00 16.65 ? 73   ILE A CA  1 
ATOM   467  C C   . ILE A 1 73  ? -6.008  4.619   -5.716  1.00 17.08 ? 73   ILE A C   1 
ATOM   468  O O   . ILE A 1 73  ? -4.799  4.596   -5.651  1.00 16.30 ? 73   ILE A O   1 
ATOM   469  C CB  . ILE A 1 73  ? -6.593  4.857   -3.318  1.00 17.30 ? 73   ILE A CB  1 
ATOM   470  C CG1 . ILE A 1 73  ? -7.351  4.250   -2.136  1.00 17.08 ? 73   ILE A CG1 1 
ATOM   471  C CG2 . ILE A 1 73  ? -6.821  6.357   -3.522  1.00 15.79 ? 73   ILE A CG2 1 
ATOM   472  C CD1 . ILE A 1 73  ? -7.042  4.911   -0.819  1.00 17.49 ? 73   ILE A CD1 1 
ATOM   473  N N   . ASP A 1 74  ? -6.636  5.094   -6.760  1.00 18.24 ? 74   ASP A N   1 
ATOM   474  C CA  . ASP A 1 74  ? -5.891  5.491   -7.936  1.00 19.09 ? 74   ASP A CA  1 
ATOM   475  C C   . ASP A 1 74  ? -5.213  6.860   -7.786  1.00 17.82 ? 74   ASP A C   1 
ATOM   476  O O   . ASP A 1 74  ? -5.646  7.893   -8.356  1.00 18.03 ? 74   ASP A O   1 
ATOM   477  C CB  . ASP A 1 74  ? -6.756  5.328   -9.178  1.00 19.27 ? 74   ASP A CB  1 
ATOM   478  C CG  . ASP A 1 74  ? -7.072  3.830   -9.477  1.00 27.81 ? 74   ASP A CG  1 
ATOM   479  O OD1 . ASP A 1 74  ? -6.185  2.951   -9.242  1.00 31.61 ? 74   ASP A OD1 1 
ATOM   480  O OD2 . ASP A 1 74  ? -8.212  3.514   -9.939  1.00 34.62 ? 74   ASP A OD2 1 
ATOM   481  N N   . THR A 1 75  ? -4.112  6.848   -7.025  1.00 17.64 ? 75   THR A N   1 
ATOM   482  C CA  . THR A 1 75  ? -3.432  8.086   -6.684  1.00 17.91 ? 75   THR A CA  1 
ATOM   483  C C   . THR A 1 75  ? -2.706  8.683   -7.892  1.00 19.39 ? 75   THR A C   1 
ATOM   484  O O   . THR A 1 75  ? -2.536  9.900   -7.976  1.00 19.16 ? 75   THR A O   1 
ATOM   485  C CB  . THR A 1 75  ? -2.388  7.877   -5.585  1.00 17.95 ? 75   THR A CB  1 
ATOM   486  O OG1 . THR A 1 75  ? -1.446  6.897   -6.025  1.00 15.58 ? 75   THR A OG1 1 
ATOM   487  C CG2 . THR A 1 75  ? -3.042  7.398   -4.297  1.00 15.75 ? 75   THR A CG2 1 
ATOM   488  N N   . LYS A 1 76  ? -2.268  7.839   -8.814  1.00 20.42 ? 76   LYS A N   1 
ATOM   489  C CA  . LYS A 1 76  ? -1.506  8.353   -9.955  1.00 22.65 ? 76   LYS A CA  1 
ATOM   490  C C   . LYS A 1 76  ? -2.353  9.256   -10.873 1.00 23.45 ? 76   LYS A C   1 
ATOM   491  O O   . LYS A 1 76  ? -1.895  10.331  -11.299 1.00 24.37 ? 76   LYS A O   1 
ATOM   492  C CB  . LYS A 1 76  ? -0.923  7.207   -10.780 1.00 23.53 ? 76   LYS A CB  1 
ATOM   493  C CG  . LYS A 1 76  ? 0.176   7.654   -11.755 1.00 24.98 ? 76   LYS A CG  1 
ATOM   494  C CD  . LYS A 1 76  ? 0.449   6.565   -12.774 1.00 29.56 ? 76   LYS A CD  1 
ATOM   495  C CE  . LYS A 1 76  ? 1.845   6.757   -13.372 1.00 34.97 ? 76   LYS A CE  1 
ATOM   496  N NZ  . LYS A 1 76  ? 2.140   5.621   -14.308 1.00 38.54 ? 76   LYS A NZ  1 
ATOM   497  N N   . SER A 1 77  ? -3.562  8.817   -11.194 1.00 23.36 ? 77   SER A N   1 
ATOM   498  C CA  . SER A 1 77  ? -4.437  9.580   -12.074 1.00 23.54 ? 77   SER A CA  1 
ATOM   499  C C   . SER A 1 77  ? -4.831  10.858  -11.384 1.00 23.37 ? 77   SER A C   1 
ATOM   500  O O   . SER A 1 77  ? -5.003  11.908  -12.013 1.00 22.47 ? 77   SER A O   1 
ATOM   501  C CB  . SER A 1 77  ? -5.702  8.782   -12.367 1.00 24.67 ? 77   SER A CB  1 
ATOM   502  O OG  . SER A 1 77  ? -5.395  7.546   -13.020 1.00 26.30 ? 77   SER A OG  1 
ATOM   503  N N   . TYR A 1 78  ? -4.964  10.779  -10.063 1.00 22.18 ? 78   TYR A N   1 
ATOM   504  C CA  . TYR A 1 78  ? -5.264  11.974  -9.263  1.00 20.72 ? 78   TYR A CA  1 
ATOM   505  C C   . TYR A 1 78  ? -4.162  13.032  -9.360  1.00 21.33 ? 78   TYR A C   1 
ATOM   506  O O   . TYR A 1 78  ? -4.443  14.209  -9.727  1.00 22.31 ? 78   TYR A O   1 
ATOM   507  C CB  . TYR A 1 78  ? -5.492  11.581  -7.797  1.00 18.76 ? 78   TYR A CB  1 
ATOM   508  C CG  . TYR A 1 78  ? -5.720  12.755  -6.906  1.00 15.53 ? 78   TYR A CG  1 
ATOM   509  C CD1 . TYR A 1 78  ? -6.959  13.398  -6.889  1.00 17.27 ? 78   TYR A CD1 1 
ATOM   510  C CD2 . TYR A 1 78  ? -4.711  13.242  -6.096  1.00 9.73  ? 78   TYR A CD2 1 
ATOM   511  C CE1 . TYR A 1 78  ? -7.205  14.489  -6.098  1.00 15.11 ? 78   TYR A CE1 1 
ATOM   512  C CE2 . TYR A 1 78  ? -4.936  14.318  -5.286  1.00 14.21 ? 78   TYR A CE2 1 
ATOM   513  C CZ  . TYR A 1 78  ? -6.180  14.948  -5.299  1.00 16.05 ? 78   TYR A CZ  1 
ATOM   514  O OH  . TYR A 1 78  ? -6.415  16.028  -4.501  1.00 16.51 ? 78   TYR A OH  1 
ATOM   515  N N   . TRP A 1 79  ? -2.928  12.647  -9.030  1.00 20.71 ? 79   TRP A N   1 
ATOM   516  C CA  . TRP A 1 79  ? -1.809  13.604  -9.038  1.00 22.78 ? 79   TRP A CA  1 
ATOM   517  C C   . TRP A 1 79  ? -1.582  14.176  -10.423 1.00 24.53 ? 79   TRP A C   1 
ATOM   518  O O   . TRP A 1 79  ? -1.244  15.360  -10.552 1.00 24.24 ? 79   TRP A O   1 
ATOM   519  C CB  . TRP A 1 79  ? -0.502  13.031  -8.496  1.00 20.82 ? 79   TRP A CB  1 
ATOM   520  C CG  . TRP A 1 79  ? -0.568  12.796  -7.029  1.00 20.92 ? 79   TRP A CG  1 
ATOM   521  C CD1 . TRP A 1 79  ? -0.512  11.596  -6.393  1.00 16.58 ? 79   TRP A CD1 1 
ATOM   522  C CD2 . TRP A 1 79  ? -0.779  13.789  -6.014  1.00 19.47 ? 79   TRP A CD2 1 
ATOM   523  N NE1 . TRP A 1 79  ? -0.658  11.778  -5.031  1.00 15.36 ? 79   TRP A NE1 1 
ATOM   524  C CE2 . TRP A 1 79  ? -0.815  13.114  -4.774  1.00 17.01 ? 79   TRP A CE2 1 
ATOM   525  C CE3 . TRP A 1 79  ? -0.930  15.180  -6.035  1.00 21.72 ? 79   TRP A CE3 1 
ATOM   526  C CZ2 . TRP A 1 79  ? -0.981  13.776  -3.586  1.00 15.66 ? 79   TRP A CZ2 1 
ATOM   527  C CZ3 . TRP A 1 79  ? -1.084  15.843  -4.837  1.00 18.50 ? 79   TRP A CZ3 1 
ATOM   528  C CH2 . TRP A 1 79  ? -1.135  15.135  -3.630  1.00 19.39 ? 79   TRP A CH2 1 
ATOM   529  N N   . LYS A 1 80  ? -1.802  13.334  -11.431 1.00 26.96 ? 80   LYS A N   1 
ATOM   530  C CA  . LYS A 1 80  ? -1.628  13.701  -12.854 1.00 29.54 ? 80   LYS A CA  1 
ATOM   531  C C   . LYS A 1 80  ? -2.637  14.735  -13.353 1.00 30.90 ? 80   LYS A C   1 
ATOM   532  O O   . LYS A 1 80  ? -2.265  15.647  -14.100 1.00 31.96 ? 80   LYS A O   1 
ATOM   533  C CB  . LYS A 1 80  ? -1.722  12.460  -13.737 1.00 29.55 ? 80   LYS A CB  1 
ATOM   534  C CG  . LYS A 1 80  ? -0.415  11.696  -13.874 1.00 29.81 ? 80   LYS A CG  1 
ATOM   535  C CD  . LYS A 1 80  ? -0.642  10.493  -14.800 1.00 33.01 ? 80   LYS A CD  1 
ATOM   536  N N   . ALA A 1 81  ? -3.906  14.581  -12.975 1.00 32.21 ? 81   ALA A N   1 
ATOM   537  C CA  . ALA A 1 81  ? -4.929  15.628  -13.186 1.00 33.34 ? 81   ALA A CA  1 
ATOM   538  C C   . ALA A 1 81  ? -4.603  16.964  -12.496 1.00 34.31 ? 81   ALA A C   1 
ATOM   539  O O   . ALA A 1 81  ? -4.957  18.035  -13.014 1.00 34.61 ? 81   ALA A O   1 
ATOM   540  C CB  . ALA A 1 81  ? -6.303  15.136  -12.775 1.00 33.41 ? 81   ALA A CB  1 
ATOM   541  N N   . LEU A 1 82  ? -3.911  16.923  -11.354 1.00 34.29 ? 82   LEU A N   1 
ATOM   542  C CA  . LEU A 1 82  ? -3.430  18.143  -10.716 1.00 34.49 ? 82   LEU A CA  1 
ATOM   543  C C   . LEU A 1 82  ? -2.107  18.648  -11.318 1.00 34.76 ? 82   LEU A C   1 
ATOM   544  O O   . LEU A 1 82  ? -1.571  19.671  -10.870 1.00 36.53 ? 82   LEU A O   1 
ATOM   545  C CB  . LEU A 1 82  ? -3.241  17.942  -9.212  1.00 34.27 ? 82   LEU A CB  1 
ATOM   546  C CG  . LEU A 1 82  ? -4.481  17.644  -8.352  1.00 37.43 ? 82   LEU A CG  1 
ATOM   547  N N   . GLY A 1 83  ? -1.548  17.925  -12.289 1.00 34.47 ? 83   GLY A N   1 
ATOM   548  C CA  . GLY A 1 83  ? -0.295  18.334  -12.924 1.00 32.86 ? 83   GLY A CA  1 
ATOM   549  C C   . GLY A 1 83  ? 0.981   17.937  -12.199 1.00 32.64 ? 83   GLY A C   1 
ATOM   550  O O   . GLY A 1 83  ? 2.057   18.462  -12.497 1.00 32.10 ? 83   GLY A O   1 
ATOM   551  N N   . ILE A 1 84  ? 0.883   17.003  -11.255 1.00 30.78 ? 84   ILE A N   1 
ATOM   552  C CA  . ILE A 1 84  ? 2.060   16.538  -10.537 1.00 30.93 ? 84   ILE A CA  1 
ATOM   553  C C   . ILE A 1 84  ? 2.472   15.190  -11.129 1.00 29.96 ? 84   ILE A C   1 
ATOM   554  O O   . ILE A 1 84  ? 1.623   14.442  -11.628 1.00 30.61 ? 84   ILE A O   1 
ATOM   555  C CB  . ILE A 1 84  ? 1.785   16.442  -9.011  1.00 31.56 ? 84   ILE A CB  1 
ATOM   556  C CG1 . ILE A 1 84  ? 1.672   17.850  -8.413  1.00 32.18 ? 84   ILE A CG1 1 
ATOM   557  C CG2 . ILE A 1 84  ? 2.882   15.633  -8.303  1.00 33.20 ? 84   ILE A CG2 1 
ATOM   558  C CD1 . ILE A 1 84  ? 1.047   17.909  -7.010  1.00 31.66 ? 84   ILE A CD1 1 
ATOM   559  N N   . SER A 1 85  ? 3.761   14.894  -11.139 1.00 28.52 ? 85   SER A N   1 
ATOM   560  C CA  . SER A 1 85  ? 4.185   13.573  -11.579 1.00 27.86 ? 85   SER A CA  1 
ATOM   561  C C   . SER A 1 85  ? 4.504   12.761  -10.351 1.00 25.74 ? 85   SER A C   1 
ATOM   562  O O   . SER A 1 85  ? 5.573   12.937  -9.792  1.00 26.31 ? 85   SER A O   1 
ATOM   563  C CB  . SER A 1 85  ? 5.441   13.651  -12.455 1.00 28.31 ? 85   SER A CB  1 
ATOM   564  O OG  . SER A 1 85  ? 5.108   13.993  -13.791 1.00 31.41 ? 85   SER A OG  1 
ATOM   565  N N   . PRO A 1 86  ? 3.614   11.829  -9.959  1.00 23.80 ? 86   PRO A N   1 
ATOM   566  C CA  . PRO A 1 86  ? 3.766   11.136  -8.679  1.00 22.72 ? 86   PRO A CA  1 
ATOM   567  C C   . PRO A 1 86  ? 4.672   9.909   -8.720  1.00 21.77 ? 86   PRO A C   1 
ATOM   568  O O   . PRO A 1 86  ? 4.949   9.405   -9.791  1.00 23.58 ? 86   PRO A O   1 
ATOM   569  C CB  . PRO A 1 86  ? 2.335   10.685  -8.390  1.00 21.62 ? 86   PRO A CB  1 
ATOM   570  C CG  . PRO A 1 86  ? 1.846   10.316  -9.674  1.00 22.88 ? 86   PRO A CG  1 
ATOM   571  C CD  . PRO A 1 86  ? 2.435   11.330  -10.677 1.00 23.32 ? 86   PRO A CD  1 
ATOM   572  N N   . PHE A 1 87  ? 5.083   9.399   -7.558  1.00 20.69 ? 87   PHE A N   1 
ATOM   573  C CA  . PHE A 1 87  ? 5.917   8.208   -7.482  1.00 19.23 ? 87   PHE A CA  1 
ATOM   574  C C   . PHE A 1 87  ? 5.076   6.936   -7.682  1.00 18.54 ? 87   PHE A C   1 
ATOM   575  O O   . PHE A 1 87  ? 5.460   6.035   -8.434  1.00 16.87 ? 87   PHE A O   1 
ATOM   576  C CB  . PHE A 1 87  ? 6.588   8.120   -6.121  1.00 19.66 ? 87   PHE A CB  1 
ATOM   577  C CG  . PHE A 1 87  ? 7.496   6.934   -5.979  1.00 21.40 ? 87   PHE A CG  1 
ATOM   578  C CD1 . PHE A 1 87  ? 8.600   6.799   -6.801  1.00 23.92 ? 87   PHE A CD1 1 
ATOM   579  C CD2 . PHE A 1 87  ? 7.239   5.942   -5.050  1.00 23.21 ? 87   PHE A CD2 1 
ATOM   580  C CE1 . PHE A 1 87  ? 9.448   5.706   -6.672  1.00 24.52 ? 87   PHE A CE1 1 
ATOM   581  C CE2 . PHE A 1 87  ? 8.093   4.839   -4.919  1.00 23.26 ? 87   PHE A CE2 1 
ATOM   582  C CZ  . PHE A 1 87  ? 9.188   4.727   -5.736  1.00 20.59 ? 87   PHE A CZ  1 
ATOM   583  N N   . HIS A 1 88  ? 3.953   6.847   -6.976  1.00 16.82 ? 88   HIS A N   1 
ATOM   584  C CA  . HIS A 1 88  ? 3.247   5.566   -6.873  1.00 17.32 ? 88   HIS A CA  1 
ATOM   585  C C   . HIS A 1 88  ? 2.226   5.403   -7.982  1.00 17.52 ? 88   HIS A C   1 
ATOM   586  O O   . HIS A 1 88  ? 1.698   6.395   -8.514  1.00 19.13 ? 88   HIS A O   1 
ATOM   587  C CB  . HIS A 1 88  ? 2.544   5.406   -5.520  1.00 16.70 ? 88   HIS A CB  1 
ATOM   588  C CG  . HIS A 1 88  ? 3.448   5.509   -4.352  1.00 17.22 ? 88   HIS A CG  1 
ATOM   589  N ND1 . HIS A 1 88  ? 3.701   6.700   -3.707  1.00 18.41 ? 88   HIS A ND1 1 
ATOM   590  C CD2 . HIS A 1 88  ? 4.146   4.566   -3.690  1.00 18.00 ? 88   HIS A CD2 1 
ATOM   591  C CE1 . HIS A 1 88  ? 4.527   6.487   -2.705  1.00 19.79 ? 88   HIS A CE1 1 
ATOM   592  N NE2 . HIS A 1 88  ? 4.805   5.197   -2.666  1.00 21.52 ? 88   HIS A NE2 1 
ATOM   593  N N   . GLU A 1 89  ? 1.913   4.156   -8.320  1.00 17.31 ? 89   GLU A N   1 
ATOM   594  C CA  . GLU A 1 89  ? 0.854   3.881   -9.283  1.00 17.81 ? 89   GLU A CA  1 
ATOM   595  C C   . GLU A 1 89  ? -0.487  4.010   -8.583  1.00 18.48 ? 89   GLU A C   1 
ATOM   596  O O   . GLU A 1 89  ? -1.447  4.503   -9.149  1.00 16.13 ? 89   GLU A O   1 
ATOM   597  C CB  . GLU A 1 89  ? 0.991   2.475   -9.901  1.00 18.70 ? 89   GLU A CB  1 
ATOM   598  C CG  . GLU A 1 89  ? 2.207   2.305   -10.808 1.00 19.96 ? 89   GLU A CG  1 
ATOM   599  C CD  . GLU A 1 89  ? 2.087   3.228   -12.040 1.00 24.31 ? 89   GLU A CD  1 
ATOM   600  O OE1 . GLU A 1 89  ? 1.063   3.113   -12.742 1.00 26.42 ? 89   GLU A OE1 1 
ATOM   601  O OE2 . GLU A 1 89  ? 2.971   4.088   -12.255 1.00 26.56 ? 89   GLU A OE2 1 
ATOM   602  N N   . HIS A 1 90  ? -0.554  3.530   -7.351  1.00 18.86 ? 90   HIS A N   1 
ATOM   603  C CA  . HIS A 1 90  ? -1.746  3.694   -6.550  1.00 19.92 ? 90   HIS A CA  1 
ATOM   604  C C   . HIS A 1 90  ? -1.361  3.466   -5.118  1.00 20.17 ? 90   HIS A C   1 
ATOM   605  O O   . HIS A 1 90  ? -0.212  3.139   -4.821  1.00 20.48 ? 90   HIS A O   1 
ATOM   606  C CB  . HIS A 1 90  ? -2.826  2.688   -6.973  1.00 20.76 ? 90   HIS A CB  1 
ATOM   607  C CG  . HIS A 1 90  ? -2.310  1.308   -7.170  1.00 25.07 ? 90   HIS A CG  1 
ATOM   608  N ND1 . HIS A 1 90  ? -2.076  0.770   -8.419  1.00 28.40 ? 90   HIS A ND1 1 
ATOM   609  C CD2 . HIS A 1 90  ? -1.952  0.358   -6.272  1.00 29.96 ? 90   HIS A CD2 1 
ATOM   610  C CE1 . HIS A 1 90  ? -1.599  -0.455  -8.280  1.00 30.36 ? 90   HIS A CE1 1 
ATOM   611  N NE2 . HIS A 1 90  ? -1.512  -0.729  -6.989  1.00 30.79 ? 90   HIS A NE2 1 
ATOM   612  N N   . ALA A 1 91  ? -2.298  3.661   -4.204  1.00 19.77 ? 91   ALA A N   1 
ATOM   613  C CA  . ALA A 1 91  ? -2.053  3.217   -2.845  1.00 19.74 ? 91   ALA A CA  1 
ATOM   614  C C   . ALA A 1 91  ? -2.862  1.949   -2.671  1.00 20.71 ? 91   ALA A C   1 
ATOM   615  O O   . ALA A 1 91  ? -3.937  1.836   -3.237  1.00 21.02 ? 91   ALA A O   1 
ATOM   616  C CB  . ALA A 1 91  ? -2.453  4.302   -1.827  1.00 19.35 ? 91   ALA A CB  1 
ATOM   617  N N   . GLU A 1 92  ? -2.369  1.018   -1.870  1.00 21.19 ? 92   GLU A N   1 
ATOM   618  C CA  . GLU A 1 92  ? -2.956  -0.325  -1.814  1.00 22.25 ? 92   GLU A CA  1 
ATOM   619  C C   . GLU A 1 92  ? -3.133  -0.694  -0.349  1.00 22.05 ? 92   GLU A C   1 
ATOM   620  O O   . GLU A 1 92  ? -2.209  -0.487  0.461   1.00 23.42 ? 92   GLU A O   1 
ATOM   621  N N   . VAL A 1 93  ? -4.350  -1.085  0.019   1.00 20.11 ? 93   VAL A N   1 
ATOM   622  C CA  . VAL A 1 93  ? -4.647  -1.456  1.388   1.00 18.51 ? 93   VAL A CA  1 
ATOM   623  C C   . VAL A 1 93  ? -5.265  -2.848  1.309   1.00 17.31 ? 93   VAL A C   1 
ATOM   624  O O   . VAL A 1 93  ? -6.312  -3.029  0.684   1.00 16.07 ? 93   VAL A O   1 
ATOM   625  C CB  . VAL A 1 93  ? -5.666  -0.516  2.073   1.00 19.47 ? 93   VAL A CB  1 
ATOM   626  C CG1 . VAL A 1 93  ? -5.881  -0.973  3.496   1.00 17.97 ? 93   VAL A CG1 1 
ATOM   627  C CG2 . VAL A 1 93  ? -5.180  0.934   2.023   1.00 20.27 ? 93   VAL A CG2 1 
ATOM   628  N N   . VAL A 1 94  ? -4.564  -3.820  1.870   1.00 16.40 ? 94   VAL A N   1 
ATOM   629  C CA  . VAL A 1 94  ? -5.005  -5.218  1.821   1.00 15.57 ? 94   VAL A CA  1 
ATOM   630  C C   . VAL A 1 94  ? -5.140  -5.676  3.263   1.00 14.87 ? 94   VAL A C   1 
ATOM   631  O O   . VAL A 1 94  ? -4.217  -5.492  4.074   1.00 13.48 ? 94   VAL A O   1 
ATOM   632  C CB  . VAL A 1 94  ? -3.959  -6.093  1.084   1.00 15.03 ? 94   VAL A CB  1 
ATOM   633  C CG1 . VAL A 1 94  ? -4.417  -7.522  1.045   1.00 15.93 ? 94   VAL A CG1 1 
ATOM   634  C CG2 . VAL A 1 94  ? -3.756  -5.560  -0.334  1.00 15.74 ? 94   VAL A CG2 1 
ATOM   635  N N   . PHE A 1 95  ? -6.293  -6.251  3.585   1.00 14.83 ? 95   PHE A N   1 
ATOM   636  C CA  . PHE A 1 95  ? -6.619  -6.631  4.958   1.00 15.21 ? 95   PHE A CA  1 
ATOM   637  C C   . PHE A 1 95  ? -7.657  -7.722  4.981   1.00 15.52 ? 95   PHE A C   1 
ATOM   638  O O   . PHE A 1 95  ? -8.445  -7.871  4.063   1.00 15.62 ? 95   PHE A O   1 
ATOM   639  C CB  . PHE A 1 95  ? -7.184  -5.441  5.763   1.00 15.19 ? 95   PHE A CB  1 
ATOM   640  C CG  . PHE A 1 95  ? -8.413  -4.858  5.182   1.00 16.49 ? 95   PHE A CG  1 
ATOM   641  C CD1 . PHE A 1 95  ? -8.330  -3.990  4.093   1.00 17.62 ? 95   PHE A CD1 1 
ATOM   642  C CD2 . PHE A 1 95  ? -9.668  -5.127  5.745   1.00 16.94 ? 95   PHE A CD2 1 
ATOM   643  C CE1 . PHE A 1 95  ? -9.477  -3.430  3.553   1.00 16.43 ? 95   PHE A CE1 1 
ATOM   644  C CE2 . PHE A 1 95  ? -10.803 -4.554  5.217   1.00 17.71 ? 95   PHE A CE2 1 
ATOM   645  C CZ  . PHE A 1 95  ? -10.704 -3.701  4.112   1.00 17.14 ? 95   PHE A CZ  1 
ATOM   646  N N   . THR A 1 96  ? -7.646  -8.484  6.065   1.00 15.99 ? 96   THR A N   1 
ATOM   647  C CA  . THR A 1 96  ? -8.704  -9.397  6.331   1.00 15.68 ? 96   THR A CA  1 
ATOM   648  C C   . THR A 1 96  ? -9.861  -8.672  6.990   1.00 15.35 ? 96   THR A C   1 
ATOM   649  O O   . THR A 1 96  ? -9.663  -7.945  7.941   1.00 16.21 ? 96   THR A O   1 
ATOM   650  C CB  . THR A 1 96  ? -8.189  -10.516 7.233   1.00 16.04 ? 96   THR A CB  1 
ATOM   651  O OG1 . THR A 1 96  ? -7.160  -11.202 6.509   1.00 17.34 ? 96   THR A OG1 1 
ATOM   652  C CG2 . THR A 1 96  ? -9.319  -11.478 7.489   1.00 17.28 ? 96   THR A CG2 1 
ATOM   653  N N   . ALA A 1 97  ? -11.071 -8.841  6.478   1.00 15.66 ? 97   ALA A N   1 
ATOM   654  C CA  . ALA A 1 97  ? -12.215 -8.171  7.069   1.00 18.12 ? 97   ALA A CA  1 
ATOM   655  C C   . ALA A 1 97  ? -13.181 -9.168  7.703   1.00 19.25 ? 97   ALA A C   1 
ATOM   656  O O   . ALA A 1 97  ? -13.327 -10.274 7.200   1.00 19.85 ? 97   ALA A O   1 
ATOM   657  C CB  . ALA A 1 97  ? -12.947 -7.320  6.041   1.00 17.22 ? 97   ALA A CB  1 
ATOM   658  N N   . ASN A 1 98  ? -13.833 -8.733  8.781   1.00 21.89 ? 98   ASN A N   1 
ATOM   659  C CA  . ASN A 1 98  ? -14.934 -9.433  9.425   1.00 24.42 ? 98   ASN A CA  1 
ATOM   660  C C   . ASN A 1 98  ? -14.559 -10.774 9.999   1.00 27.07 ? 98   ASN A C   1 
ATOM   661  O O   . ASN A 1 98  ? -15.443 -11.616 10.185  1.00 26.92 ? 98   ASN A O   1 
ATOM   662  C CB  . ASN A 1 98  ? -16.090 -9.634  8.451   1.00 24.05 ? 98   ASN A CB  1 
ATOM   663  C CG  . ASN A 1 98  ? -16.517 -8.348  7.831   1.00 25.56 ? 98   ASN A CG  1 
ATOM   664  O OD1 . ASN A 1 98  ? -16.764 -7.379  8.538   1.00 26.65 ? 98   ASN A OD1 1 
ATOM   665  N ND2 . ASN A 1 98  ? -16.568 -8.305  6.515   1.00 27.31 ? 98   ASN A ND2 1 
ATOM   666  N N   . ASP A 1 99  ? -13.280 -10.959 10.295  1.00 28.92 ? 99   ASP A N   1 
ATOM   667  C CA  . ASP A 1 99  ? -12.794 -12.239 10.764  1.00 32.40 ? 99   ASP A CA  1 
ATOM   668  C C   . ASP A 1 99  ? -13.430 -12.631 12.101  1.00 33.99 ? 99   ASP A C   1 
ATOM   669  O O   . ASP A 1 99  ? -13.736 -13.817 12.310  1.00 35.15 ? 99   ASP A O   1 
ATOM   670  C CB  . ASP A 1 99  ? -11.266 -12.247 10.870  1.00 32.30 ? 99   ASP A CB  1 
ATOM   671  C CG  . ASP A 1 99  ? -10.673 -13.615 10.561  1.00 35.61 ? 99   ASP A CG  1 
ATOM   672  N N   . SER A 1 100 ? -13.632 -11.656 12.994  1.00 34.68 ? 100  SER A N   1 
ATOM   673  C CA  . SER A 1 100 ? -14.367 -11.895 14.260  1.00 35.45 ? 100  SER A CA  1 
ATOM   674  C C   . SER A 1 100 ? -15.828 -11.394 14.207  1.00 35.17 ? 100  SER A C   1 
ATOM   675  O O   . SER A 1 100 ? -16.371 -10.903 15.186  1.00 35.81 ? 100  SER A O   1 
ATOM   676  C CB  . SER A 1 100 ? -13.644 -11.226 15.428  1.00 35.53 ? 100  SER A CB  1 
ATOM   677  O OG  . SER A 1 100 ? -12.237 -11.412 15.334  1.00 36.85 ? 100  SER A OG  1 
ATOM   678  N N   . GLY A 1 101 ? -16.464 -11.524 13.056  1.00 34.75 ? 101  GLY A N   1 
ATOM   679  C CA  . GLY A 1 101 ? -17.806 -11.010 12.898  1.00 34.06 ? 101  GLY A CA  1 
ATOM   680  C C   . GLY A 1 101 ? -17.762 -9.647  12.244  1.00 33.83 ? 101  GLY A C   1 
ATOM   681  O O   . GLY A 1 101 ? -16.700 -9.000  12.158  1.00 33.19 ? 101  GLY A O   1 
ATOM   682  N N   . PRO A 1 102 ? -18.923 -9.185  11.786  1.00 33.70 ? 102  PRO A N   1 
ATOM   683  C CA  . PRO A 1 102 ? -18.910 -7.908  11.084  1.00 32.50 ? 102  PRO A CA  1 
ATOM   684  C C   . PRO A 1 102 ? -18.274 -6.769  11.919  1.00 31.30 ? 102  PRO A C   1 
ATOM   685  O O   . PRO A 1 102 ? -18.461 -6.685  13.143  1.00 29.64 ? 102  PRO A O   1 
ATOM   686  C CB  . PRO A 1 102 ? -20.392 -7.643  10.788  1.00 32.69 ? 102  PRO A CB  1 
ATOM   687  C CG  . PRO A 1 102 ? -21.178 -8.593  11.693  1.00 33.87 ? 102  PRO A CG  1 
ATOM   688  C CD  . PRO A 1 102 ? -20.275 -9.769  11.913  1.00 33.82 ? 102  PRO A CD  1 
ATOM   689  N N   . ARG A 1 103 ? -17.498 -5.922  11.236  1.00 29.19 ? 103  ARG A N   1 
ATOM   690  C CA  . ARG A 1 103 ? -17.027 -4.665  11.793  1.00 28.16 ? 103  ARG A CA  1 
ATOM   691  C C   . ARG A 1 103 ? -17.330 -3.599  10.751  1.00 26.88 ? 103  ARG A C   1 
ATOM   692  O O   . ARG A 1 103 ? -17.693 -3.929  9.627   1.00 26.01 ? 103  ARG A O   1 
ATOM   693  C CB  . ARG A 1 103 ? -15.522 -4.704  12.025  1.00 28.95 ? 103  ARG A CB  1 
ATOM   694  C CG  . ARG A 1 103 ? -15.042 -5.768  12.970  1.00 31.13 ? 103  ARG A CG  1 
ATOM   695  C CD  . ARG A 1 103 ? -15.427 -5.425  14.390  1.00 36.46 ? 103  ARG A CD  1 
ATOM   696  N NE  . ARG A 1 103 ? -14.936 -6.444  15.303  1.00 40.53 ? 103  ARG A NE  1 
ATOM   697  C CZ  . ARG A 1 103 ? -15.648 -7.504  15.659  1.00 41.96 ? 103  ARG A CZ  1 
ATOM   698  N NH1 . ARG A 1 103 ? -16.872 -7.656  15.175  1.00 41.51 ? 103  ARG A NH1 1 
ATOM   699  N NH2 . ARG A 1 103 ? -15.139 -8.407  16.493  1.00 44.71 ? 103  ARG A NH2 1 
ATOM   700  N N   . ARG A 1 104 ? -17.198 -2.328  11.118  1.00 24.93 ? 104  ARG A N   1 
ATOM   701  C CA  . ARG A 1 104 ? -17.305 -1.266  10.115  1.00 24.26 ? 104  ARG A CA  1 
ATOM   702  C C   . ARG A 1 104 ? -15.890 -0.783  9.947   1.00 22.45 ? 104  ARG A C   1 
ATOM   703  O O   . ARG A 1 104 ? -15.188 -0.668  10.950  1.00 23.55 ? 104  ARG A O   1 
ATOM   704  C CB  . ARG A 1 104 ? -18.187 -0.117  10.596  1.00 24.24 ? 104  ARG A CB  1 
ATOM   705  C CG  . ARG A 1 104 ? -19.622 -0.505  10.897  1.00 29.35 ? 104  ARG A CG  1 
ATOM   706  C CD  . ARG A 1 104 ? -20.373 0.731   11.345  1.00 35.68 ? 104  ARG A CD  1 
ATOM   707  N NE  . ARG A 1 104 ? -19.694 1.923   10.833  1.00 38.54 ? 104  ARG A NE  1 
ATOM   708  N N   . TYR A 1 105 ? -15.459 -0.533  8.711   1.00 19.60 ? 105  TYR A N   1 
ATOM   709  C CA  . TYR A 1 105 ? -14.062 -0.252  8.430   1.00 18.55 ? 105  TYR A CA  1 
ATOM   710  C C   . TYR A 1 105 ? -14.018 1.074   7.704   1.00 18.73 ? 105  TYR A C   1 
ATOM   711  O O   . TYR A 1 105 ? -14.782 1.274   6.742   1.00 17.98 ? 105  TYR A O   1 
ATOM   712  C CB  . TYR A 1 105 ? -13.474 -1.307  7.492   1.00 18.03 ? 105  TYR A CB  1 
ATOM   713  C CG  . TYR A 1 105 ? -13.350 -2.671  8.146   1.00 18.92 ? 105  TYR A CG  1 
ATOM   714  C CD1 . TYR A 1 105 ? -14.412 -3.576  8.117   1.00 18.41 ? 105  TYR A CD1 1 
ATOM   715  C CD2 . TYR A 1 105 ? -12.188 -3.046  8.804   1.00 17.02 ? 105  TYR A CD2 1 
ATOM   716  C CE1 . TYR A 1 105 ? -14.297 -4.839  8.714   1.00 18.22 ? 105  TYR A CE1 1 
ATOM   717  C CE2 . TYR A 1 105 ? -12.083 -4.318  9.436   1.00 17.59 ? 105  TYR A CE2 1 
ATOM   718  C CZ  . TYR A 1 105 ? -13.152 -5.188  9.364   1.00 17.18 ? 105  TYR A CZ  1 
ATOM   719  O OH  . TYR A 1 105 ? -13.088 -6.432  9.963   1.00 19.07 ? 105  TYR A OH  1 
ATOM   720  N N   . THR A 1 106 ? -13.148 1.964   8.141   1.00 17.05 ? 106  THR A N   1 
ATOM   721  C CA  . THR A 1 106 ? -12.924 3.204   7.432   1.00 17.84 ? 106  THR A CA  1 
ATOM   722  C C   . THR A 1 106 ? -11.448 3.172   7.118   1.00 17.47 ? 106  THR A C   1 
ATOM   723  O O   . THR A 1 106 ? -10.628 3.076   8.033   1.00 18.37 ? 106  THR A O   1 
ATOM   724  C CB  . THR A 1 106 ? -13.203 4.465   8.291   1.00 17.65 ? 106  THR A CB  1 
ATOM   725  O OG1 . THR A 1 106 ? -14.555 4.433   8.723   1.00 20.70 ? 106  THR A OG1 1 
ATOM   726  C CG2 . THR A 1 106 ? -12.956 5.756   7.450   1.00 18.20 ? 106  THR A CG2 1 
ATOM   727  N N   . ILE A 1 107 ? -11.111 3.178   5.833   1.00 16.51 ? 107  ILE A N   1 
ATOM   728  C CA  . ILE A 1 107 ? -9.745  3.131   5.402   1.00 17.33 ? 107  ILE A CA  1 
ATOM   729  C C   . ILE A 1 107 ? -9.484  4.570   5.040   1.00 17.70 ? 107  ILE A C   1 
ATOM   730  O O   . ILE A 1 107 ? -10.203 5.155   4.212   1.00 17.06 ? 107  ILE A O   1 
ATOM   731  C CB  . ILE A 1 107 ? -9.589  2.226   4.147   1.00 18.06 ? 107  ILE A CB  1 
ATOM   732  C CG1 . ILE A 1 107 ? -9.932  0.747   4.434   1.00 21.06 ? 107  ILE A CG1 1 
ATOM   733  C CG2 . ILE A 1 107 ? -8.198  2.398   3.471   1.00 21.17 ? 107  ILE A CG2 1 
ATOM   734  C CD1 . ILE A 1 107 ? -9.403  0.215   5.776   1.00 20.11 ? 107  ILE A CD1 1 
ATOM   735  N N   . ALA A 1 108 ? -8.495  5.178   5.676   1.00 17.50 ? 108  ALA A N   1 
ATOM   736  C CA  . ALA A 1 108 ? -8.161  6.560   5.367   1.00 17.67 ? 108  ALA A CA  1 
ATOM   737  C C   . ALA A 1 108 ? -6.789  6.576   4.728   1.00 17.78 ? 108  ALA A C   1 
ATOM   738  O O   . ALA A 1 108 ? -5.950  5.719   5.022   1.00 18.60 ? 108  ALA A O   1 
ATOM   739  C CB  . ALA A 1 108 ? -8.212  7.442   6.621   1.00 16.98 ? 108  ALA A CB  1 
ATOM   740  N N   . ALA A 1 109 ? -6.592  7.478   3.790   1.00 16.02 ? 109  ALA A N   1 
ATOM   741  C CA  . ALA A 1 109 ? -5.307  7.565   3.145   1.00 16.33 ? 109  ALA A CA  1 
ATOM   742  C C   . ALA A 1 109 ? -4.958  9.039   2.999   1.00 16.74 ? 109  ALA A C   1 
ATOM   743  O O   . ALA A 1 109 ? -5.817  9.832   2.576   1.00 17.68 ? 109  ALA A O   1 
ATOM   744  C CB  . ALA A 1 109 ? -5.361  6.880   1.815   1.00 15.88 ? 109  ALA A CB  1 
ATOM   745  N N   . LEU A 1 110 ? -3.727  9.399   3.349   1.00 15.10 ? 110  LEU A N   1 
ATOM   746  C CA  . LEU A 1 110 ? -3.296  10.759  3.254   1.00 15.60 ? 110  LEU A CA  1 
ATOM   747  C C   . LEU A 1 110 ? -2.246  10.737  2.151   1.00 15.68 ? 110  LEU A C   1 
ATOM   748  O O   . LEU A 1 110 ? -1.308  9.945   2.237   1.00 15.34 ? 110  LEU A O   1 
ATOM   749  C CB  . LEU A 1 110 ? -2.703  11.214  4.603   1.00 15.45 ? 110  LEU A CB  1 
ATOM   750  C CG  . LEU A 1 110 ? -1.935  12.541  4.561   1.00 14.51 ? 110  LEU A CG  1 
ATOM   751  C CD1 . LEU A 1 110 ? -2.897  13.698  4.291   1.00 14.68 ? 110  LEU A CD1 1 
ATOM   752  C CD2 . LEU A 1 110 ? -1.198  12.741  5.882   1.00 16.77 ? 110  LEU A CD2 1 
ATOM   753  N N   . LEU A 1 111 ? -2.436  11.552  1.109   1.00 14.27 ? 111  LEU A N   1 
ATOM   754  C CA  . LEU A 1 111 ? -1.638  11.453  -0.107  1.00 14.83 ? 111  LEU A CA  1 
ATOM   755  C C   . LEU A 1 111 ? -0.673  12.633  -0.317  1.00 15.10 ? 111  LEU A C   1 
ATOM   756  O O   . LEU A 1 111 ? -1.074  13.801  -0.273  1.00 14.11 ? 111  LEU A O   1 
ATOM   757  C CB  . LEU A 1 111 ? -2.537  11.374  -1.345  1.00 13.44 ? 111  LEU A CB  1 
ATOM   758  C CG  . LEU A 1 111 ? -3.644  10.308  -1.441  1.00 14.71 ? 111  LEU A CG  1 
ATOM   759  C CD1 . LEU A 1 111 ? -4.328  10.370  -2.841  1.00 11.18 ? 111  LEU A CD1 1 
ATOM   760  C CD2 . LEU A 1 111 ? -3.071  8.923   -1.167  1.00 12.25 ? 111  LEU A CD2 1 
ATOM   761  N N   . SER A 1 112 ? 0.570   12.294  -0.622  1.00 15.91 ? 112  SER A N   1 
ATOM   762  C CA  . SER A 1 112 ? 1.541   13.265  -1.155  1.00 16.98 ? 112  SER A CA  1 
ATOM   763  C C   . SER A 1 112 ? 2.092   12.715  -2.441  1.00 16.63 ? 112  SER A C   1 
ATOM   764  O O   . SER A 1 112 ? 1.947   11.499  -2.707  1.00 15.16 ? 112  SER A O   1 
ATOM   765  C CB  . SER A 1 112 ? 2.683   13.424  -0.166  1.00 17.01 ? 112  SER A CB  1 
ATOM   766  O OG  . SER A 1 112 ? 2.116   13.921  1.008   1.00 20.34 ? 112  SER A OG  1 
ATOM   767  N N   . PRO A 1 113 ? 2.681   13.598  -3.283  1.00 16.24 ? 113  PRO A N   1 
ATOM   768  C CA  . PRO A 1 113 ? 3.261   13.087  -4.506  1.00 16.24 ? 113  PRO A CA  1 
ATOM   769  C C   . PRO A 1 113 ? 4.197   11.850  -4.381  1.00 16.54 ? 113  PRO A C   1 
ATOM   770  O O   . PRO A 1 113 ? 4.105   10.963  -5.222  1.00 16.18 ? 113  PRO A O   1 
ATOM   771  C CB  . PRO A 1 113 ? 4.001   14.319  -5.027  1.00 16.37 ? 113  PRO A CB  1 
ATOM   772  C CG  . PRO A 1 113 ? 3.013   15.385  -4.706  1.00 15.58 ? 113  PRO A CG  1 
ATOM   773  C CD  . PRO A 1 113 ? 2.685   15.071  -3.290  1.00 15.52 ? 113  PRO A CD  1 
ATOM   774  N N   . TYR A 1 114 ? 5.066   11.810  -3.369  1.00 16.39 ? 114  TYR A N   1 
ATOM   775  C CA  . TYR A 1 114 ? 6.011   10.728  -3.230  1.00 17.54 ? 114  TYR A CA  1 
ATOM   776  C C   . TYR A 1 114 ? 5.821   9.872   -1.972  1.00 17.64 ? 114  TYR A C   1 
ATOM   777  O O   . TYR A 1 114 ? 6.738   9.178   -1.577  1.00 17.73 ? 114  TYR A O   1 
ATOM   778  C CB  . TYR A 1 114 ? 7.429   11.266  -3.264  1.00 18.67 ? 114  TYR A CB  1 
ATOM   779  C CG  . TYR A 1 114 ? 7.925   11.472  -4.695  1.00 22.81 ? 114  TYR A CG  1 
ATOM   780  C CD1 . TYR A 1 114 ? 7.431   12.502  -5.463  1.00 27.57 ? 114  TYR A CD1 1 
ATOM   781  C CD2 . TYR A 1 114 ? 8.846   10.614  -5.276  1.00 25.66 ? 114  TYR A CD2 1 
ATOM   782  C CE1 . TYR A 1 114 ? 7.852   12.706  -6.776  1.00 28.99 ? 114  TYR A CE1 1 
ATOM   783  C CE2 . TYR A 1 114 ? 9.299   10.823  -6.587  1.00 27.21 ? 114  TYR A CE2 1 
ATOM   784  C CZ  . TYR A 1 114 ? 8.788   11.876  -7.325  1.00 29.35 ? 114  TYR A CZ  1 
ATOM   785  O OH  . TYR A 1 114 ? 9.186   12.115  -8.638  1.00 30.38 ? 114  TYR A OH  1 
ATOM   786  N N   . SER A 1 115 ? 4.652   9.949   -1.341  1.00 18.49 ? 115  SER A N   1 
ATOM   787  C CA  . SER A 1 115 ? 4.402   9.160   -0.139  1.00 19.52 ? 115  SER A CA  1 
ATOM   788  C C   . SER A 1 115 ? 2.926   9.085   0.081   1.00 18.46 ? 115  SER A C   1 
ATOM   789  O O   . SER A 1 115 ? 2.187   9.792   -0.552  1.00 19.29 ? 115  SER A O   1 
ATOM   790  C CB  . SER A 1 115 ? 5.047   9.824   1.075   1.00 20.30 ? 115  SER A CB  1 
ATOM   791  O OG  . SER A 1 115 ? 4.309   10.974  1.412   1.00 26.06 ? 115  SER A OG  1 
ATOM   792  N N   . TYR A 1 116 ? 2.476   8.175   0.925   1.00 16.64 ? 116  TYR A N   1 
ATOM   793  C CA  . TYR A 1 116 ? 1.114   8.218   1.386   1.00 16.38 ? 116  TYR A CA  1 
ATOM   794  C C   . TYR A 1 116 ? 1.064   7.481   2.701   1.00 16.33 ? 116  TYR A C   1 
ATOM   795  O O   . TYR A 1 116 ? 1.945   6.718   3.014   1.00 15.25 ? 116  TYR A O   1 
ATOM   796  C CB  . TYR A 1 116 ? 0.168   7.590   0.401   1.00 17.12 ? 116  TYR A CB  1 
ATOM   797  C CG  . TYR A 1 116 ? 0.364   6.092   0.158   1.00 18.93 ? 116  TYR A CG  1 
ATOM   798  C CD1 . TYR A 1 116 ? -0.180  5.122   1.026   1.00 17.30 ? 116  TYR A CD1 1 
ATOM   799  C CD2 . TYR A 1 116 ? 1.089   5.662   -0.939  1.00 19.26 ? 116  TYR A CD2 1 
ATOM   800  C CE1 . TYR A 1 116 ? -0.012  3.766   0.743   1.00 18.57 ? 116  TYR A CE1 1 
ATOM   801  C CE2 . TYR A 1 116 ? 1.268   4.351   -1.207  1.00 19.19 ? 116  TYR A CE2 1 
ATOM   802  C CZ  . TYR A 1 116 ? 0.735   3.421   -0.382  1.00 19.99 ? 116  TYR A CZ  1 
ATOM   803  O OH  . TYR A 1 116 ? 0.959   2.131   -0.739  1.00 24.66 ? 116  TYR A OH  1 
ATOM   804  N N   . SER A 1 117 ? 0.081   7.770   3.518   1.00 17.49 ? 117  SER A N   1 
ATOM   805  C CA  . SER A 1 117 ? -0.040  6.989   4.707   1.00 18.92 ? 117  SER A CA  1 
ATOM   806  C C   . SER A 1 117 ? -1.486  6.563   4.760   1.00 19.20 ? 117  SER A C   1 
ATOM   807  O O   . SER A 1 117 ? -2.369  7.197   4.153   1.00 18.84 ? 117  SER A O   1 
ATOM   808  C CB  . SER A 1 117 ? 0.477   7.743   5.945   1.00 20.47 ? 117  SER A CB  1 
ATOM   809  O OG  . SER A 1 117 ? -0.362  8.759   6.393   1.00 24.19 ? 117  SER A OG  1 
ATOM   810  N N   . THR A 1 118 ? -1.732  5.439   5.392   1.00 17.23 ? 118  THR A N   1 
ATOM   811  C CA  . THR A 1 118 ? -3.062  4.887   5.367   1.00 17.81 ? 118  THR A CA  1 
ATOM   812  C C   . THR A 1 118 ? -3.267  4.314   6.745   1.00 19.03 ? 118  THR A C   1 
ATOM   813  O O   . THR A 1 118 ? -2.320  3.764   7.307   1.00 19.13 ? 118  THR A O   1 
ATOM   814  C CB  . THR A 1 118 ? -3.165  3.748   4.334   1.00 17.68 ? 118  THR A CB  1 
ATOM   815  O OG1 . THR A 1 118 ? -4.531  3.335   4.205   1.00 17.95 ? 118  THR A OG1 1 
ATOM   816  C CG2 . THR A 1 118 ? -2.331  2.559   4.751   1.00 19.61 ? 118  THR A CG2 1 
ATOM   817  N N   . THR A 1 119 ? -4.462  4.473   7.298   1.00 18.47 ? 119  THR A N   1 
ATOM   818  C CA  . THR A 1 119 ? -4.757  3.866   8.576   1.00 19.29 ? 119  THR A CA  1 
ATOM   819  C C   . THR A 1 119 ? -6.168  3.313   8.519   1.00 18.71 ? 119  THR A C   1 
ATOM   820  O O   . THR A 1 119 ? -6.951  3.678   7.660   1.00 18.88 ? 119  THR A O   1 
ATOM   821  C CB  . THR A 1 119 ? -4.633  4.856   9.708   1.00 18.70 ? 119  THR A CB  1 
ATOM   822  O OG1 . THR A 1 119 ? -4.704  4.150   10.957  1.00 20.82 ? 119  THR A OG1 1 
ATOM   823  C CG2 . THR A 1 119 ? -5.772  5.849   9.633   1.00 21.29 ? 119  THR A CG2 1 
ATOM   824  N N   . ALA A 1 120 ? -6.504  2.395   9.396   1.00 18.20 ? 120  ALA A N   1 
ATOM   825  C CA  . ALA A 1 120 ? -7.869  1.917   9.369   1.00 18.49 ? 120  ALA A CA  1 
ATOM   826  C C   . ALA A 1 120 ? -8.474  2.154   10.727  1.00 18.28 ? 120  ALA A C   1 
ATOM   827  O O   . ALA A 1 120 ? -7.790  1.936   11.717  1.00 18.48 ? 120  ALA A O   1 
ATOM   828  C CB  . ALA A 1 120 ? -7.895  0.434   9.007   1.00 19.41 ? 120  ALA A CB  1 
ATOM   829  N N   . VAL A 1 121 ? -9.709  2.643   10.764  1.00 17.72 ? 121  VAL A N   1 
ATOM   830  C CA  . VAL A 1 121 ? -10.497 2.758   11.987  1.00 19.32 ? 121  VAL A CA  1 
ATOM   831  C C   . VAL A 1 121 ? -11.565 1.674   11.864  1.00 20.95 ? 121  VAL A C   1 
ATOM   832  O O   . VAL A 1 121 ? -12.360 1.672   10.905  1.00 20.64 ? 121  VAL A O   1 
ATOM   833  C CB  . VAL A 1 121 ? -11.167 4.152   12.105  1.00 19.63 ? 121  VAL A CB  1 
ATOM   834  C CG1 . VAL A 1 121 ? -12.274 4.227   13.215  1.00 18.72 ? 121  VAL A CG1 1 
ATOM   835  C CG2 . VAL A 1 121 ? -10.122 5.216   12.344  1.00 21.19 ? 121  VAL A CG2 1 
ATOM   836  N N   . VAL A 1 122 ? -11.560 0.753   12.819  1.00 21.64 ? 122  VAL A N   1 
ATOM   837  C CA  . VAL A 1 122 ? -12.429 -0.392  12.786  1.00 22.66 ? 122  VAL A CA  1 
ATOM   838  C C   . VAL A 1 122 ? -13.309 -0.312  14.020  1.00 25.70 ? 122  VAL A C   1 
ATOM   839  O O   . VAL A 1 122 ? -12.807 -0.238  15.155  1.00 24.39 ? 122  VAL A O   1 
ATOM   840  C CB  . VAL A 1 122 ? -11.612 -1.665  12.806  1.00 22.40 ? 122  VAL A CB  1 
ATOM   841  C CG1 . VAL A 1 122 ? -12.541 -2.897  12.787  1.00 22.09 ? 122  VAL A CG1 1 
ATOM   842  C CG2 . VAL A 1 122 ? -10.673 -1.656  11.612  1.00 20.95 ? 122  VAL A CG2 1 
ATOM   843  N N   . THR A 1 123 ? -14.616 -0.261  13.794  1.00 28.17 ? 123  THR A N   1 
ATOM   844  C CA  . THR A 1 123 ? -15.549 -0.182  14.896  1.00 32.09 ? 123  THR A CA  1 
ATOM   845  C C   . THR A 1 123 ? -16.532 -1.360  14.874  1.00 34.27 ? 123  THR A C   1 
ATOM   846  O O   . THR A 1 123 ? -16.813 -1.967  13.825  1.00 33.60 ? 123  THR A O   1 
ATOM   847  C CB  . THR A 1 123 ? -16.274 1.185   14.917  1.00 32.51 ? 123  THR A CB  1 
ATOM   848  O OG1 . THR A 1 123 ? -17.256 1.229   13.889  1.00 33.17 ? 123  THR A OG1 1 
ATOM   849  C CG2 . THR A 1 123 ? -15.280 2.327   14.669  1.00 32.76 ? 123  THR A CG2 1 
ATOM   850  N N   . ASN A 1 124 ? -17.026 -1.702  16.053  1.00 36.99 ? 124  ASN A N   1 
ATOM   851  C CA  . ASN A 1 124 ? -18.004 -2.763  16.170  1.00 39.36 ? 124  ASN A CA  1 
ATOM   852  C C   . ASN A 1 124 ? -19.425 -2.223  16.088  1.00 40.38 ? 124  ASN A C   1 
ATOM   853  O O   . ASN A 1 124 ? -19.965 -1.784  17.104  1.00 41.36 ? 124  ASN A O   1 
ATOM   854  C CB  . ASN A 1 124 ? -17.826 -3.528  17.479  1.00 39.88 ? 124  ASN A CB  1 
ATOM   855  C CG  . ASN A 1 124 ? -18.797 -4.687  17.589  1.00 42.60 ? 124  ASN A CG  1 
ATOM   856  O OD1 . ASN A 1 124 ? -19.974 -4.553  17.217  1.00 44.99 ? 124  ASN A OD1 1 
ATOM   857  N ND2 . ASN A 1 124 ? -18.317 -5.835  18.074  1.00 43.59 ? 124  ASN A ND2 1 
ATOM   858  N N   . CYS B 1 10  ? 23.559  0.001   -5.035  1.00 40.72 ? 10   CYS B N   1 
ATOM   859  C CA  . CYS B 1 10  ? 22.168  -0.571  -5.038  1.00 41.22 ? 10   CYS B CA  1 
ATOM   860  C C   . CYS B 1 10  ? 21.158  0.420   -5.572  1.00 39.28 ? 10   CYS B C   1 
ATOM   861  O O   . CYS B 1 10  ? 20.886  1.441   -4.955  1.00 39.48 ? 10   CYS B O   1 
ATOM   862  C CB  . CYS B 1 10  ? 21.751  -1.006  -3.636  1.00 41.85 ? 10   CYS B CB  1 
ATOM   863  S SG  . CYS B 1 10  ? 23.124  -1.646  -2.666  1.00 49.23 ? 10   CYS B SG  1 
ATOM   864  N N   . PRO B 1 11  ? 20.576  0.118   -6.725  1.00 37.64 ? 11   PRO B N   1 
ATOM   865  C CA  . PRO B 1 11  ? 19.632  1.063   -7.269  1.00 36.09 ? 11   PRO B CA  1 
ATOM   866  C C   . PRO B 1 11  ? 18.324  1.126   -6.452  1.00 33.97 ? 11   PRO B C   1 
ATOM   867  O O   . PRO B 1 11  ? 17.597  2.098   -6.552  1.00 33.95 ? 11   PRO B O   1 
ATOM   868  C CB  . PRO B 1 11  ? 19.365  0.507   -8.673  1.00 36.52 ? 11   PRO B CB  1 
ATOM   869  C CG  . PRO B 1 11  ? 19.574  -0.964  -8.527  1.00 36.74 ? 11   PRO B CG  1 
ATOM   870  C CD  . PRO B 1 11  ? 20.737  -1.070  -7.575  1.00 37.71 ? 11   PRO B CD  1 
ATOM   871  N N   . LEU B 1 12  ? 18.036  0.114   -5.652  1.00 31.66 ? 12   LEU B N   1 
ATOM   872  C CA  . LEU B 1 12  ? 16.783  0.078   -4.926  1.00 29.81 ? 12   LEU B CA  1 
ATOM   873  C C   . LEU B 1 12  ? 17.004  -0.418  -3.523  1.00 29.15 ? 12   LEU B C   1 
ATOM   874  O O   . LEU B 1 12  ? 17.513  -1.519  -3.331  1.00 28.28 ? 12   LEU B O   1 
ATOM   875  C CB  . LEU B 1 12  ? 15.793  -0.859  -5.615  1.00 29.82 ? 12   LEU B CB  1 
ATOM   876  C CG  . LEU B 1 12  ? 14.511  -1.116  -4.818  1.00 29.07 ? 12   LEU B CG  1 
ATOM   877  C CD1 . LEU B 1 12  ? 13.567  0.059   -4.975  1.00 27.52 ? 12   LEU B CD1 1 
ATOM   878  C CD2 . LEU B 1 12  ? 13.818  -2.440  -5.223  1.00 27.04 ? 12   LEU B CD2 1 
ATOM   879  N N   . MET B 1 13  ? 16.610  0.386   -2.540  1.00 27.25 ? 13   MET B N   1 
ATOM   880  C CA  . MET B 1 13  ? 16.753  0.020   -1.130  1.00 28.23 ? 13   MET B CA  1 
ATOM   881  C C   . MET B 1 13  ? 15.411  0.154   -0.417  1.00 26.17 ? 13   MET B C   1 
ATOM   882  O O   . MET B 1 13  ? 14.559  0.978   -0.801  1.00 24.99 ? 13   MET B O   1 
ATOM   883  C CB  . MET B 1 13  ? 17.809  0.896   -0.435  1.00 27.57 ? 13   MET B CB  1 
ATOM   884  C CG  . MET B 1 13  ? 19.224  0.670   -0.982  1.00 31.61 ? 13   MET B CG  1 
ATOM   885  S SD  . MET B 1 13  ? 20.355  2.079   -0.873  1.00 38.32 ? 13   MET B SD  1 
ATOM   886  C CE  . MET B 1 13  ? 19.752  3.169   -2.178  1.00 38.34 ? 13   MET B CE  1 
ATOM   887  N N   . VAL B 1 14  ? 15.221  -0.664  0.608   1.00 24.56 ? 14   VAL B N   1 
ATOM   888  C CA  . VAL B 1 14  ? 14.011  -0.582  1.400   1.00 23.74 ? 14   VAL B CA  1 
ATOM   889  C C   . VAL B 1 14  ? 14.408  -0.410  2.851   1.00 23.76 ? 14   VAL B C   1 
ATOM   890  O O   . VAL B 1 14  ? 15.349  -1.063  3.343   1.00 24.80 ? 14   VAL B O   1 
ATOM   891  C CB  . VAL B 1 14  ? 13.129  -1.826  1.179   1.00 23.37 ? 14   VAL B CB  1 
ATOM   892  C CG1 . VAL B 1 14  ? 11.876  -1.761  2.031   1.00 23.37 ? 14   VAL B CG1 1 
ATOM   893  C CG2 . VAL B 1 14  ? 12.790  -1.948  -0.313  1.00 21.96 ? 14   VAL B CG2 1 
ATOM   894  N N   . LYS B 1 15  ? 13.731  0.488   3.541   1.00 23.06 ? 15   LYS B N   1 
ATOM   895  C CA  . LYS B 1 15  ? 13.942  0.643   4.987   1.00 23.36 ? 15   LYS B CA  1 
ATOM   896  C C   . LYS B 1 15  ? 12.635  0.624   5.755   1.00 22.14 ? 15   LYS B C   1 
ATOM   897  O O   . LYS B 1 15  ? 11.720  1.365   5.419   1.00 21.53 ? 15   LYS B O   1 
ATOM   898  C CB  . LYS B 1 15  ? 14.695  1.939   5.314   1.00 23.38 ? 15   LYS B CB  1 
ATOM   899  C CG  . LYS B 1 15  ? 14.919  2.116   6.819   1.00 27.35 ? 15   LYS B CG  1 
ATOM   900  C CD  . LYS B 1 15  ? 15.963  3.213   7.096   1.00 34.56 ? 15   LYS B CD  1 
ATOM   901  C CE  . LYS B 1 15  ? 16.180  3.426   8.593   1.00 37.78 ? 15   LYS B CE  1 
ATOM   902  N NZ  . LYS B 1 15  ? 17.036  2.364   9.256   1.00 42.81 ? 15   LYS B NZ  1 
ATOM   903  N N   . VAL B 1 16  ? 12.560  -0.218  6.782   1.00 21.63 ? 16   VAL B N   1 
ATOM   904  C CA  . VAL B 1 16  ? 11.329  -0.438  7.506   1.00 20.73 ? 16   VAL B CA  1 
ATOM   905  C C   . VAL B 1 16  ? 11.487  -0.031  8.976   1.00 21.18 ? 16   VAL B C   1 
ATOM   906  O O   . VAL B 1 16  ? 12.407  -0.498  9.690   1.00 21.49 ? 16   VAL B O   1 
ATOM   907  C CB  . VAL B 1 16  ? 10.873  -1.947  7.427   1.00 21.17 ? 16   VAL B CB  1 
ATOM   908  C CG1 . VAL B 1 16  ? 9.433   -2.116  7.968   1.00 17.58 ? 16   VAL B CG1 1 
ATOM   909  C CG2 . VAL B 1 16  ? 10.980  -2.451  6.036   1.00 20.65 ? 16   VAL B CG2 1 
ATOM   910  N N   . LEU B 1 17  ? 10.586  0.827   9.445   1.00 20.36 ? 17   LEU B N   1 
ATOM   911  C CA  . LEU B 1 17  ? 10.679  1.339   10.801  1.00 19.01 ? 17   LEU B CA  1 
ATOM   912  C C   . LEU B 1 17  ? 9.443   0.917   11.555  1.00 17.88 ? 17   LEU B C   1 
ATOM   913  O O   . LEU B 1 17  ? 8.359   0.779   10.968  1.00 17.16 ? 17   LEU B O   1 
ATOM   914  C CB  . LEU B 1 17  ? 10.773  2.864   10.803  1.00 19.91 ? 17   LEU B CB  1 
ATOM   915  C CG  . LEU B 1 17  ? 11.881  3.500   9.969   1.00 21.53 ? 17   LEU B CG  1 
ATOM   916  C CD1 . LEU B 1 17  ? 11.856  4.979   10.164  1.00 23.80 ? 17   LEU B CD1 1 
ATOM   917  C CD2 . LEU B 1 17  ? 13.160  2.930   10.494  1.00 23.14 ? 17   LEU B CD2 1 
ATOM   918  N N   . ASP B 1 18  ? 9.626   0.720   12.855  1.00 16.74 ? 18   ASP B N   1 
ATOM   919  C CA  . ASP B 1 18  ? 8.584   0.306   13.778  1.00 16.45 ? 18   ASP B CA  1 
ATOM   920  C C   . ASP B 1 18  ? 8.189   1.522   14.639  1.00 16.02 ? 18   ASP B C   1 
ATOM   921  O O   . ASP B 1 18  ? 9.007   2.027   15.405  1.00 15.56 ? 18   ASP B O   1 
ATOM   922  C CB  . ASP B 1 18  ? 9.120   -0.817  14.670  1.00 16.34 ? 18   ASP B CB  1 
ATOM   923  C CG  . ASP B 1 18  ? 8.102   -1.314  15.671  1.00 17.93 ? 18   ASP B CG  1 
ATOM   924  O OD1 . ASP B 1 18  ? 7.187   -0.549  16.038  1.00 21.21 ? 18   ASP B OD1 1 
ATOM   925  O OD2 . ASP B 1 18  ? 8.205   -2.484  16.103  1.00 20.14 ? 18   ASP B OD2 1 
ATOM   926  N N   . ALA B 1 19  ? 6.967   2.010   14.463  1.00 15.12 ? 19   ALA B N   1 
ATOM   927  C CA  . ALA B 1 19  ? 6.433   3.186   15.167  1.00 15.51 ? 19   ALA B CA  1 
ATOM   928  C C   . ALA B 1 19  ? 5.954   2.866   16.583  1.00 17.82 ? 19   ALA B C   1 
ATOM   929  O O   . ALA B 1 19  ? 5.644   3.776   17.360  1.00 18.72 ? 19   ALA B O   1 
ATOM   930  C CB  . ALA B 1 19  ? 5.250   3.731   14.382  1.00 16.40 ? 19   ALA B CB  1 
ATOM   931  N N   . VAL B 1 20  ? 5.859   1.582   16.920  1.00 18.31 ? 20   VAL B N   1 
ATOM   932  C CA  . VAL B 1 20  ? 5.452   1.224   18.264  1.00 20.14 ? 20   VAL B CA  1 
ATOM   933  C C   . VAL B 1 20  ? 6.658   1.110   19.170  1.00 21.40 ? 20   VAL B C   1 
ATOM   934  O O   . VAL B 1 20  ? 6.621   1.577   20.301  1.00 23.62 ? 20   VAL B O   1 
ATOM   935  C CB  . VAL B 1 20  ? 4.709   -0.092  18.305  1.00 19.04 ? 20   VAL B CB  1 
ATOM   936  C CG1 . VAL B 1 20  ? 4.499   -0.545  19.778  1.00 20.47 ? 20   VAL B CG1 1 
ATOM   937  C CG2 . VAL B 1 20  ? 3.394   0.021   17.590  1.00 20.62 ? 20   VAL B CG2 1 
ATOM   938  N N   . ARG B 1 21  ? 7.704   0.458   18.685  1.00 22.39 ? 21   ARG B N   1 
ATOM   939  C CA  . ARG B 1 21  ? 8.918   0.216   19.480  1.00 24.27 ? 21   ARG B CA  1 
ATOM   940  C C   . ARG B 1 21  ? 9.912   1.366   19.340  1.00 23.70 ? 21   ARG B C   1 
ATOM   941  O O   . ARG B 1 21  ? 10.806  1.509   20.167  1.00 22.87 ? 21   ARG B O   1 
ATOM   942  C CB  . ARG B 1 21  ? 9.582   -1.101  19.042  1.00 24.13 ? 21   ARG B CB  1 
ATOM   943  C CG  . ARG B 1 21  ? 8.776   -2.354  19.411  1.00 27.60 ? 21   ARG B CG  1 
ATOM   944  C CD  . ARG B 1 21  ? 9.239   -3.597  18.598  1.00 26.77 ? 21   ARG B CD  1 
ATOM   945  N NE  . ARG B 1 21  ? 10.631  -3.976  18.853  1.00 30.45 ? 21   ARG B NE  1 
ATOM   946  N N   . GLY B 1 22  ? 9.740   2.186   18.296  1.00 23.59 ? 22   GLY B N   1 
ATOM   947  C CA  . GLY B 1 22  ? 10.649  3.304   18.026  1.00 23.82 ? 22   GLY B CA  1 
ATOM   948  C C   . GLY B 1 22  ? 12.021  2.819   17.551  1.00 24.36 ? 22   GLY B C   1 
ATOM   949  O O   . GLY B 1 22  ? 13.067  3.356   17.940  1.00 24.31 ? 22   GLY B O   1 
ATOM   950  N N   . SER B 1 23  ? 12.029  1.798   16.701  1.00 24.57 ? 23   SER B N   1 
ATOM   951  C CA  . SER B 1 23  ? 13.278  1.209   16.238  1.00 25.17 ? 23   SER B CA  1 
ATOM   952  C C   . SER B 1 23  ? 13.115  0.696   14.823  1.00 24.90 ? 23   SER B C   1 
ATOM   953  O O   . SER B 1 23  ? 11.999  0.596   14.322  1.00 24.80 ? 23   SER B O   1 
ATOM   954  C CB  . SER B 1 23  ? 13.626  0.012   17.122  1.00 25.67 ? 23   SER B CB  1 
ATOM   955  O OG  . SER B 1 23  ? 12.818  -1.065  16.683  1.00 30.60 ? 23   SER B OG  1 
ATOM   956  N N   . PRO B 1 24  ? 14.226  0.362   14.150  1.00 24.61 ? 24   PRO B N   1 
ATOM   957  C CA  . PRO B 1 24  ? 14.004  -0.275  12.856  1.00 24.49 ? 24   PRO B CA  1 
ATOM   958  C C   . PRO B 1 24  ? 13.216  -1.569  13.009  1.00 24.39 ? 24   PRO B C   1 
ATOM   959  O O   . PRO B 1 24  ? 13.207  -2.177  14.112  1.00 24.59 ? 24   PRO B O   1 
ATOM   960  C CB  . PRO B 1 24  ? 15.414  -0.565  12.309  1.00 24.25 ? 24   PRO B CB  1 
ATOM   961  C CG  . PRO B 1 24  ? 16.387  0.039   13.280  1.00 24.76 ? 24   PRO B CG  1 
ATOM   962  C CD  . PRO B 1 24  ? 15.642  0.573   14.476  1.00 24.74 ? 24   PRO B CD  1 
ATOM   963  N N   . ALA B 1 25  ? 12.517  -1.961  11.938  1.00 24.00 ? 25   ALA B N   1 
ATOM   964  C CA  . ALA B 1 25  ? 11.791  -3.214  11.944  1.00 23.40 ? 25   ALA B CA  1 
ATOM   965  C C   . ALA B 1 25  ? 12.671  -4.346  11.431  1.00 23.94 ? 25   ALA B C   1 
ATOM   966  O O   . ALA B 1 25  ? 12.985  -4.435  10.235  1.00 22.44 ? 25   ALA B O   1 
ATOM   967  C CB  . ALA B 1 25  ? 10.516  -3.123  11.151  1.00 23.93 ? 25   ALA B CB  1 
ATOM   968  N N   . ILE B 1 26  ? 13.025  -5.229  12.365  1.00 24.40 ? 26   ILE B N   1 
ATOM   969  C CA  . ILE B 1 26  ? 13.994  -6.281  12.119  1.00 26.04 ? 26   ILE B CA  1 
ATOM   970  C C   . ILE B 1 26  ? 13.322  -7.574  11.722  1.00 26.09 ? 26   ILE B C   1 
ATOM   971  O O   . ILE B 1 26  ? 12.267  -7.934  12.250  1.00 26.02 ? 26   ILE B O   1 
ATOM   972  C CB  . ILE B 1 26  ? 14.837  -6.475  13.392  1.00 26.40 ? 26   ILE B CB  1 
ATOM   973  C CG1 . ILE B 1 26  ? 15.504  -5.131  13.736  1.00 27.68 ? 26   ILE B CG1 1 
ATOM   974  C CG2 . ILE B 1 26  ? 15.874  -7.587  13.225  1.00 29.35 ? 26   ILE B CG2 1 
ATOM   975  C CD1 . ILE B 1 26  ? 16.342  -5.112  14.966  1.00 30.41 ? 26   ILE B CD1 1 
ATOM   976  N N   . ASN B 1 27  ? 13.945  -8.277  10.787  1.00 26.51 ? 27   ASN B N   1 
ATOM   977  C CA  . ASN B 1 27  ? 13.499  -9.634  10.421  1.00 26.98 ? 27   ASN B CA  1 
ATOM   978  C C   . ASN B 1 27  ? 12.203  -9.567  9.677   1.00 26.26 ? 27   ASN B C   1 
ATOM   979  O O   . ASN B 1 27  ? 11.438  -10.533 9.653   1.00 26.58 ? 27   ASN B O   1 
ATOM   980  C CB  . ASN B 1 27  ? 13.325  -10.528 11.646  1.00 27.58 ? 27   ASN B CB  1 
ATOM   981  C CG  . ASN B 1 27  ? 14.653  -10.961 12.248  1.00 31.76 ? 27   ASN B CG  1 
ATOM   982  O OD1 . ASN B 1 27  ? 15.692  -10.925 11.565  1.00 35.17 ? 27   ASN B OD1 1 
ATOM   983  N ND2 . ASN B 1 27  ? 14.635  -11.365 13.535  1.00 35.27 ? 27   ASN B ND2 1 
ATOM   984  N N   . VAL B 1 28  ? 11.935  -8.411  9.085   1.00 24.63 ? 28   VAL B N   1 
ATOM   985  C CA  . VAL B 1 28  ? 10.771  -8.310  8.220   1.00 24.07 ? 28   VAL B CA  1 
ATOM   986  C C   . VAL B 1 28  ? 11.054  -8.806  6.796   1.00 23.37 ? 28   VAL B C   1 
ATOM   987  O O   . VAL B 1 28  ? 12.083  -8.464  6.195   1.00 22.59 ? 28   VAL B O   1 
ATOM   988  C CB  . VAL B 1 28  ? 10.208  -6.878  8.140   1.00 24.13 ? 28   VAL B CB  1 
ATOM   989  C CG1 . VAL B 1 28  ? 8.945   -6.915  7.298   1.00 23.00 ? 28   VAL B CG1 1 
ATOM   990  C CG2 . VAL B 1 28  ? 9.875   -6.387  9.525   1.00 22.28 ? 28   VAL B CG2 1 
ATOM   991  N N   . ALA B 1 29  ? 10.110  -9.581  6.265   1.00 22.86 ? 29   ALA B N   1 
ATOM   992  C CA  . ALA B 1 29  ? 10.213  -10.121 4.928   1.00 22.98 ? 29   ALA B CA  1 
ATOM   993  C C   . ALA B 1 29  ? 9.772   -9.103  3.874   1.00 23.28 ? 29   ALA B C   1 
ATOM   994  O O   . ALA B 1 29  ? 8.674   -8.558  3.953   1.00 23.84 ? 29   ALA B O   1 
ATOM   995  C CB  . ALA B 1 29  ? 9.348   -11.360 4.819   1.00 23.51 ? 29   ALA B CB  1 
ATOM   996  N N   . VAL B 1 30  ? 10.616  -8.891  2.867   1.00 23.29 ? 30   VAL B N   1 
ATOM   997  C CA  . VAL B 1 30  ? 10.367  -7.899  1.828   1.00 22.48 ? 30   VAL B CA  1 
ATOM   998  C C   . VAL B 1 30  ? 10.436  -8.565  0.457   1.00 23.37 ? 30   VAL B C   1 
ATOM   999  O O   . VAL B 1 30  ? 11.488  -9.077  0.050   1.00 23.35 ? 30   VAL B O   1 
ATOM   1000 C CB  . VAL B 1 30  ? 11.421  -6.751  1.870   1.00 22.66 ? 30   VAL B CB  1 
ATOM   1001 C CG1 . VAL B 1 30  ? 11.172  -5.763  0.755   1.00 22.26 ? 30   VAL B CG1 1 
ATOM   1002 C CG2 . VAL B 1 30  ? 11.408  -6.037  3.181   1.00 20.52 ? 30   VAL B CG2 1 
ATOM   1003 N N   . HIS B 1 31  ? 9.318   -8.591  -0.260  1.00 22.84 ? 31   HIS B N   1 
ATOM   1004 C CA  . HIS B 1 31  ? 9.328   -9.226  -1.558  1.00 22.76 ? 31   HIS B CA  1 
ATOM   1005 C C   . HIS B 1 31  ? 9.128   -8.149  -2.612  1.00 23.19 ? 31   HIS B C   1 
ATOM   1006 O O   . HIS B 1 31  ? 8.280   -7.259  -2.449  1.00 23.63 ? 31   HIS B O   1 
ATOM   1007 C CB  . HIS B 1 31  ? 8.194   -10.229 -1.629  1.00 24.01 ? 31   HIS B CB  1 
ATOM   1008 C CG  . HIS B 1 31  ? 8.335   -11.378 -0.683  1.00 24.79 ? 31   HIS B CG  1 
ATOM   1009 N ND1 . HIS B 1 31  ? 8.798   -12.615 -1.081  1.00 28.25 ? 31   HIS B ND1 1 
ATOM   1010 C CD2 . HIS B 1 31  ? 8.046   -11.490 0.633   1.00 27.52 ? 31   HIS B CD2 1 
ATOM   1011 C CE1 . HIS B 1 31  ? 8.790   -13.439 -0.047  1.00 29.28 ? 31   HIS B CE1 1 
ATOM   1012 N NE2 . HIS B 1 31  ? 8.330   -12.784 1.003   1.00 28.23 ? 31   HIS B NE2 1 
ATOM   1013 N N   . VAL B 1 32  ? 9.894   -8.213  -3.688  1.00 23.05 ? 32   VAL B N   1 
ATOM   1014 C CA  . VAL B 1 32  ? 9.748   -7.236  -4.763  1.00 22.50 ? 32   VAL B CA  1 
ATOM   1015 C C   . VAL B 1 32  ? 9.322   -7.965  -6.023  1.00 23.61 ? 32   VAL B C   1 
ATOM   1016 O O   . VAL B 1 32  ? 9.831   -9.058  -6.332  1.00 23.72 ? 32   VAL B O   1 
ATOM   1017 C CB  . VAL B 1 32  ? 11.076  -6.509  -5.053  1.00 22.39 ? 32   VAL B CB  1 
ATOM   1018 C CG1 . VAL B 1 32  ? 10.933  -5.485  -6.202  1.00 21.54 ? 32   VAL B CG1 1 
ATOM   1019 C CG2 . VAL B 1 32  ? 11.639  -5.878  -3.796  1.00 21.85 ? 32   VAL B CG2 1 
ATOM   1020 N N   . PHE B 1 33  ? 8.427   -7.349  -6.782  1.00 23.83 ? 33   PHE B N   1 
ATOM   1021 C CA  . PHE B 1 33  ? 7.903   -7.973  -7.978  1.00 24.51 ? 33   PHE B CA  1 
ATOM   1022 C C   . PHE B 1 33  ? 7.970   -6.951  -9.071  1.00 25.56 ? 33   PHE B C   1 
ATOM   1023 O O   . PHE B 1 33  ? 7.973   -5.753  -8.797  1.00 23.81 ? 33   PHE B O   1 
ATOM   1024 C CB  . PHE B 1 33  ? 6.457   -8.400  -7.799  1.00 24.86 ? 33   PHE B CB  1 
ATOM   1025 C CG  . PHE B 1 33  ? 6.240   -9.347  -6.652  1.00 25.59 ? 33   PHE B CG  1 
ATOM   1026 C CD1 . PHE B 1 33  ? 6.305   -10.709 -6.847  1.00 27.37 ? 33   PHE B CD1 1 
ATOM   1027 C CD2 . PHE B 1 33  ? 5.934   -8.864  -5.398  1.00 25.56 ? 33   PHE B CD2 1 
ATOM   1028 C CE1 . PHE B 1 33  ? 6.098   -11.586 -5.783  1.00 27.01 ? 33   PHE B CE1 1 
ATOM   1029 C CE2 . PHE B 1 33  ? 5.727   -9.709  -4.339  1.00 27.00 ? 33   PHE B CE2 1 
ATOM   1030 C CZ  . PHE B 1 33  ? 5.816   -11.091 -4.547  1.00 28.17 ? 33   PHE B CZ  1 
ATOM   1031 N N   . ARG B 1 34  ? 8.004   -7.436  -10.307 1.00 27.04 ? 34   ARG B N   1 
ATOM   1032 C CA  . ARG B 1 34  ? 8.068   -6.580  -11.468 1.00 29.30 ? 34   ARG B CA  1 
ATOM   1033 C C   . ARG B 1 34  ? 6.897   -6.930  -12.386 1.00 30.92 ? 34   ARG B C   1 
ATOM   1034 O O   . ARG B 1 34  ? 6.575   -8.088  -12.573 1.00 30.85 ? 34   ARG B O   1 
ATOM   1035 C CB  . ARG B 1 34  ? 9.405   -6.768  -12.177 1.00 29.58 ? 34   ARG B CB  1 
ATOM   1036 C CG  . ARG B 1 34  ? 9.541   -5.835  -13.361 1.00 31.34 ? 34   ARG B CG  1 
ATOM   1037 C CD  . ARG B 1 34  ? 10.824  -6.049  -14.134 1.00 37.17 ? 34   ARG B CD  1 
ATOM   1038 N NE  . ARG B 1 34  ? 11.041  -4.902  -15.017 1.00 40.33 ? 34   ARG B NE  1 
ATOM   1039 C CZ  . ARG B 1 34  ? 10.526  -4.787  -16.240 1.00 42.25 ? 34   ARG B CZ  1 
ATOM   1040 N NH1 . ARG B 1 34  ? 9.774   -5.761  -16.745 1.00 40.96 ? 34   ARG B NH1 1 
ATOM   1041 N NH2 . ARG B 1 34  ? 10.781  -3.699  -16.959 1.00 43.32 ? 34   ARG B NH2 1 
ATOM   1042 N N   . LYS B 1 35  ? 6.229   -5.943  -12.950 1.00 33.32 ? 35   LYS B N   1 
ATOM   1043 C CA  . LYS B 1 35  ? 5.049   -6.286  -13.729 1.00 35.87 ? 35   LYS B CA  1 
ATOM   1044 C C   . LYS B 1 35  ? 5.413   -6.886  -15.088 1.00 37.38 ? 35   LYS B C   1 
ATOM   1045 O O   . LYS B 1 35  ? 6.133   -6.272  -15.868 1.00 37.05 ? 35   LYS B O   1 
ATOM   1046 C CB  . LYS B 1 35  ? 4.123   -5.078  -13.905 1.00 36.15 ? 35   LYS B CB  1 
ATOM   1047 C CG  . LYS B 1 35  ? 2.681   -5.491  -13.942 1.00 37.23 ? 35   LYS B CG  1 
ATOM   1048 C CD  . LYS B 1 35  ? 1.723   -4.315  -14.072 1.00 40.10 ? 35   LYS B CD  1 
ATOM   1049 C CE  . LYS B 1 35  ? 0.303   -4.770  -13.738 1.00 42.24 ? 35   LYS B CE  1 
ATOM   1050 N NZ  . LYS B 1 35  ? -0.743  -3.942  -14.423 1.00 44.28 ? 35   LYS B NZ  1 
ATOM   1051 N N   . ALA B 1 36  ? 4.899   -8.086  -15.343 1.00 39.65 ? 36   ALA B N   1 
ATOM   1052 C CA  . ALA B 1 36  ? 5.071   -8.799  -16.614 1.00 42.27 ? 36   ALA B CA  1 
ATOM   1053 C C   . ALA B 1 36  ? 4.075   -8.326  -17.698 1.00 43.86 ? 36   ALA B C   1 
ATOM   1054 O O   . ALA B 1 36  ? 3.073   -7.654  -17.393 1.00 44.32 ? 36   ALA B O   1 
ATOM   1055 C CB  . ALA B 1 36  ? 4.917   -10.319 -16.366 1.00 42.17 ? 36   ALA B CB  1 
ATOM   1056 N N   . ALA B 1 37  ? 4.327   -8.699  -18.959 1.00 45.80 ? 37   ALA B N   1 
ATOM   1057 C CA  . ALA B 1 37  ? 3.433   -8.303  -20.080 1.00 46.80 ? 37   ALA B CA  1 
ATOM   1058 C C   . ALA B 1 37  ? 1.993   -8.813  -19.935 1.00 47.50 ? 37   ALA B C   1 
ATOM   1059 O O   . ALA B 1 37  ? 1.063   -8.233  -20.496 1.00 48.00 ? 37   ALA B O   1 
ATOM   1060 C CB  . ALA B 1 37  ? 4.012   -8.727  -21.409 1.00 46.94 ? 37   ALA B CB  1 
ATOM   1061 N N   . ASP B 1 38  ? 1.814   -9.902  -19.189 1.00 48.08 ? 38   ASP B N   1 
ATOM   1062 C CA  . ASP B 1 38  ? 0.478   -10.447 -18.936 1.00 48.28 ? 38   ASP B CA  1 
ATOM   1063 C C   . ASP B 1 38  ? -0.157  -9.706  -17.765 1.00 48.55 ? 38   ASP B C   1 
ATOM   1064 O O   . ASP B 1 38  ? -1.183  -10.125 -17.220 1.00 48.61 ? 38   ASP B O   1 
ATOM   1065 N N   . ASP B 1 39  ? 0.468   -8.603  -17.373 1.00 48.70 ? 39   ASP B N   1 
ATOM   1066 C CA  . ASP B 1 39  ? 0.034   -7.865  -16.193 1.00 48.75 ? 39   ASP B CA  1 
ATOM   1067 C C   . ASP B 1 39  ? 0.052   -8.743  -14.955 1.00 47.75 ? 39   ASP B C   1 
ATOM   1068 O O   . ASP B 1 39  ? -0.702  -8.520  -14.021 1.00 48.60 ? 39   ASP B O   1 
ATOM   1069 C CB  . ASP B 1 39  ? -1.362  -7.260  -16.395 1.00 49.24 ? 39   ASP B CB  1 
ATOM   1070 C CG  . ASP B 1 39  ? -1.306  -5.829  -16.935 1.00 50.78 ? 39   ASP B CG  1 
ATOM   1071 O OD1 . ASP B 1 39  ? -0.190  -5.344  -17.274 1.00 50.24 ? 39   ASP B OD1 1 
ATOM   1072 O OD2 . ASP B 1 39  ? -2.382  -5.188  -17.007 1.00 53.11 ? 39   ASP B OD2 1 
ATOM   1073 N N   . THR B 1 40  ? 0.906   -9.753  -14.947 1.00 46.48 ? 40   THR B N   1 
ATOM   1074 C CA  . THR B 1 40  ? 1.084   -10.550 -13.740 1.00 44.95 ? 40   THR B CA  1 
ATOM   1075 C C   . THR B 1 40  ? 2.372   -10.141 -13.005 1.00 43.07 ? 40   THR B C   1 
ATOM   1076 O O   . THR B 1 40  ? 3.291   -9.597  -13.591 1.00 42.47 ? 40   THR B O   1 
ATOM   1077 C CB  . THR B 1 40  ? 1.149   -12.034 -14.072 1.00 45.14 ? 40   THR B CB  1 
ATOM   1078 O OG1 . THR B 1 40  ? 2.215   -12.249 -15.013 1.00 46.06 ? 40   THR B OG1 1 
ATOM   1079 C CG2 . THR B 1 40  ? -0.184  -12.499 -14.673 1.00 46.25 ? 40   THR B CG2 1 
ATOM   1080 N N   . TRP B 1 41  ? 2.438   -10.437 -11.723 1.00 41.57 ? 41   TRP B N   1 
ATOM   1081 C CA  . TRP B 1 41  ? 3.571   -10.014 -10.934 1.00 40.73 ? 41   TRP B CA  1 
ATOM   1082 C C   . TRP B 1 41  ? 4.668   -11.083 -10.860 1.00 39.95 ? 41   TRP B C   1 
ATOM   1083 O O   . TRP B 1 41  ? 4.527   -12.071 -10.129 1.00 40.60 ? 41   TRP B O   1 
ATOM   1084 C CB  . TRP B 1 41  ? 3.100   -9.638  -9.533  1.00 40.15 ? 41   TRP B CB  1 
ATOM   1085 C CG  . TRP B 1 41  ? 2.332   -8.346  -9.484  1.00 40.68 ? 41   TRP B CG  1 
ATOM   1086 C CD1 . TRP B 1 41  ? 0.988   -8.184  -9.224  1.00 40.46 ? 41   TRP B CD1 1 
ATOM   1087 C CD2 . TRP B 1 41  ? 2.862   -7.032  -9.678  1.00 39.88 ? 41   TRP B CD2 1 
ATOM   1088 N NE1 . TRP B 1 41  ? 0.662   -6.853  -9.256  1.00 40.03 ? 41   TRP B NE1 1 
ATOM   1089 C CE2 . TRP B 1 41  ? 1.793   -6.121  -9.529  1.00 40.75 ? 41   TRP B CE2 1 
ATOM   1090 C CE3 . TRP B 1 41  ? 4.140   -6.533  -9.956  1.00 38.82 ? 41   TRP B CE3 1 
ATOM   1091 C CZ2 . TRP B 1 41  ? 1.968   -4.734  -9.659  1.00 39.69 ? 41   TRP B CZ2 1 
ATOM   1092 C CZ3 . TRP B 1 41  ? 4.311   -5.158  -10.081 1.00 38.68 ? 41   TRP B CZ3 1 
ATOM   1093 C CH2 . TRP B 1 41  ? 3.235   -4.277  -9.933  1.00 38.96 ? 41   TRP B CH2 1 
ATOM   1094 N N   . GLU B 1 42  ? 5.760   -10.885 -11.600 1.00 38.53 ? 42   GLU B N   1 
ATOM   1095 C CA  . GLU B 1 42  ? 6.893   -11.825 -11.557 1.00 37.14 ? 42   GLU B CA  1 
ATOM   1096 C C   . GLU B 1 42  ? 7.769   -11.482 -10.346 1.00 34.93 ? 42   GLU B C   1 
ATOM   1097 O O   . GLU B 1 42  ? 8.163   -10.336 -10.194 1.00 34.09 ? 42   GLU B O   1 
ATOM   1098 C CB  . GLU B 1 42  ? 7.745   -11.730 -12.850 1.00 37.46 ? 42   GLU B CB  1 
ATOM   1099 C CG  . GLU B 1 42  ? 7.135   -12.365 -14.167 1.00 39.69 ? 42   GLU B CG  1 
ATOM   1100 C CD  . GLU B 1 42  ? 6.392   -13.689 -13.924 1.00 39.71 ? 42   GLU B CD  1 
ATOM   1101 N N   . PRO B 1 43  ? 8.082   -12.470 -9.490  1.00 33.64 ? 43   PRO B N   1 
ATOM   1102 C CA  . PRO B 1 43  ? 9.075   -12.259 -8.431  1.00 32.18 ? 43   PRO B CA  1 
ATOM   1103 C C   . PRO B 1 43  ? 10.362  -11.685 -8.978  1.00 31.01 ? 43   PRO B C   1 
ATOM   1104 O O   . PRO B 1 43  ? 10.867  -12.161 -10.004 1.00 31.28 ? 43   PRO B O   1 
ATOM   1105 C CB  . PRO B 1 43  ? 9.313   -13.669 -7.872  1.00 32.52 ? 43   PRO B CB  1 
ATOM   1106 C CG  . PRO B 1 43  ? 8.037   -14.357 -8.109  1.00 33.11 ? 43   PRO B CG  1 
ATOM   1107 C CD  . PRO B 1 43  ? 7.520   -13.822 -9.443  1.00 33.76 ? 43   PRO B CD  1 
ATOM   1108 N N   . PHE B 1 44  ? 10.900  -10.667 -8.301  1.00 29.55 ? 44   PHE B N   1 
ATOM   1109 C CA  . PHE B 1 44  ? 12.048  -9.929  -8.825  1.00 28.76 ? 44   PHE B CA  1 
ATOM   1110 C C   . PHE B 1 44  ? 13.204  -9.997  -7.826  1.00 28.00 ? 44   PHE B C   1 
ATOM   1111 O O   . PHE B 1 44  ? 14.359  -10.269 -8.178  1.00 28.23 ? 44   PHE B O   1 
ATOM   1112 C CB  . PHE B 1 44  ? 11.655  -8.465  -9.158  1.00 28.68 ? 44   PHE B CB  1 
ATOM   1113 C CG  . PHE B 1 44  ? 12.810  -7.601  -9.589  1.00 29.42 ? 44   PHE B CG  1 
ATOM   1114 C CD1 . PHE B 1 44  ? 13.346  -7.724  -10.860 1.00 31.25 ? 44   PHE B CD1 1 
ATOM   1115 C CD2 . PHE B 1 44  ? 13.343  -6.658  -8.727  1.00 30.32 ? 44   PHE B CD2 1 
ATOM   1116 C CE1 . PHE B 1 44  ? 14.420  -6.916  -11.278 1.00 32.16 ? 44   PHE B CE1 1 
ATOM   1117 C CE2 . PHE B 1 44  ? 14.438  -5.852  -9.104  1.00 32.48 ? 44   PHE B CE2 1 
ATOM   1118 C CZ  . PHE B 1 44  ? 14.976  -5.984  -10.408 1.00 32.60 ? 44   PHE B CZ  1 
ATOM   1119 N N   . ALA B 1 45  ? 12.882  -9.764  -6.572  1.00 25.91 ? 45   ALA B N   1 
ATOM   1120 C CA  . ALA B 1 45  ? 13.903  -9.711  -5.537  1.00 25.43 ? 45   ALA B CA  1 
ATOM   1121 C C   . ALA B 1 45  ? 13.195  -9.906  -4.221  1.00 24.43 ? 45   ALA B C   1 
ATOM   1122 O O   . ALA B 1 45  ? 11.961  -9.778  -4.152  1.00 23.88 ? 45   ALA B O   1 
ATOM   1123 C CB  . ALA B 1 45  ? 14.663  -8.395  -5.569  1.00 24.19 ? 45   ALA B CB  1 
ATOM   1124 N N   . SER B 1 46  ? 13.951  -10.309 -3.209  1.00 24.23 ? 46   SER B N   1 
ATOM   1125 C CA  . SER B 1 46  ? 13.418  -10.328 -1.869  1.00 24.73 ? 46   SER B CA  1 
ATOM   1126 C C   . SER B 1 46  ? 14.518  -10.374 -0.831  1.00 25.57 ? 46   SER B C   1 
ATOM   1127 O O   . SER B 1 46  ? 15.709  -10.421 -1.151  1.00 25.64 ? 46   SER B O   1 
ATOM   1128 C CB  . SER B 1 46  ? 12.388  -11.446 -1.686  1.00 25.31 ? 46   SER B CB  1 
ATOM   1129 O OG  . SER B 1 46  ? 12.964  -12.746 -1.614  1.00 24.69 ? 46   SER B OG  1 
ATOM   1130 N N   . GLY B 1 47  ? 14.121  -10.331 0.429   1.00 25.87 ? 47   GLY B N   1 
ATOM   1131 C CA  . GLY B 1 47  ? 15.095  -10.396 1.488   1.00 26.65 ? 47   GLY B CA  1 
ATOM   1132 C C   . GLY B 1 47  ? 14.427  -10.167 2.819   1.00 26.87 ? 47   GLY B C   1 
ATOM   1133 O O   . GLY B 1 47  ? 13.212  -10.005 2.899   1.00 27.24 ? 47   GLY B O   1 
ATOM   1134 N N   . LYS B 1 48  ? 15.199  -10.179 3.880   1.00 27.18 ? 48   LYS B N   1 
ATOM   1135 C CA  . LYS B 1 48  ? 14.615  -9.871  5.159   1.00 28.14 ? 48   LYS B CA  1 
ATOM   1136 C C   . LYS B 1 48  ? 15.412  -8.765  5.824   1.00 27.64 ? 48   LYS B C   1 
ATOM   1137 O O   . LYS B 1 48  ? 16.637  -8.664  5.662   1.00 27.65 ? 48   LYS B O   1 
ATOM   1138 C CB  . LYS B 1 48  ? 14.453  -11.117 6.035   1.00 28.52 ? 48   LYS B CB  1 
ATOM   1139 C CG  . LYS B 1 48  ? 15.718  -11.840 6.265   1.00 31.43 ? 48   LYS B CG  1 
ATOM   1140 N N   . THR B 1 49  ? 14.706  -7.881  6.514   1.00 26.52 ? 49   THR B N   1 
ATOM   1141 C CA  . THR B 1 49  ? 15.366  -6.686  6.983   1.00 26.06 ? 49   THR B CA  1 
ATOM   1142 C C   . THR B 1 49  ? 16.378  -7.041  8.074   1.00 27.20 ? 49   THR B C   1 
ATOM   1143 O O   . THR B 1 49  ? 16.120  -7.892  8.921   1.00 26.91 ? 49   THR B O   1 
ATOM   1144 C CB  . THR B 1 49  ? 14.364  -5.663  7.543   1.00 25.88 ? 49   THR B CB  1 
ATOM   1145 O OG1 . THR B 1 49  ? 13.667  -6.239  8.662   1.00 20.14 ? 49   THR B OG1 1 
ATOM   1146 C CG2 . THR B 1 49  ? 13.361  -5.219  6.440   1.00 24.03 ? 49   THR B CG2 1 
ATOM   1147 N N   . SER B 1 50  ? 17.515  -6.365  8.057   1.00 28.28 ? 50   SER B N   1 
ATOM   1148 C CA  . SER B 1 50  ? 18.511  -6.572  9.088   1.00 30.42 ? 50   SER B CA  1 
ATOM   1149 C C   . SER B 1 50  ? 18.245  -5.662  10.290  1.00 30.85 ? 50   SER B C   1 
ATOM   1150 O O   . SER B 1 50  ? 17.181  -5.020  10.388  1.00 30.45 ? 50   SER B O   1 
ATOM   1151 C CB  . SER B 1 50  ? 19.899  -6.281  8.518   1.00 30.99 ? 50   SER B CB  1 
ATOM   1152 O OG  . SER B 1 50  ? 20.009  -4.900  8.235   1.00 33.33 ? 50   SER B OG  1 
ATOM   1153 N N   . GLU B 1 51  ? 19.220  -5.605  11.198  1.00 30.90 ? 51   GLU B N   1 
ATOM   1154 C CA  . GLU B 1 51  ? 19.119  -4.791  12.414  1.00 30.99 ? 51   GLU B CA  1 
ATOM   1155 C C   . GLU B 1 51  ? 18.873  -3.319  12.099  1.00 30.45 ? 51   GLU B C   1 
ATOM   1156 O O   . GLU B 1 51  ? 18.352  -2.569  12.914  1.00 30.43 ? 51   GLU B O   1 
ATOM   1157 C CB  . GLU B 1 51  ? 20.393  -4.932  13.254  1.00 31.28 ? 51   GLU B CB  1 
ATOM   1158 C CG  . GLU B 1 51  ? 20.415  -6.198  14.129  1.00 34.77 ? 51   GLU B CG  1 
ATOM   1159 N N   . SER B 1 52  ? 19.259  -2.911  10.905  1.00 29.88 ? 52   SER B N   1 
ATOM   1160 C CA  . SER B 1 52  ? 19.073  -1.539  10.463  1.00 30.08 ? 52   SER B CA  1 
ATOM   1161 C C   . SER B 1 52  ? 17.678  -1.332  9.817   1.00 29.36 ? 52   SER B C   1 
ATOM   1162 O O   . SER B 1 52  ? 17.342  -0.218  9.389   1.00 28.88 ? 52   SER B O   1 
ATOM   1163 C CB  . SER B 1 52  ? 20.137  -1.215  9.423   1.00 30.33 ? 52   SER B CB  1 
ATOM   1164 O OG  . SER B 1 52  ? 19.763  -1.738  8.141   1.00 31.56 ? 52   SER B OG  1 
ATOM   1165 N N   . GLY B 1 53  ? 16.895  -2.410  9.739   1.00 28.96 ? 53   GLY B N   1 
ATOM   1166 C CA  . GLY B 1 53  ? 15.590  -2.378  9.107   1.00 28.79 ? 53   GLY B CA  1 
ATOM   1167 C C   . GLY B 1 53  ? 15.645  -2.420  7.581   1.00 29.31 ? 53   GLY B C   1 
ATOM   1168 O O   . GLY B 1 53  ? 14.664  -2.114  6.933   1.00 28.23 ? 53   GLY B O   1 
ATOM   1169 N N   . GLU B 1 54  ? 16.786  -2.803  7.015   1.00 29.15 ? 54   GLU B N   1 
ATOM   1170 C CA  . GLU B 1 54  ? 16.957  -2.862  5.580   1.00 30.35 ? 54   GLU B CA  1 
ATOM   1171 C C   . GLU B 1 54  ? 17.296  -4.290  5.161   1.00 30.78 ? 54   GLU B C   1 
ATOM   1172 O O   . GLU B 1 54  ? 18.047  -4.969  5.864   1.00 29.99 ? 54   GLU B O   1 
ATOM   1173 C CB  . GLU B 1 54  ? 18.112  -1.963  5.169   1.00 30.28 ? 54   GLU B CB  1 
ATOM   1174 C CG  . GLU B 1 54  ? 17.808  -0.501  5.303   1.00 35.13 ? 54   GLU B CG  1 
ATOM   1175 C CD  . GLU B 1 54  ? 18.921  0.384   4.767   1.00 40.64 ? 54   GLU B CD  1 
ATOM   1176 O OE1 . GLU B 1 54  ? 19.749  -0.077  3.933   1.00 42.34 ? 54   GLU B OE1 1 
ATOM   1177 O OE2 . GLU B 1 54  ? 18.959  1.559   5.184   1.00 44.36 ? 54   GLU B OE2 1 
ATOM   1178 N N   . PRO B 1 55  ? 16.778  -4.740  4.003   1.00 31.02 ? 55   PRO B N   1 
ATOM   1179 C CA  . PRO B 1 55  ? 17.244  -6.010  3.488   1.00 31.77 ? 55   PRO B CA  1 
ATOM   1180 C C   . PRO B 1 55  ? 18.568  -5.684  2.785   1.00 32.86 ? 55   PRO B C   1 
ATOM   1181 O O   . PRO B 1 55  ? 18.809  -4.523  2.496   1.00 33.21 ? 55   PRO B O   1 
ATOM   1182 C CB  . PRO B 1 55  ? 16.157  -6.406  2.475   1.00 31.30 ? 55   PRO B CB  1 
ATOM   1183 C CG  . PRO B 1 55  ? 15.254  -5.250  2.332   1.00 29.94 ? 55   PRO B CG  1 
ATOM   1184 C CD  . PRO B 1 55  ? 15.843  -4.095  3.072   1.00 30.99 ? 55   PRO B CD  1 
ATOM   1185 N N   . HIS B 1 56  ? 19.431  -6.667  2.533   1.00 34.28 ? 56   HIS B N   1 
ATOM   1186 C CA  . HIS B 1 56  ? 20.741  -6.368  1.919   1.00 34.81 ? 56   HIS B CA  1 
ATOM   1187 C C   . HIS B 1 56  ? 20.759  -6.724  0.429   1.00 35.33 ? 56   HIS B C   1 
ATOM   1188 O O   . HIS B 1 56  ? 20.318  -7.804  0.044   1.00 36.38 ? 56   HIS B O   1 
ATOM   1189 N N   . GLY B 1 57  ? 21.250  -5.805  -0.398  1.00 35.30 ? 57   GLY B N   1 
ATOM   1190 C CA  . GLY B 1 57  ? 21.475  -6.048  -1.828  1.00 35.73 ? 57   GLY B CA  1 
ATOM   1191 C C   . GLY B 1 57  ? 20.306  -6.636  -2.604  1.00 36.13 ? 57   GLY B C   1 
ATOM   1192 O O   . GLY B 1 57  ? 20.380  -7.775  -3.092  1.00 36.38 ? 57   GLY B O   1 
ATOM   1193 N N   . LEU B 1 58  ? 19.232  -5.865  -2.764  1.00 35.51 ? 58   LEU B N   1 
ATOM   1194 C CA  . LEU B 1 58  ? 18.047  -6.391  -3.430  1.00 34.86 ? 58   LEU B CA  1 
ATOM   1195 C C   . LEU B 1 58  ? 18.239  -6.635  -4.923  1.00 35.23 ? 58   LEU B C   1 
ATOM   1196 O O   . LEU B 1 58  ? 17.737  -7.606  -5.453  1.00 35.63 ? 58   LEU B O   1 
ATOM   1197 C CB  . LEU B 1 58  ? 16.859  -5.455  -3.246  1.00 34.59 ? 58   LEU B CB  1 
ATOM   1198 C CG  . LEU B 1 58  ? 16.214  -5.351  -1.876  1.00 33.76 ? 58   LEU B CG  1 
ATOM   1199 C CD1 . LEU B 1 58  ? 15.153  -4.267  -1.960  1.00 33.48 ? 58   LEU B CD1 1 
ATOM   1200 C CD2 . LEU B 1 58  ? 15.597  -6.689  -1.414  1.00 34.26 ? 58   LEU B CD2 1 
ATOM   1201 N N   . THR B 1 59  ? 18.908  -5.724  -5.614  1.00 34.87 ? 59   THR B N   1 
ATOM   1202 C CA  . THR B 1 59  ? 19.064  -5.866  -7.046  1.00 34.93 ? 59   THR B CA  1 
ATOM   1203 C C   . THR B 1 59  ? 20.341  -5.160  -7.523  1.00 35.12 ? 59   THR B C   1 
ATOM   1204 O O   . THR B 1 59  ? 21.122  -4.696  -6.706  1.00 34.82 ? 59   THR B O   1 
ATOM   1205 C CB  . THR B 1 59  ? 17.828  -5.317  -7.786  1.00 34.71 ? 59   THR B CB  1 
ATOM   1206 O OG1 . THR B 1 59  ? 17.954  -5.579  -9.185  1.00 35.39 ? 59   THR B OG1 1 
ATOM   1207 C CG2 . THR B 1 59  ? 17.669  -3.786  -7.585  1.00 34.68 ? 59   THR B CG2 1 
ATOM   1208 N N   . THR B 1 60  ? 20.542  -5.070  -8.840  1.00 34.78 ? 60   THR B N   1 
ATOM   1209 C CA  . THR B 1 60  ? 21.743  -4.471  -9.399  1.00 34.96 ? 60   THR B CA  1 
ATOM   1210 C C   . THR B 1 60  ? 21.357  -3.423  -10.433 1.00 34.94 ? 60   THR B C   1 
ATOM   1211 O O   . THR B 1 60  ? 20.241  -3.420  -10.936 1.00 35.08 ? 60   THR B O   1 
ATOM   1212 C CB  . THR B 1 60  ? 22.605  -5.546  -10.073 1.00 35.51 ? 60   THR B CB  1 
ATOM   1213 O OG1 . THR B 1 60  ? 21.888  -6.104  -11.181 1.00 35.51 ? 60   THR B OG1 1 
ATOM   1214 C CG2 . THR B 1 60  ? 22.904  -6.684  -9.079  1.00 35.77 ? 60   THR B CG2 1 
ATOM   1215 N N   . GLU B 1 61  ? 22.268  -2.523  -10.755 1.00 35.13 ? 61   GLU B N   1 
ATOM   1216 C CA  . GLU B 1 61  ? 21.968  -1.512  -11.758 1.00 35.90 ? 61   GLU B CA  1 
ATOM   1217 C C   . GLU B 1 61  ? 21.473  -2.135  -13.076 1.00 36.28 ? 61   GLU B C   1 
ATOM   1218 O O   . GLU B 1 61  ? 20.573  -1.599  -13.715 1.00 35.56 ? 61   GLU B O   1 
ATOM   1219 C CB  . GLU B 1 61  ? 23.205  -0.641  -12.026 1.00 36.76 ? 61   GLU B CB  1 
ATOM   1220 C CG  . GLU B 1 61  ? 23.375  0.554   -11.087 1.00 38.06 ? 61   GLU B CG  1 
ATOM   1221 N N   . GLU B 1 62  ? 22.063  -3.271  -13.475 1.00 36.30 ? 62   GLU B N   1 
ATOM   1222 C CA  . GLU B 1 62  ? 21.743  -3.905  -14.762 1.00 35.80 ? 62   GLU B CA  1 
ATOM   1223 C C   . GLU B 1 62  ? 20.301  -4.432  -14.835 1.00 35.54 ? 62   GLU B C   1 
ATOM   1224 O O   . GLU B 1 62  ? 19.640  -4.278  -15.874 1.00 34.52 ? 62   GLU B O   1 
ATOM   1225 C CB  . GLU B 1 62  ? 22.735  -5.038  -15.071 1.00 36.45 ? 62   GLU B CB  1 
ATOM   1226 N N   . GLU B 1 63  ? 19.837  -5.052  -13.740 1.00 34.68 ? 63   GLU B N   1 
ATOM   1227 C CA  . GLU B 1 63  ? 18.471  -5.649  -13.649 1.00 35.28 ? 63   GLU B CA  1 
ATOM   1228 C C   . GLU B 1 63  ? 17.352  -4.656  -13.444 1.00 33.35 ? 63   GLU B C   1 
ATOM   1229 O O   . GLU B 1 63  ? 16.229  -4.857  -13.883 1.00 33.30 ? 63   GLU B O   1 
ATOM   1230 C CB  . GLU B 1 63  ? 18.359  -6.640  -12.483 1.00 34.15 ? 63   GLU B CB  1 
ATOM   1231 C CG  . GLU B 1 63  ? 19.211  -7.876  -12.628 1.00 38.97 ? 63   GLU B CG  1 
ATOM   1232 C CD  . GLU B 1 63  ? 18.918  -8.935  -11.564 1.00 41.16 ? 63   GLU B CD  1 
ATOM   1233 O OE1 . GLU B 1 63  ? 17.739  -9.378  -11.464 1.00 47.03 ? 63   GLU B OE1 1 
ATOM   1234 O OE2 . GLU B 1 63  ? 19.867  -9.311  -10.823 1.00 44.78 ? 63   GLU B OE2 1 
ATOM   1235 N N   . PHE B 1 64  ? 17.643  -3.612  -12.698 1.00 32.34 ? 64   PHE B N   1 
ATOM   1236 C CA  . PHE B 1 64  ? 16.621  -2.667  -12.338 1.00 31.57 ? 64   PHE B CA  1 
ATOM   1237 C C   . PHE B 1 64  ? 16.363  -1.750  -13.523 1.00 30.92 ? 64   PHE B C   1 
ATOM   1238 O O   . PHE B 1 64  ? 16.762  -0.585  -13.544 1.00 31.64 ? 64   PHE B O   1 
ATOM   1239 C CB  . PHE B 1 64  ? 17.037  -1.879  -11.084 1.00 31.59 ? 64   PHE B CB  1 
ATOM   1240 C CG  . PHE B 1 64  ? 15.895  -1.188  -10.409 1.00 31.90 ? 64   PHE B CG  1 
ATOM   1241 C CD1 . PHE B 1 64  ? 14.801  -1.908  -9.974  1.00 31.90 ? 64   PHE B CD1 1 
ATOM   1242 C CD2 . PHE B 1 64  ? 15.904  0.189   -10.234 1.00 34.02 ? 64   PHE B CD2 1 
ATOM   1243 C CE1 . PHE B 1 64  ? 13.735  -1.270  -9.337  1.00 33.53 ? 64   PHE B CE1 1 
ATOM   1244 C CE2 . PHE B 1 64  ? 14.837  0.839   -9.609  1.00 36.18 ? 64   PHE B CE2 1 
ATOM   1245 C CZ  . PHE B 1 64  ? 13.751  0.099   -9.162  1.00 33.19 ? 64   PHE B CZ  1 
ATOM   1246 N N   . VAL B 1 65  ? 15.685  -2.282  -14.523 1.00 29.68 ? 65   VAL B N   1 
ATOM   1247 C CA  . VAL B 1 65  ? 15.283  -1.457  -15.651 1.00 28.53 ? 65   VAL B CA  1 
ATOM   1248 C C   . VAL B 1 65  ? 13.954  -0.744  -15.333 1.00 28.29 ? 65   VAL B C   1 
ATOM   1249 O O   . VAL B 1 65  ? 13.253  -1.113  -14.363 1.00 26.71 ? 65   VAL B O   1 
ATOM   1250 C CB  . VAL B 1 65  ? 15.082  -2.340  -16.893 1.00 28.93 ? 65   VAL B CB  1 
ATOM   1251 C CG1 . VAL B 1 65  ? 16.448  -2.830  -17.434 1.00 28.30 ? 65   VAL B CG1 1 
ATOM   1252 C CG2 . VAL B 1 65  ? 14.178  -3.511  -16.551 1.00 27.32 ? 65   VAL B CG2 1 
ATOM   1253 N N   . GLU B 1 66  ? 13.630  0.265   -16.145 1.00 27.36 ? 66   GLU B N   1 
ATOM   1254 C CA  . GLU B 1 66  ? 12.324  0.902   -16.099 1.00 28.33 ? 66   GLU B CA  1 
ATOM   1255 C C   . GLU B 1 66  ? 11.263  -0.167  -16.173 1.00 27.50 ? 66   GLU B C   1 
ATOM   1256 O O   . GLU B 1 66  ? 11.459  -1.186  -16.797 1.00 28.07 ? 66   GLU B O   1 
ATOM   1257 C CB  . GLU B 1 66  ? 12.132  1.941   -17.224 1.00 27.56 ? 66   GLU B CB  1 
ATOM   1258 C CG  . GLU B 1 66  ? 12.853  3.249   -16.926 1.00 29.36 ? 66   GLU B CG  1 
ATOM   1259 C CD  . GLU B 1 66  ? 12.702  4.284   -18.031 1.00 30.41 ? 66   GLU B CD  1 
ATOM   1260 O OE1 . GLU B 1 66  ? 12.514  3.898   -19.210 1.00 30.59 ? 66   GLU B OE1 1 
ATOM   1261 O OE2 . GLU B 1 66  ? 12.775  5.488   -17.708 1.00 34.06 ? 66   GLU B OE2 1 
ATOM   1262 N N   . GLY B 1 67  ? 10.143  0.078   -15.516 1.00 27.03 ? 67   GLY B N   1 
ATOM   1263 C CA  . GLY B 1 67  ? 9.150   -0.972  -15.282 1.00 27.07 ? 67   GLY B CA  1 
ATOM   1264 C C   . GLY B 1 67  ? 8.291   -0.642  -14.068 1.00 26.14 ? 67   GLY B C   1 
ATOM   1265 O O   . GLY B 1 67  ? 8.592   0.300   -13.316 1.00 26.55 ? 67   GLY B O   1 
ATOM   1266 N N   . ILE B 1 68  ? 7.224   -1.410  -13.884 1.00 24.62 ? 68   ILE B N   1 
ATOM   1267 C CA  . ILE B 1 68  ? 6.344   -1.209  -12.771 1.00 23.17 ? 68   ILE B CA  1 
ATOM   1268 C C   . ILE B 1 68  ? 6.656   -2.279  -11.771 1.00 22.68 ? 68   ILE B C   1 
ATOM   1269 O O   . ILE B 1 68  ? 6.584   -3.474  -12.063 1.00 22.01 ? 68   ILE B O   1 
ATOM   1270 C CB  . ILE B 1 68  ? 4.858   -1.316  -13.141 1.00 22.90 ? 68   ILE B CB  1 
ATOM   1271 C CG1 . ILE B 1 68  ? 4.491   -0.247  -14.181 1.00 24.50 ? 68   ILE B CG1 1 
ATOM   1272 C CG2 . ILE B 1 68  ? 3.982   -1.160  -11.870 1.00 21.19 ? 68   ILE B CG2 1 
ATOM   1273 C CD1 . ILE B 1 68  ? 3.032   -0.174  -14.398 1.00 25.39 ? 68   ILE B CD1 1 
ATOM   1274 N N   . TYR B 1 69  ? 6.988   -1.816  -10.578 1.00 21.75 ? 69   TYR B N   1 
ATOM   1275 C CA  . TYR B 1 69  ? 7.450   -2.693  -9.512  1.00 21.59 ? 69   TYR B CA  1 
ATOM   1276 C C   . TYR B 1 69  ? 6.510   -2.662  -8.345  1.00 20.80 ? 69   TYR B C   1 
ATOM   1277 O O   . TYR B 1 69  ? 5.894   -1.621  -8.049  1.00 20.96 ? 69   TYR B O   1 
ATOM   1278 C CB  . TYR B 1 69  ? 8.834   -2.244  -9.037  1.00 21.78 ? 69   TYR B CB  1 
ATOM   1279 C CG  . TYR B 1 69  ? 9.900   -2.445  -10.083 1.00 22.06 ? 69   TYR B CG  1 
ATOM   1280 C CD1 . TYR B 1 69  ? 10.093  -1.512  -11.090 1.00 22.66 ? 69   TYR B CD1 1 
ATOM   1281 C CD2 . TYR B 1 69  ? 10.707  -3.574  -10.074 1.00 23.67 ? 69   TYR B CD2 1 
ATOM   1282 C CE1 . TYR B 1 69  ? 11.090  -1.690  -12.057 1.00 22.51 ? 69   TYR B CE1 1 
ATOM   1283 C CE2 . TYR B 1 69  ? 11.694  -3.768  -11.023 1.00 23.55 ? 69   TYR B CE2 1 
ATOM   1284 C CZ  . TYR B 1 69  ? 11.876  -2.821  -12.024 1.00 24.26 ? 69   TYR B CZ  1 
ATOM   1285 O OH  . TYR B 1 69  ? 12.861  -2.991  -12.979 1.00 24.39 ? 69   TYR B OH  1 
ATOM   1286 N N   . LYS B 1 70  ? 6.460   -3.777  -7.636  1.00 19.80 ? 70   LYS B N   1 
ATOM   1287 C CA  . LYS B 1 70  ? 5.725   -3.812  -6.424  1.00 20.75 ? 70   LYS B CA  1 
ATOM   1288 C C   . LYS B 1 70  ? 6.629   -4.279  -5.297  1.00 20.35 ? 70   LYS B C   1 
ATOM   1289 O O   . LYS B 1 70  ? 7.318   -5.298  -5.426  1.00 21.29 ? 70   LYS B O   1 
ATOM   1290 C CB  . LYS B 1 70  ? 4.560   -4.766  -6.576  1.00 20.70 ? 70   LYS B CB  1 
ATOM   1291 C CG  . LYS B 1 70  ? 3.901   -5.105  -5.233  1.00 24.06 ? 70   LYS B CG  1 
ATOM   1292 C CD  . LYS B 1 70  ? 2.782   -6.106  -5.419  1.00 28.09 ? 70   LYS B CD  1 
ATOM   1293 C CE  . LYS B 1 70  ? 1.599   -5.451  -6.069  1.00 32.94 ? 70   LYS B CE  1 
ATOM   1294 N NZ  . LYS B 1 70  ? 0.365   -6.323  -6.037  1.00 37.32 ? 70   LYS B NZ  1 
ATOM   1295 N N   . VAL B 1 71  ? 6.665   -3.527  -4.212  1.00 19.77 ? 71   VAL B N   1 
ATOM   1296 C CA  . VAL B 1 71  ? 7.409   -3.931  -3.026  1.00 20.73 ? 71   VAL B CA  1 
ATOM   1297 C C   . VAL B 1 71  ? 6.397   -4.308  -1.968  1.00 21.51 ? 71   VAL B C   1 
ATOM   1298 O O   . VAL B 1 71  ? 5.524   -3.496  -1.629  1.00 22.59 ? 71   VAL B O   1 
ATOM   1299 C CB  . VAL B 1 71  ? 8.278   -2.816  -2.459  1.00 20.75 ? 71   VAL B CB  1 
ATOM   1300 C CG1 . VAL B 1 71  ? 8.920   -3.286  -1.158  1.00 20.68 ? 71   VAL B CG1 1 
ATOM   1301 C CG2 . VAL B 1 71  ? 9.316   -2.338  -3.500  1.00 20.41 ? 71   VAL B CG2 1 
ATOM   1302 N N   . GLU B 1 72  ? 6.497   -5.523  -1.452  1.00 20.79 ? 72   GLU B N   1 
ATOM   1303 C CA  . GLU B 1 72  ? 5.506   -6.008  -0.516  1.00 21.64 ? 72   GLU B CA  1 
ATOM   1304 C C   . GLU B 1 72  ? 6.199   -6.316  0.801   1.00 20.87 ? 72   GLU B C   1 
ATOM   1305 O O   . GLU B 1 72  ? 7.137   -7.101  0.845   1.00 21.71 ? 72   GLU B O   1 
ATOM   1306 C CB  . GLU B 1 72  ? 4.756   -7.228  -1.075  1.00 22.32 ? 72   GLU B CB  1 
ATOM   1307 C CG  . GLU B 1 72  ? 4.031   -8.018  0.007   1.00 27.42 ? 72   GLU B CG  1 
ATOM   1308 C CD  . GLU B 1 72  ? 3.680   -9.428  -0.453  1.00 36.74 ? 72   GLU B CD  1 
ATOM   1309 O OE1 . GLU B 1 72  ? 2.907   -9.525  -1.443  1.00 37.36 ? 72   GLU B OE1 1 
ATOM   1310 O OE2 . GLU B 1 72  ? 4.201   -10.418 0.152   1.00 37.67 ? 72   GLU B OE2 1 
ATOM   1311 N N   . ILE B 1 73  ? 5.783   -5.640  1.862   1.00 19.89 ? 73   ILE B N   1 
ATOM   1312 C CA  . ILE B 1 73  ? 6.468   -5.765  3.123   1.00 20.03 ? 73   ILE B CA  1 
ATOM   1313 C C   . ILE B 1 73  ? 5.565   -6.637  3.987   1.00 20.07 ? 73   ILE B C   1 
ATOM   1314 O O   . ILE B 1 73  ? 4.405   -6.313  4.165   1.00 20.12 ? 73   ILE B O   1 
ATOM   1315 C CB  . ILE B 1 73  ? 6.740   -4.386  3.714   1.00 19.21 ? 73   ILE B CB  1 
ATOM   1316 C CG1 . ILE B 1 73  ? 7.637   -3.586  2.774   1.00 19.56 ? 73   ILE B CG1 1 
ATOM   1317 C CG2 . ILE B 1 73  ? 7.358   -4.462  5.088   1.00 19.35 ? 73   ILE B CG2 1 
ATOM   1318 C CD1 . ILE B 1 73  ? 7.903   -2.171  3.294   1.00 22.62 ? 73   ILE B CD1 1 
ATOM   1319 N N   . ASP B 1 74  ? 6.061   -7.777  4.454   1.00 20.62 ? 74   ASP B N   1 
ATOM   1320 C CA  . ASP B 1 74  ? 5.192   -8.668  5.249   1.00 20.99 ? 74   ASP B CA  1 
ATOM   1321 C C   . ASP B 1 74  ? 4.983   -8.203  6.680   1.00 18.73 ? 74   ASP B C   1 
ATOM   1322 O O   . ASP B 1 74  ? 5.508   -8.766  7.637   1.00 18.29 ? 74   ASP B O   1 
ATOM   1323 C CB  . ASP B 1 74  ? 5.638   -10.131 5.158   1.00 23.04 ? 74   ASP B CB  1 
ATOM   1324 C CG  . ASP B 1 74  ? 5.614   -10.653 3.711   1.00 30.04 ? 74   ASP B CG  1 
ATOM   1325 O OD1 . ASP B 1 74  ? 4.882   -10.054 2.859   1.00 39.94 ? 74   ASP B OD1 1 
ATOM   1326 O OD2 . ASP B 1 74  ? 6.340   -11.643 3.398   1.00 36.98 ? 74   ASP B OD2 1 
ATOM   1327 N N   . THR B 1 75  ? 4.149   -7.188  6.826   1.00 17.00 ? 75   THR B N   1 
ATOM   1328 C CA  . THR B 1 75  ? 3.968   -6.518  8.116   1.00 17.32 ? 75   THR B CA  1 
ATOM   1329 C C   . THR B 1 75  ? 3.222   -7.419  9.108   1.00 18.43 ? 75   THR B C   1 
ATOM   1330 O O   . THR B 1 75  ? 3.430   -7.393  10.309  1.00 18.05 ? 75   THR B O   1 
ATOM   1331 C CB  . THR B 1 75  ? 3.155   -5.233  7.883   1.00 16.72 ? 75   THR B CB  1 
ATOM   1332 O OG1 . THR B 1 75  ? 1.966   -5.572  7.169   1.00 16.85 ? 75   THR B OG1 1 
ATOM   1333 C CG2 . THR B 1 75  ? 3.957   -4.257  6.978   1.00 13.85 ? 75   THR B CG2 1 
ATOM   1334 N N   . LYS B 1 76  ? 2.301   -8.205  8.577   1.00 19.57 ? 76   LYS B N   1 
ATOM   1335 C CA  . LYS B 1 76  ? 1.411   -8.969  9.428   1.00 20.87 ? 76   LYS B CA  1 
ATOM   1336 C C   . LYS B 1 76  ? 2.165   -10.015 10.237  1.00 21.43 ? 76   LYS B C   1 
ATOM   1337 O O   . LYS B 1 76  ? 1.823   -10.243 11.377  1.00 20.03 ? 76   LYS B O   1 
ATOM   1338 C CB  . LYS B 1 76  ? 0.322   -9.657  8.607   1.00 21.47 ? 76   LYS B CB  1 
ATOM   1339 C CG  . LYS B 1 76  ? -0.578  -10.550 9.454   1.00 24.74 ? 76   LYS B CG  1 
ATOM   1340 C CD  . LYS B 1 76  ? -1.530  -11.349 8.583   1.00 30.43 ? 76   LYS B CD  1 
ATOM   1341 C CE  . LYS B 1 76  ? -2.848  -11.621 9.291   1.00 34.20 ? 76   LYS B CE  1 
ATOM   1342 N NZ  . LYS B 1 76  ? -3.688  -12.514 8.420   1.00 37.01 ? 76   LYS B NZ  1 
ATOM   1343 N N   . SER B 1 77  ? 3.168   -10.660 9.635   1.00 22.44 ? 77   SER B N   1 
ATOM   1344 C CA  . SER B 1 77  ? 4.040   -11.614 10.367  1.00 23.98 ? 77   SER B CA  1 
ATOM   1345 C C   . SER B 1 77  ? 4.895   -10.874 11.375  1.00 23.42 ? 77   SER B C   1 
ATOM   1346 O O   . SER B 1 77  ? 5.210   -11.366 12.467  1.00 23.74 ? 77   SER B O   1 
ATOM   1347 C CB  . SER B 1 77  ? 4.969   -12.353 9.400   1.00 24.51 ? 77   SER B CB  1 
ATOM   1348 O OG  . SER B 1 77  ? 4.210   -13.188 8.556   1.00 26.75 ? 77   SER B OG  1 
ATOM   1349 N N   . TYR B 1 78  ? 5.281   -9.672  11.001  1.00 22.36 ? 78   TYR B N   1 
ATOM   1350 C CA  . TYR B 1 78  ? 6.103   -8.907  11.875  1.00 21.85 ? 78   TYR B CA  1 
ATOM   1351 C C   . TYR B 1 78  ? 5.313   -8.633  13.152  1.00 22.29 ? 78   TYR B C   1 
ATOM   1352 O O   . TYR B 1 78  ? 5.833   -8.901  14.225  1.00 23.24 ? 78   TYR B O   1 
ATOM   1353 C CB  . TYR B 1 78  ? 6.580   -7.625  11.161  1.00 21.79 ? 78   TYR B CB  1 
ATOM   1354 C CG  . TYR B 1 78  ? 7.339   -6.705  12.059  1.00 21.41 ? 78   TYR B CG  1 
ATOM   1355 C CD1 . TYR B 1 78  ? 8.640   -7.003  12.428  1.00 20.87 ? 78   TYR B CD1 1 
ATOM   1356 C CD2 . TYR B 1 78  ? 6.738   -5.554  12.572  1.00 20.39 ? 78   TYR B CD2 1 
ATOM   1357 C CE1 . TYR B 1 78  ? 9.345   -6.178  13.255  1.00 20.51 ? 78   TYR B CE1 1 
ATOM   1358 C CE2 . TYR B 1 78  ? 7.419   -4.729  13.397  1.00 19.35 ? 78   TYR B CE2 1 
ATOM   1359 C CZ  . TYR B 1 78  ? 8.736   -5.040  13.736  1.00 22.84 ? 78   TYR B CZ  1 
ATOM   1360 O OH  . TYR B 1 78  ? 9.451   -4.235  14.578  1.00 23.81 ? 78   TYR B OH  1 
ATOM   1361 N N   . TRP B 1 79  ? 4.064   -8.135  13.058  1.00 21.08 ? 79   TRP B N   1 
ATOM   1362 C CA  . TRP B 1 79  ? 3.294   -7.758  14.260  1.00 21.05 ? 79   TRP B CA  1 
ATOM   1363 C C   . TRP B 1 79  ? 2.963   -9.003  15.118  1.00 23.32 ? 79   TRP B C   1 
ATOM   1364 O O   . TRP B 1 79  ? 3.048   -8.954  16.357  1.00 22.97 ? 79   TRP B O   1 
ATOM   1365 C CB  . TRP B 1 79  ? 2.008   -6.958  13.935  1.00 19.37 ? 79   TRP B CB  1 
ATOM   1366 C CG  . TRP B 1 79  ? 2.336   -5.593  13.389  1.00 17.38 ? 79   TRP B CG  1 
ATOM   1367 C CD1 . TRP B 1 79  ? 2.076   -5.130  12.136  1.00 19.18 ? 79   TRP B CD1 1 
ATOM   1368 C CD2 . TRP B 1 79  ? 3.082   -4.589  14.047  1.00 15.04 ? 79   TRP B CD2 1 
ATOM   1369 N NE1 . TRP B 1 79  ? 2.578   -3.848  11.994  1.00 18.04 ? 79   TRP B NE1 1 
ATOM   1370 C CE2 . TRP B 1 79  ? 3.168   -3.485  13.175  1.00 17.67 ? 79   TRP B CE2 1 
ATOM   1371 C CE3 . TRP B 1 79  ? 3.614   -4.466  15.348  1.00 18.24 ? 79   TRP B CE3 1 
ATOM   1372 C CZ2 . TRP B 1 79  ? 3.833   -2.311  13.519  1.00 18.19 ? 79   TRP B CZ2 1 
ATOM   1373 C CZ3 . TRP B 1 79  ? 4.258   -3.278  15.705  1.00 19.11 ? 79   TRP B CZ3 1 
ATOM   1374 C CH2 . TRP B 1 79  ? 4.357   -2.214  14.779  1.00 18.72 ? 79   TRP B CH2 1 
ATOM   1375 N N   . LYS B 1 80  ? 2.628   -10.095 14.428  1.00 24.41 ? 80   LYS B N   1 
ATOM   1376 C CA  . LYS B 1 80  ? 2.301   -11.383 15.067  1.00 26.77 ? 80   LYS B CA  1 
ATOM   1377 C C   . LYS B 1 80  ? 3.464   -11.811 15.952  1.00 27.61 ? 80   LYS B C   1 
ATOM   1378 O O   . LYS B 1 80  ? 3.268   -12.132 17.088  1.00 28.88 ? 80   LYS B O   1 
ATOM   1379 N N   . ALA B 1 81  ? 4.679   -11.775 15.422  1.00 28.64 ? 81   ALA B N   1 
ATOM   1380 C CA  . ALA B 1 81  ? 5.871   -12.055 16.211  1.00 29.64 ? 81   ALA B CA  1 
ATOM   1381 C C   . ALA B 1 81  ? 5.926   -11.188 17.472  1.00 30.52 ? 81   ALA B C   1 
ATOM   1382 O O   . ALA B 1 81  ? 6.253   -11.671 18.581  1.00 30.56 ? 81   ALA B O   1 
ATOM   1383 C CB  . ALA B 1 81  ? 7.107   -11.843 15.372  1.00 28.93 ? 81   ALA B CB  1 
ATOM   1384 N N   . LEU B 1 82  ? 5.606   -9.911  17.314  1.00 29.60 ? 82   LEU B N   1 
ATOM   1385 C CA  . LEU B 1 82  ? 5.589   -9.029  18.468  1.00 29.15 ? 82   LEU B CA  1 
ATOM   1386 C C   . LEU B 1 82  ? 4.347   -9.252  19.346  1.00 28.82 ? 82   LEU B C   1 
ATOM   1387 O O   . LEU B 1 82  ? 4.271   -8.722  20.450  1.00 28.87 ? 82   LEU B O   1 
ATOM   1388 C CB  . LEU B 1 82  ? 5.704   -7.549  18.040  1.00 27.49 ? 82   LEU B CB  1 
ATOM   1389 C CG  . LEU B 1 82  ? 7.078   -7.121  17.489  1.00 28.08 ? 82   LEU B CG  1 
ATOM   1390 C CD1 . LEU B 1 82  ? 7.073   -5.651  17.115  1.00 26.58 ? 82   LEU B CD1 1 
ATOM   1391 C CD2 . LEU B 1 82  ? 8.204   -7.393  18.485  1.00 26.83 ? 82   LEU B CD2 1 
ATOM   1392 N N   . GLY B 1 83  ? 3.352   -9.984  18.848  1.00 28.42 ? 83   GLY B N   1 
ATOM   1393 C CA  . GLY B 1 83  ? 2.177   -10.241 19.669  1.00 28.83 ? 83   GLY B CA  1 
ATOM   1394 C C   . GLY B 1 83  ? 1.145   -9.140  19.635  1.00 29.11 ? 83   GLY B C   1 
ATOM   1395 O O   . GLY B 1 83  ? 0.399   -8.942  20.589  1.00 29.28 ? 83   GLY B O   1 
ATOM   1396 N N   . ILE B 1 84  ? 1.052   -8.441  18.504  1.00 28.35 ? 84   ILE B N   1 
ATOM   1397 C CA  . ILE B 1 84  ? 0.204   -7.270  18.407  1.00 27.82 ? 84   ILE B CA  1 
ATOM   1398 C C   . ILE B 1 84  ? -0.708  -7.512  17.214  1.00 27.88 ? 84   ILE B C   1 
ATOM   1399 O O   . ILE B 1 84  ? -0.210  -7.772  16.135  1.00 28.99 ? 84   ILE B O   1 
ATOM   1400 C CB  . ILE B 1 84  ? 1.130   -5.998  18.210  1.00 28.01 ? 84   ILE B CB  1 
ATOM   1401 C CG1 . ILE B 1 84  ? 2.005   -5.803  19.455  1.00 27.67 ? 84   ILE B CG1 1 
ATOM   1402 C CG2 . ILE B 1 84  ? 0.325   -4.766  17.940  1.00 27.16 ? 84   ILE B CG2 1 
ATOM   1403 C CD1 . ILE B 1 84  ? 3.099   -4.724  19.340  1.00 27.75 ? 84   ILE B CD1 1 
ATOM   1404 N N   . SER B 1 85  ? -2.028  -7.484  17.356  1.00 26.88 ? 85   SER B N   1 
ATOM   1405 C CA  . SER B 1 85  ? -2.787  -7.880  16.200  1.00 27.41 ? 85   SER B CA  1 
ATOM   1406 C C   . SER B 1 85  ? -2.756  -6.700  15.256  1.00 26.46 ? 85   SER B C   1 
ATOM   1407 O O   . SER B 1 85  ? -3.021  -5.561  15.649  1.00 25.93 ? 85   SER B O   1 
ATOM   1408 C CB  . SER B 1 85  ? -4.246  -8.296  16.487  1.00 27.61 ? 85   SER B CB  1 
ATOM   1409 O OG  . SER B 1 85  ? -4.932  -7.297  17.200  1.00 30.56 ? 85   SER B OG  1 
ATOM   1410 N N   . PRO B 1 86  ? -2.369  -6.970  14.021  1.00 26.14 ? 86   PRO B N   1 
ATOM   1411 C CA  . PRO B 1 86  ? -2.365  -5.911  13.037  1.00 24.94 ? 86   PRO B CA  1 
ATOM   1412 C C   . PRO B 1 86  ? -3.610  -5.886  12.167  1.00 24.39 ? 86   PRO B C   1 
ATOM   1413 O O   . PRO B 1 86  ? -4.403  -6.807  12.159  1.00 24.26 ? 86   PRO B O   1 
ATOM   1414 C CB  . PRO B 1 86  ? -1.162  -6.279  12.188  1.00 24.72 ? 86   PRO B CB  1 
ATOM   1415 C CG  . PRO B 1 86  ? -1.203  -7.758  12.163  1.00 25.01 ? 86   PRO B CG  1 
ATOM   1416 C CD  . PRO B 1 86  ? -1.801  -8.213  13.486  1.00 25.30 ? 86   PRO B CD  1 
ATOM   1417 N N   . PHE B 1 87  ? -3.740  -4.826  11.389  1.00 22.65 ? 87   PHE B N   1 
ATOM   1418 C CA  . PHE B 1 87  ? -4.805  -4.740  10.438  1.00 21.43 ? 87   PHE B CA  1 
ATOM   1419 C C   . PHE B 1 87  ? -4.418  -5.291  9.055   1.00 20.92 ? 87   PHE B C   1 
ATOM   1420 O O   . PHE B 1 87  ? -5.154  -6.059  8.483   1.00 20.89 ? 87   PHE B O   1 
ATOM   1421 C CB  . PHE B 1 87  ? -5.230  -3.289  10.322  1.00 20.36 ? 87   PHE B CB  1 
ATOM   1422 C CG  . PHE B 1 87  ? -6.283  -3.067  9.314   1.00 20.69 ? 87   PHE B CG  1 
ATOM   1423 C CD1 . PHE B 1 87  ? -7.597  -3.406  9.593   1.00 21.89 ? 87   PHE B CD1 1 
ATOM   1424 C CD2 . PHE B 1 87  ? -5.971  -2.530  8.077   1.00 19.95 ? 87   PHE B CD2 1 
ATOM   1425 C CE1 . PHE B 1 87  ? -8.580  -3.198  8.667   1.00 21.13 ? 87   PHE B CE1 1 
ATOM   1426 C CE2 . PHE B 1 87  ? -6.943  -2.308  7.145   1.00 21.12 ? 87   PHE B CE2 1 
ATOM   1427 C CZ  . PHE B 1 87  ? -8.269  -2.656  7.440   1.00 18.44 ? 87   PHE B CZ  1 
ATOM   1428 N N   . HIS B 1 88  ? -3.274  -4.890  8.509   1.00 19.99 ? 88   HIS B N   1 
ATOM   1429 C CA  . HIS B 1 88  ? -2.970  -5.198  7.115   1.00 19.41 ? 88   HIS B CA  1 
ATOM   1430 C C   . HIS B 1 88  ? -2.403  -6.602  6.934   1.00 20.39 ? 88   HIS B C   1 
ATOM   1431 O O   . HIS B 1 88  ? -1.723  -7.115  7.826   1.00 20.18 ? 88   HIS B O   1 
ATOM   1432 C CB  . HIS B 1 88  ? -1.970  -4.177  6.576   1.00 18.76 ? 88   HIS B CB  1 
ATOM   1433 C CG  . HIS B 1 88  ? -2.444  -2.761  6.692   1.00 18.60 ? 88   HIS B CG  1 
ATOM   1434 N ND1 . HIS B 1 88  ? -2.289  -2.015  7.834   1.00 17.49 ? 88   HIS B ND1 1 
ATOM   1435 C CD2 . HIS B 1 88  ? -3.083  -1.958  5.802   1.00 20.35 ? 88   HIS B CD2 1 
ATOM   1436 C CE1 . HIS B 1 88  ? -2.814  -0.816  7.654   1.00 20.75 ? 88   HIS B CE1 1 
ATOM   1437 N NE2 . HIS B 1 88  ? -3.294  -0.750  6.425   1.00 20.34 ? 88   HIS B NE2 1 
ATOM   1438 N N   . GLU B 1 89  ? -2.680  -7.207  5.781   1.00 19.96 ? 89   GLU B N   1 
ATOM   1439 C CA  . GLU B 1 89  ? -1.981  -8.420  5.371   1.00 20.71 ? 89   GLU B CA  1 
ATOM   1440 C C   . GLU B 1 89  ? -0.521  -8.109  5.117   1.00 22.14 ? 89   GLU B C   1 
ATOM   1441 O O   . GLU B 1 89  ? 0.378   -8.886  5.474   1.00 21.61 ? 89   GLU B O   1 
ATOM   1442 C CB  . GLU B 1 89  ? -2.640  -9.032  4.152   1.00 21.23 ? 89   GLU B CB  1 
ATOM   1443 C CG  . GLU B 1 89  ? -4.025  -9.555  4.493   1.00 21.21 ? 89   GLU B CG  1 
ATOM   1444 C CD  . GLU B 1 89  ? -3.953  -10.687 5.522   1.00 25.15 ? 89   GLU B CD  1 
ATOM   1445 O OE1 . GLU B 1 89  ? -3.298  -11.697 5.236   1.00 27.41 ? 89   GLU B OE1 1 
ATOM   1446 O OE2 . GLU B 1 89  ? -4.543  -10.579 6.602   1.00 26.84 ? 89   GLU B OE2 1 
ATOM   1447 N N   . HIS B 1 90  ? -0.267  -6.948  4.519   1.00 22.01 ? 90   HIS B N   1 
ATOM   1448 C CA  . HIS B 1 90  ? 1.093   -6.516  4.245   1.00 23.02 ? 90   HIS B CA  1 
ATOM   1449 C C   . HIS B 1 90  ? 1.036   -5.054  3.795   1.00 22.75 ? 90   HIS B C   1 
ATOM   1450 O O   . HIS B 1 90  ? -0.045  -4.471  3.668   1.00 22.29 ? 90   HIS B O   1 
ATOM   1451 C CB  . HIS B 1 90  ? 1.731   -7.337  3.124   1.00 23.37 ? 90   HIS B CB  1 
ATOM   1452 C CG  . HIS B 1 90  ? 0.926   -7.343  1.869   1.00 26.12 ? 90   HIS B CG  1 
ATOM   1453 N ND1 . HIS B 1 90  ? 0.191   -8.433  1.469   1.00 27.05 ? 90   HIS B ND1 1 
ATOM   1454 C CD2 . HIS B 1 90  ? 0.665   -6.359  0.976   1.00 28.69 ? 90   HIS B CD2 1 
ATOM   1455 C CE1 . HIS B 1 90  ? -0.461  -8.136  0.357   1.00 29.48 ? 90   HIS B CE1 1 
ATOM   1456 N NE2 . HIS B 1 90  ? -0.183  -6.883  0.032   1.00 31.51 ? 90   HIS B NE2 1 
ATOM   1457 N N   . ALA B 1 91  ? 2.198   -4.461  3.560   1.00 22.91 ? 91   ALA B N   1 
ATOM   1458 C CA  . ALA B 1 91  ? 2.203   -3.133  2.994   1.00 23.84 ? 91   ALA B CA  1 
ATOM   1459 C C   . ALA B 1 91  ? 2.726   -3.276  1.581   1.00 24.66 ? 91   ALA B C   1 
ATOM   1460 O O   . ALA B 1 91  ? 3.685   -3.995  1.349   1.00 26.22 ? 91   ALA B O   1 
ATOM   1461 C CB  . ALA B 1 91  ? 3.061   -2.188  3.825   1.00 23.41 ? 91   ALA B CB  1 
ATOM   1462 N N   . GLU B 1 92  ? 2.074   -2.634  0.622   1.00 25.19 ? 92   GLU B N   1 
ATOM   1463 C CA  . GLU B 1 92  ? 2.419   -2.830  -0.758  1.00 25.67 ? 92   GLU B CA  1 
ATOM   1464 C C   . GLU B 1 92  ? 2.688   -1.486  -1.402  1.00 25.24 ? 92   GLU B C   1 
ATOM   1465 O O   . GLU B 1 92  ? 1.888   -0.556  -1.298  1.00 26.52 ? 92   GLU B O   1 
ATOM   1466 C CB  . GLU B 1 92  ? 1.294   -3.555  -1.501  1.00 26.77 ? 92   GLU B CB  1 
ATOM   1467 C CG  . GLU B 1 92  ? 1.342   -5.103  -1.401  1.00 29.66 ? 92   GLU B CG  1 
ATOM   1468 N N   . VAL B 1 93  ? 3.830   -1.365  -2.041  1.00 23.37 ? 93   VAL B N   1 
ATOM   1469 C CA  . VAL B 1 93  ? 4.216   -0.101  -2.621  1.00 21.93 ? 93   VAL B CA  1 
ATOM   1470 C C   . VAL B 1 93  ? 4.465   -0.379  -4.088  1.00 20.92 ? 93   VAL B C   1 
ATOM   1471 O O   . VAL B 1 93  ? 5.354   -1.185  -4.427  1.00 20.67 ? 93   VAL B O   1 
ATOM   1472 C CB  . VAL B 1 93  ? 5.473   0.456   -1.962  1.00 22.13 ? 93   VAL B CB  1 
ATOM   1473 C CG1 . VAL B 1 93  ? 5.853   1.786   -2.615  1.00 24.00 ? 93   VAL B CG1 1 
ATOM   1474 C CG2 . VAL B 1 93  ? 5.234   0.650   -0.495  1.00 21.49 ? 93   VAL B CG2 1 
ATOM   1475 N N   . VAL B 1 94  ? 3.633   0.221   -4.938  1.00 18.40 ? 94   VAL B N   1 
ATOM   1476 C CA  . VAL B 1 94  ? 3.676   -0.045  -6.351  1.00 17.54 ? 94   VAL B CA  1 
ATOM   1477 C C   . VAL B 1 94  ? 4.040   1.233   -7.057  1.00 17.76 ? 94   VAL B C   1 
ATOM   1478 O O   . VAL B 1 94  ? 3.457   2.274   -6.792  1.00 15.47 ? 94   VAL B O   1 
ATOM   1479 C CB  . VAL B 1 94  ? 2.297   -0.545  -6.867  1.00 16.96 ? 94   VAL B CB  1 
ATOM   1480 C CG1 . VAL B 1 94  ? 2.356   -0.880  -8.356  1.00 18.90 ? 94   VAL B CG1 1 
ATOM   1481 C CG2 . VAL B 1 94  ? 1.819   -1.799  -6.080  1.00 19.10 ? 94   VAL B CG2 1 
ATOM   1482 N N   . PHE B 1 95  ? 5.025   1.152   -7.941  1.00 19.36 ? 95   PHE B N   1 
ATOM   1483 C CA  . PHE B 1 95  ? 5.602   2.337   -8.561  1.00 20.83 ? 95   PHE B CA  1 
ATOM   1484 C C   . PHE B 1 95  ? 6.293   2.007   -9.889  1.00 23.06 ? 95   PHE B C   1 
ATOM   1485 O O   . PHE B 1 95  ? 6.743   0.889   -10.110 1.00 22.65 ? 95   PHE B O   1 
ATOM   1486 C CB  . PHE B 1 95  ? 6.623   2.994   -7.606  1.00 20.83 ? 95   PHE B CB  1 
ATOM   1487 C CG  . PHE B 1 95  ? 7.889   2.190   -7.407  1.00 20.64 ? 95   PHE B CG  1 
ATOM   1488 C CD1 . PHE B 1 95  ? 7.940   1.173   -6.467  1.00 19.47 ? 95   PHE B CD1 1 
ATOM   1489 C CD2 . PHE B 1 95  ? 9.030   2.474   -8.149  1.00 18.53 ? 95   PHE B CD2 1 
ATOM   1490 C CE1 . PHE B 1 95  ? 9.143   0.417   -6.279  1.00 23.72 ? 95   PHE B CE1 1 
ATOM   1491 C CE2 . PHE B 1 95  ? 10.239  1.749   -7.965  1.00 23.54 ? 95   PHE B CE2 1 
ATOM   1492 C CZ  . PHE B 1 95  ? 10.296  0.714   -7.037  1.00 21.12 ? 95   PHE B CZ  1 
ATOM   1493 N N   . THR B 1 96  ? 6.407   3.012   -10.749 1.00 25.64 ? 96   THR B N   1 
ATOM   1494 C CA  . THR B 1 96  ? 7.133   2.895   -11.998 1.00 28.13 ? 96   THR B CA  1 
ATOM   1495 C C   . THR B 1 96  ? 8.548   3.434   -11.790 1.00 29.59 ? 96   THR B C   1 
ATOM   1496 O O   . THR B 1 96  ? 8.719   4.581   -11.366 1.00 29.65 ? 96   THR B O   1 
ATOM   1497 C CB  . THR B 1 96  ? 6.470   3.740   -13.079 1.00 28.83 ? 96   THR B CB  1 
ATOM   1498 O OG1 . THR B 1 96  ? 5.182   3.192   -13.403 1.00 29.80 ? 96   THR B OG1 1 
ATOM   1499 C CG2 . THR B 1 96  ? 7.346   3.769   -14.356 1.00 28.88 ? 96   THR B CG2 1 
ATOM   1500 N N   . ALA B 1 97  ? 9.555   2.613   -12.061 1.00 30.78 ? 97   ALA B N   1 
ATOM   1501 C CA  . ALA B 1 97  ? 10.932  3.100   -12.044 1.00 33.18 ? 97   ALA B CA  1 
ATOM   1502 C C   . ALA B 1 97  ? 11.163  3.871   -13.338 1.00 34.94 ? 97   ALA B C   1 
ATOM   1503 O O   . ALA B 1 97  ? 10.792  3.392   -14.412 1.00 34.92 ? 97   ALA B O   1 
ATOM   1504 C CB  . ALA B 1 97  ? 11.882  1.967   -11.929 1.00 32.63 ? 97   ALA B CB  1 
ATOM   1505 N N   . ASN B 1 98  ? 11.719  5.080   -13.243 1.00 37.39 ? 98   ASN B N   1 
ATOM   1506 C CA  . ASN B 1 98  ? 11.878  5.924   -14.431 1.00 40.20 ? 98   ASN B CA  1 
ATOM   1507 C C   . ASN B 1 98  ? 13.326  6.351   -14.641 1.00 42.15 ? 98   ASN B C   1 
ATOM   1508 O O   . ASN B 1 98  ? 13.967  6.788   -13.698 1.00 42.83 ? 98   ASN B O   1 
ATOM   1509 N N   . ASP B 1 99  ? 13.850  6.229   -15.863 1.00 44.25 ? 99   ASP B N   1 
ATOM   1510 C CA  . ASP B 1 99  ? 15.231  6.670   -16.122 1.00 46.28 ? 99   ASP B CA  1 
ATOM   1511 C C   . ASP B 1 99  ? 15.271  8.158   -16.410 1.00 47.70 ? 99   ASP B C   1 
ATOM   1512 O O   . ASP B 1 99  ? 14.617  8.631   -17.344 1.00 48.53 ? 99   ASP B O   1 
ATOM   1513 C CB  . ASP B 1 99  ? 15.864  5.926   -17.292 1.00 46.26 ? 99   ASP B CB  1 
ATOM   1514 C CG  . ASP B 1 99  ? 16.392  4.576   -16.905 1.00 46.22 ? 99   ASP B CG  1 
ATOM   1515 O OD1 . ASP B 1 99  ? 16.620  4.327   -15.699 1.00 46.17 ? 99   ASP B OD1 1 
ATOM   1516 O OD2 . ASP B 1 99  ? 16.575  3.758   -17.824 1.00 46.81 ? 99   ASP B OD2 1 
ATOM   1517 N N   . SER B 1 100 ? 16.040  8.889   -15.612 1.00 49.24 ? 100  SER B N   1 
ATOM   1518 C CA  . SER B 1 100 ? 16.086  10.340  -15.736 1.00 50.80 ? 100  SER B CA  1 
ATOM   1519 C C   . SER B 1 100 ? 17.267  10.846  -14.931 1.00 51.70 ? 100  SER B C   1 
ATOM   1520 O O   . SER B 1 100 ? 17.095  11.401  -13.839 1.00 52.31 ? 100  SER B O   1 
ATOM   1521 C CB  . SER B 1 100 ? 14.779  10.953  -15.211 1.00 51.16 ? 100  SER B CB  1 
ATOM   1522 N N   . GLY B 1 101 ? 18.473  10.640  -15.450 1.00 52.25 ? 101  GLY B N   1 
ATOM   1523 C CA  . GLY B 1 101 ? 19.678  10.894  -14.658 1.00 52.40 ? 101  GLY B CA  1 
ATOM   1524 C C   . GLY B 1 101 ? 19.921  9.823   -13.596 1.00 52.54 ? 101  GLY B C   1 
ATOM   1525 O O   . GLY B 1 101 ? 19.104  8.904   -13.411 1.00 52.51 ? 101  GLY B O   1 
ATOM   1526 N N   . PRO B 1 102 ? 21.074  9.910   -12.921 1.00 52.36 ? 102  PRO B N   1 
ATOM   1527 C CA  . PRO B 1 102 ? 21.422  9.037   -11.799 1.00 52.02 ? 102  PRO B CA  1 
ATOM   1528 C C   . PRO B 1 102 ? 20.400  9.146   -10.660 1.00 51.10 ? 102  PRO B C   1 
ATOM   1529 O O   . PRO B 1 102 ? 20.066  10.260  -10.223 1.00 51.26 ? 102  PRO B O   1 
ATOM   1530 C CB  . PRO B 1 102 ? 22.806  9.564   -11.367 1.00 52.46 ? 102  PRO B CB  1 
ATOM   1531 C CG  . PRO B 1 102 ? 23.372  10.174  -12.631 1.00 52.78 ? 102  PRO B CG  1 
ATOM   1532 C CD  . PRO B 1 102 ? 22.170  10.839  -13.258 1.00 52.78 ? 102  PRO B CD  1 
ATOM   1533 N N   . ARG B 1 103 ? 19.910  7.996   -10.193 1.00 49.30 ? 103  ARG B N   1 
ATOM   1534 C CA  . ARG B 1 103 ? 18.816  7.968   -9.225  1.00 47.01 ? 103  ARG B CA  1 
ATOM   1535 C C   . ARG B 1 103 ? 18.791  6.653   -8.460  1.00 45.41 ? 103  ARG B C   1 
ATOM   1536 O O   . ARG B 1 103 ? 18.595  5.592   -9.051  1.00 45.96 ? 103  ARG B O   1 
ATOM   1537 C CB  . ARG B 1 103 ? 17.481  8.144   -9.952  1.00 47.14 ? 103  ARG B CB  1 
ATOM   1538 N N   . ARG B 1 104 ? 18.986  6.719   -7.152  1.00 42.59 ? 104  ARG B N   1 
ATOM   1539 C CA  . ARG B 1 104 ? 18.829  5.547   -6.303  1.00 40.16 ? 104  ARG B CA  1 
ATOM   1540 C C   . ARG B 1 104 ? 17.464  5.635   -5.610  1.00 38.58 ? 104  ARG B C   1 
ATOM   1541 O O   . ARG B 1 104 ? 17.076  6.707   -5.189  1.00 38.89 ? 104  ARG B O   1 
ATOM   1542 C CB  . ARG B 1 104 ? 19.950  5.502   -5.275  1.00 39.80 ? 104  ARG B CB  1 
ATOM   1543 N N   . TYR B 1 105 ? 16.729  4.530   -5.525  1.00 36.38 ? 105  TYR B N   1 
ATOM   1544 C CA  . TYR B 1 105 ? 15.400  4.525   -4.895  1.00 34.45 ? 105  TYR B CA  1 
ATOM   1545 C C   . TYR B 1 105 ? 15.534  3.968   -3.497  1.00 31.61 ? 105  TYR B C   1 
ATOM   1546 O O   . TYR B 1 105 ? 16.078  2.888   -3.327  1.00 31.15 ? 105  TYR B O   1 
ATOM   1547 C CB  . TYR B 1 105 ? 14.431  3.622   -5.670  1.00 35.79 ? 105  TYR B CB  1 
ATOM   1548 C CG  . TYR B 1 105 ? 14.034  4.065   -7.062  1.00 37.60 ? 105  TYR B CG  1 
ATOM   1549 C CD1 . TYR B 1 105 ? 14.982  4.307   -8.046  1.00 41.74 ? 105  TYR B CD1 1 
ATOM   1550 C CD2 . TYR B 1 105 ? 12.704  4.209   -7.398  1.00 41.03 ? 105  TYR B CD2 1 
ATOM   1551 C CE1 . TYR B 1 105 ? 14.612  4.709   -9.333  1.00 42.69 ? 105  TYR B CE1 1 
ATOM   1552 C CE2 . TYR B 1 105 ? 12.315  4.605   -8.670  1.00 42.73 ? 105  TYR B CE2 1 
ATOM   1553 C CZ  . TYR B 1 105 ? 13.264  4.853   -9.639  1.00 42.61 ? 105  TYR B CZ  1 
ATOM   1554 O OH  . TYR B 1 105 ? 12.844  5.244   -10.903 1.00 42.37 ? 105  TYR B OH  1 
ATOM   1555 N N   . THR B 1 106 ? 15.072  4.704   -2.488  1.00 28.62 ? 106  THR B N   1 
ATOM   1556 C CA  . THR B 1 106 ? 14.879  4.132   -1.161  1.00 25.73 ? 106  THR B CA  1 
ATOM   1557 C C   . THR B 1 106 ? 13.417  4.200   -0.816  1.00 25.08 ? 106  THR B C   1 
ATOM   1558 O O   . THR B 1 106 ? 12.842  5.294   -0.715  1.00 23.58 ? 106  THR B O   1 
ATOM   1559 C CB  . THR B 1 106 ? 15.645  4.885   -0.081  1.00 26.03 ? 106  THR B CB  1 
ATOM   1560 O OG1 . THR B 1 106 ? 17.011  4.920   -0.453  1.00 27.58 ? 106  THR B OG1 1 
ATOM   1561 C CG2 . THR B 1 106 ? 15.536  4.196   1.293   1.00 24.50 ? 106  THR B CG2 1 
ATOM   1562 N N   . ILE B 1 107 ? 12.808  3.032   -0.639  1.00 23.04 ? 107  ILE B N   1 
ATOM   1563 C CA  . ILE B 1 107 ? 11.422  2.958   -0.238  1.00 21.88 ? 107  ILE B CA  1 
ATOM   1564 C C   . ILE B 1 107 ? 11.454  2.779   1.254   1.00 21.34 ? 107  ILE B C   1 
ATOM   1565 O O   . ILE B 1 107 ? 11.952  1.752   1.758   1.00 21.20 ? 107  ILE B O   1 
ATOM   1566 C CB  . ILE B 1 107 ? 10.715  1.743   -0.913  1.00 21.48 ? 107  ILE B CB  1 
ATOM   1567 C CG1 . ILE B 1 107 ? 10.771  1.834   -2.454  1.00 22.73 ? 107  ILE B CG1 1 
ATOM   1568 C CG2 . ILE B 1 107 ? 9.312   1.565   -0.442  1.00 22.55 ? 107  ILE B CG2 1 
ATOM   1569 C CD1 . ILE B 1 107 ? 10.294  3.165   -3.078  1.00 21.64 ? 107  ILE B CD1 1 
ATOM   1570 N N   . ALA B 1 108 ? 10.936  3.770   1.979   1.00 20.11 ? 108  ALA B N   1 
ATOM   1571 C CA  . ALA B 1 108 ? 10.853  3.671   3.437   1.00 20.69 ? 108  ALA B CA  1 
ATOM   1572 C C   . ALA B 1 108 ? 9.405   3.427   3.869   1.00 20.33 ? 108  ALA B C   1 
ATOM   1573 O O   . ALA B 1 108 ? 8.484   3.952   3.277   1.00 21.49 ? 108  ALA B O   1 
ATOM   1574 C CB  . ALA B 1 108 ? 11.422  4.920   4.122   1.00 19.11 ? 108  ALA B CB  1 
ATOM   1575 N N   . ALA B 1 109 ? 9.229   2.640   4.910   1.00 19.41 ? 109  ALA B N   1 
ATOM   1576 C CA  . ALA B 1 109 ? 7.919   2.373   5.428   1.00 18.45 ? 109  ALA B CA  1 
ATOM   1577 C C   . ALA B 1 109 ? 8.004   2.455   6.908   1.00 18.31 ? 109  ALA B C   1 
ATOM   1578 O O   . ALA B 1 109 ? 8.866   1.832   7.514   1.00 18.48 ? 109  ALA B O   1 
ATOM   1579 C CB  . ALA B 1 109 ? 7.410   1.007   4.989   1.00 17.46 ? 109  ALA B CB  1 
ATOM   1580 N N   . LEU B 1 110 ? 7.089   3.221   7.486   1.00 16.79 ? 110  LEU B N   1 
ATOM   1581 C CA  . LEU B 1 110 ? 6.947   3.320   8.924   1.00 16.73 ? 110  LEU B CA  1 
ATOM   1582 C C   . LEU B 1 110 ? 5.710   2.540   9.342   1.00 16.69 ? 110  LEU B C   1 
ATOM   1583 O O   . LEU B 1 110 ? 4.587   2.836   8.910   1.00 15.99 ? 110  LEU B O   1 
ATOM   1584 C CB  . LEU B 1 110 ? 6.755   4.794   9.296   1.00 16.44 ? 110  LEU B CB  1 
ATOM   1585 C CG  . LEU B 1 110 ? 6.471   5.146   10.756  1.00 16.34 ? 110  LEU B CG  1 
ATOM   1586 C CD1 . LEU B 1 110 ? 7.633   4.729   11.632  1.00 17.62 ? 110  LEU B CD1 1 
ATOM   1587 C CD2 . LEU B 1 110 ? 6.224   6.659   10.875  1.00 19.97 ? 110  LEU B CD2 1 
ATOM   1588 N N   . LEU B 1 111 ? 5.888   1.541   10.179  1.00 16.56 ? 111  LEU B N   1 
ATOM   1589 C CA  . LEU B 1 111 ? 4.768   0.632   10.442  1.00 15.29 ? 111  LEU B CA  1 
ATOM   1590 C C   . LEU B 1 111 ? 4.170   0.815   11.800  1.00 15.69 ? 111  LEU B C   1 
ATOM   1591 O O   . LEU B 1 111 ? 4.909   0.913   12.788  1.00 16.25 ? 111  LEU B O   1 
ATOM   1592 C CB  . LEU B 1 111 ? 5.227   -0.824  10.306  1.00 16.14 ? 111  LEU B CB  1 
ATOM   1593 C CG  . LEU B 1 111 ? 6.001   -1.239  9.042   1.00 15.00 ? 111  LEU B CG  1 
ATOM   1594 C CD1 . LEU B 1 111 ? 6.332   -2.756  9.219   1.00 16.91 ? 111  LEU B CD1 1 
ATOM   1595 C CD2 . LEU B 1 111 ? 5.211   -0.995  7.732   1.00 13.30 ? 111  LEU B CD2 1 
ATOM   1596 N N   . SER B 1 112 ? 2.832   0.830   11.847  1.00 14.81 ? 112  SER B N   1 
ATOM   1597 C CA  . SER B 1 112 ? 2.081   0.648   13.072  1.00 16.49 ? 112  SER B CA  1 
ATOM   1598 C C   . SER B 1 112 ? 1.105   -0.488  12.821  1.00 15.95 ? 112  SER B C   1 
ATOM   1599 O O   . SER B 1 112 ? 0.905   -0.875  11.674  1.00 16.24 ? 112  SER B O   1 
ATOM   1600 C CB  . SER B 1 112 ? 1.320   1.900   13.446  1.00 16.24 ? 112  SER B CB  1 
ATOM   1601 O OG  . SER B 1 112 ? 2.251   2.928   13.746  1.00 21.61 ? 112  SER B OG  1 
ATOM   1602 N N   . PRO B 1 113 ? 0.526   -1.039  13.894  1.00 14.99 ? 113  PRO B N   1 
ATOM   1603 C CA  . PRO B 1 113 ? -0.394  -2.171  13.721  1.00 15.21 ? 113  PRO B CA  1 
ATOM   1604 C C   . PRO B 1 113 ? -1.559  -1.864  12.804  1.00 14.76 ? 113  PRO B C   1 
ATOM   1605 O O   . PRO B 1 113 ? -1.930  -2.737  12.024  1.00 15.19 ? 113  PRO B O   1 
ATOM   1606 C CB  . PRO B 1 113 ? -0.880  -2.457  15.154  1.00 14.22 ? 113  PRO B CB  1 
ATOM   1607 C CG  . PRO B 1 113 ? 0.298   -1.993  15.999  1.00 14.38 ? 113  PRO B CG  1 
ATOM   1608 C CD  . PRO B 1 113 ? 0.746   -0.721  15.320  1.00 14.98 ? 113  PRO B CD  1 
ATOM   1609 N N   . TYR B 1 114 ? -2.159  -0.672  12.908  1.00 14.56 ? 114  TYR B N   1 
ATOM   1610 C CA  . TYR B 1 114 ? -3.289  -0.342  12.064  1.00 14.28 ? 114  TYR B CA  1 
ATOM   1611 C C   . TYR B 1 114 ? -3.002  0.723   11.037  1.00 15.39 ? 114  TYR B C   1 
ATOM   1612 O O   . TYR B 1 114 ? -3.931  1.265   10.466  1.00 15.86 ? 114  TYR B O   1 
ATOM   1613 C CB  . TYR B 1 114 ? -4.496  0.094   12.892  1.00 15.58 ? 114  TYR B CB  1 
ATOM   1614 C CG  . TYR B 1 114 ? -5.341  -1.102  13.302  1.00 19.27 ? 114  TYR B CG  1 
ATOM   1615 C CD1 . TYR B 1 114 ? -4.825  -2.076  14.146  1.00 20.76 ? 114  TYR B CD1 1 
ATOM   1616 C CD2 . TYR B 1 114 ? -6.621  -1.295  12.771  1.00 18.34 ? 114  TYR B CD2 1 
ATOM   1617 C CE1 . TYR B 1 114 ? -5.598  -3.213  14.474  1.00 25.24 ? 114  TYR B CE1 1 
ATOM   1618 C CE2 . TYR B 1 114 ? -7.385  -2.417  13.104  1.00 22.22 ? 114  TYR B CE2 1 
ATOM   1619 C CZ  . TYR B 1 114 ? -6.860  -3.355  13.946  1.00 22.20 ? 114  TYR B CZ  1 
ATOM   1620 O OH  . TYR B 1 114 ? -7.624  -4.447  14.258  1.00 30.14 ? 114  TYR B OH  1 
ATOM   1621 N N   . SER B 1 115 ? -1.749  1.055   10.816  1.00 16.27 ? 115  SER B N   1 
ATOM   1622 C CA  . SER B 1 115 ? -1.484  2.003   9.743   1.00 17.96 ? 115  SER B CA  1 
ATOM   1623 C C   . SER B 1 115 ? -0.078  1.828   9.272   1.00 17.28 ? 115  SER B C   1 
ATOM   1624 O O   . SER B 1 115 ? 0.713   1.185   9.921   1.00 16.97 ? 115  SER B O   1 
ATOM   1625 C CB  . SER B 1 115 ? -1.606  3.391   10.330  1.00 18.34 ? 115  SER B CB  1 
ATOM   1626 O OG  . SER B 1 115 ? -0.587  3.496   11.296  1.00 23.63 ? 115  SER B OG  1 
ATOM   1627 N N   . TYR B 1 116 ? 0.241   2.385   8.107   1.00 16.37 ? 116  TYR B N   1 
ATOM   1628 C CA  . TYR B 1 116 ? 1.617   2.514   7.726   1.00 16.52 ? 116  TYR B CA  1 
ATOM   1629 C C   . TYR B 1 116 ? 1.732   3.707   6.815   1.00 17.27 ? 116  TYR B C   1 
ATOM   1630 O O   . TYR B 1 116 ? 0.780   4.072   6.155   1.00 15.67 ? 116  TYR B O   1 
ATOM   1631 C CB  . TYR B 1 116 ? 2.159   1.266   7.023   1.00 16.65 ? 116  TYR B CB  1 
ATOM   1632 C CG  . TYR B 1 116 ? 1.540   0.899   5.710   1.00 17.47 ? 116  TYR B CG  1 
ATOM   1633 C CD1 . TYR B 1 116 ? 2.014   1.432   4.522   1.00 15.60 ? 116  TYR B CD1 1 
ATOM   1634 C CD2 . TYR B 1 116 ? 0.492   -0.007  5.646   1.00 19.36 ? 116  TYR B CD2 1 
ATOM   1635 C CE1 . TYR B 1 116 ? 1.449   1.101   3.323   1.00 19.25 ? 116  TYR B CE1 1 
ATOM   1636 C CE2 . TYR B 1 116 ? -0.066  -0.369  4.424   1.00 20.82 ? 116  TYR B CE2 1 
ATOM   1637 C CZ  . TYR B 1 116 ? 0.406   0.198   3.280   1.00 19.88 ? 116  TYR B CZ  1 
ATOM   1638 O OH  . TYR B 1 116 ? -0.139  -0.159  2.078   1.00 23.39 ? 116  TYR B OH  1 
ATOM   1639 N N   . SER B 1 117 ? 2.896   4.313   6.809   1.00 18.06 ? 117  SER B N   1 
ATOM   1640 C CA  . SER B 1 117 ? 3.166   5.319   5.813   1.00 19.52 ? 117  SER B CA  1 
ATOM   1641 C C   . SER B 1 117 ? 4.394   4.863   5.037   1.00 19.39 ? 117  SER B C   1 
ATOM   1642 O O   . SER B 1 117 ? 5.213   4.089   5.549   1.00 19.78 ? 117  SER B O   1 
ATOM   1643 C CB  . SER B 1 117 ? 3.412   6.656   6.486   1.00 19.21 ? 117  SER B CB  1 
ATOM   1644 O OG  . SER B 1 117 ? 4.317   6.433   7.525   1.00 23.40 ? 117  SER B OG  1 
ATOM   1645 N N   . THR B 1 118 ? 4.533   5.341   3.806   1.00 18.07 ? 118  THR B N   1 
ATOM   1646 C CA  . THR B 1 118 ? 5.652   4.931   3.006   1.00 18.82 ? 118  THR B CA  1 
ATOM   1647 C C   . THR B 1 118 ? 5.998   6.099   2.113   1.00 19.58 ? 118  THR B C   1 
ATOM   1648 O O   . THR B 1 118 ? 5.093   6.841   1.680   1.00 19.64 ? 118  THR B O   1 
ATOM   1649 C CB  . THR B 1 118 ? 5.310   3.688   2.182   1.00 19.49 ? 118  THR B CB  1 
ATOM   1650 O OG1 . THR B 1 118 ? 6.416   3.311   1.361   1.00 22.26 ? 118  THR B OG1 1 
ATOM   1651 C CG2 . THR B 1 118 ? 4.119   3.915   1.299   1.00 20.09 ? 118  THR B CG2 1 
ATOM   1652 N N   . THR B 1 119 ? 7.287   6.293   1.880   1.00 18.38 ? 119  THR B N   1 
ATOM   1653 C CA  . THR B 1 119 ? 7.710   7.406   1.065   1.00 19.92 ? 119  THR B CA  1 
ATOM   1654 C C   . THR B 1 119 ? 8.833   6.893   0.212   1.00 19.86 ? 119  THR B C   1 
ATOM   1655 O O   . THR B 1 119 ? 9.444   5.890   0.529   1.00 19.97 ? 119  THR B O   1 
ATOM   1656 C CB  . THR B 1 119 ? 8.182   8.616   1.943   1.00 20.23 ? 119  THR B CB  1 
ATOM   1657 O OG1 . THR B 1 119 ? 8.381   9.784   1.115   1.00 20.83 ? 119  THR B OG1 1 
ATOM   1658 C CG2 . THR B 1 119 ? 9.481   8.275   2.709   1.00 19.47 ? 119  THR B CG2 1 
ATOM   1659 N N   . ALA B 1 120 ? 9.112   7.568   -0.877  1.00 20.20 ? 120  ALA B N   1 
ATOM   1660 C CA  . ALA B 1 120 ? 10.237  7.176   -1.690  1.00 21.83 ? 120  ALA B CA  1 
ATOM   1661 C C   . ALA B 1 120 ? 11.216  8.325   -1.620  1.00 23.47 ? 120  ALA B C   1 
ATOM   1662 O O   . ALA B 1 120 ? 10.836  9.478   -1.806  1.00 21.96 ? 120  ALA B O   1 
ATOM   1663 C CB  . ALA B 1 120 ? 9.794   6.949   -3.127  1.00 21.84 ? 120  ALA B CB  1 
ATOM   1664 N N   . VAL B 1 121 ? 12.462  8.017   -1.310  1.00 25.78 ? 121  VAL B N   1 
ATOM   1665 C CA  . VAL B 1 121 ? 13.502  9.017   -1.381  1.00 29.36 ? 121  VAL B CA  1 
ATOM   1666 C C   . VAL B 1 121 ? 14.320  8.664   -2.611  1.00 31.55 ? 121  VAL B C   1 
ATOM   1667 O O   . VAL B 1 121 ? 14.960  7.596   -2.648  1.00 31.59 ? 121  VAL B O   1 
ATOM   1668 C CB  . VAL B 1 121 ? 14.369  9.026   -0.126  1.00 28.76 ? 121  VAL B CB  1 
ATOM   1669 C CG1 . VAL B 1 121 ? 15.193  10.301  -0.082  1.00 31.32 ? 121  VAL B CG1 1 
ATOM   1670 C CG2 . VAL B 1 121 ? 13.509  8.937   1.116   1.00 29.99 ? 121  VAL B CG2 1 
ATOM   1671 N N   . VAL B 1 122 ? 14.218  9.512   -3.641  1.00 34.32 ? 122  VAL B N   1 
ATOM   1672 C CA  . VAL B 1 122 ? 15.010  9.372   -4.868  1.00 37.16 ? 122  VAL B CA  1 
ATOM   1673 C C   . VAL B 1 122 ? 16.178  10.357  -4.886  1.00 38.63 ? 122  VAL B C   1 
ATOM   1674 O O   . VAL B 1 122 ? 15.978  11.567  -4.887  1.00 39.37 ? 122  VAL B O   1 
ATOM   1675 C CB  . VAL B 1 122 ? 14.178  9.611   -6.140  1.00 37.29 ? 122  VAL B CB  1 
ATOM   1676 C CG1 . VAL B 1 122 ? 15.064  9.441   -7.381  1.00 38.07 ? 122  VAL B CG1 1 
ATOM   1677 C CG2 . VAL B 1 122 ? 12.985  8.669   -6.197  1.00 38.15 ? 122  VAL B CG2 1 
ATOM   1678 N N   . THR B 1 123 ? 17.401  9.844   -4.937  1.00 40.50 ? 123  THR B N   1 
ATOM   1679 C CA  . THR B 1 123 ? 18.581  10.703  -4.806  1.00 41.94 ? 123  THR B CA  1 
ATOM   1680 C C   . THR B 1 123 ? 19.669  10.409  -5.833  1.00 42.11 ? 123  THR B C   1 
ATOM   1681 O O   . THR B 1 123 ? 19.789  9.282   -6.306  1.00 42.30 ? 123  THR B O   1 
ATOM   1682 C CB  . THR B 1 123 ? 19.180  10.585  -3.396  1.00 42.32 ? 123  THR B CB  1 
ATOM   1683 O OG1 . THR B 1 123 ? 19.389  9.200   -3.073  1.00 44.37 ? 123  THR B OG1 1 
ATOM   1684 C CG2 . THR B 1 123 ? 18.228  11.194  -2.377  1.00 42.97 ? 123  THR B CG2 1 
HETATM 1685 C C1  . DNF C 2 .   ? -2.826  10.220  8.621   0.50 30.15 ? 128  DNF A C1  1 
HETATM 1686 O O1  . DNF C 2 .   ? -1.533  9.897   8.407   0.50 27.95 ? 128  DNF A O1  1 
HETATM 1687 C C2  . DNF C 2 .   ? -3.866  9.543   7.968   0.50 30.00 ? 128  DNF A C2  1 
HETATM 1688 N N2  . DNF C 2 .   ? -3.667  8.465   7.023   0.50 30.28 ? 128  DNF A N2  1 
HETATM 1689 O O21 . DNF C 2 .   ? -2.825  7.631   7.203   0.50 30.75 ? 128  DNF A O21 1 
HETATM 1690 O O22 . DNF C 2 .   ? -4.409  8.395   6.057   0.50 32.63 ? 128  DNF A O22 1 
HETATM 1691 C C3  . DNF C 2 .   ? -5.193  9.902   8.211   0.50 31.09 ? 128  DNF A C3  1 
HETATM 1692 C C4  . DNF C 2 .   ? -5.479  10.918  9.125   0.50 30.83 ? 128  DNF A C4  1 
HETATM 1693 N N4  . DNF C 2 .   ? -6.864  11.279  9.347   0.50 30.01 ? 128  DNF A N4  1 
HETATM 1694 O O41 . DNF C 2 .   ? -7.715  10.416  9.460   0.50 31.57 ? 128  DNF A O41 1 
HETATM 1695 O O42 . DNF C 2 .   ? -7.156  12.462  9.392   0.50 31.65 ? 128  DNF A O42 1 
HETATM 1696 C C5  . DNF C 2 .   ? -4.448  11.597  9.784   0.50 30.09 ? 128  DNF A C5  1 
HETATM 1697 C C6  . DNF C 2 .   ? -3.117  11.247  9.529   0.50 28.58 ? 128  DNF A C6  1 
HETATM 1698 C C1  . DNF D 2 .   ? 7.616   8.364   7.749   0.50 31.08 ? 128  DNF B C1  1 
HETATM 1699 O O1  . DNF D 2 .   ? 6.272   8.486   7.695   0.50 30.77 ? 128  DNF B O1  1 
HETATM 1700 C C2  . DNF D 2 .   ? 8.258   7.503   6.853   0.50 30.90 ? 128  DNF B C2  1 
HETATM 1701 N N2  . DNF D 2 .   ? 7.503   6.768   5.862   0.50 30.66 ? 128  DNF B N2  1 
HETATM 1702 O O21 . DNF D 2 .   ? 6.460   7.245   5.449   0.50 30.54 ? 128  DNF B O21 1 
HETATM 1703 O O22 . DNF D 2 .   ? 7.928   5.735   5.432   0.50 30.99 ? 128  DNF B O22 1 
HETATM 1704 C C3  . DNF D 2 .   ? 9.646   7.354   6.878   0.50 31.37 ? 128  DNF B C3  1 
HETATM 1705 C C4  . DNF D 2 .   ? 10.370  8.089   7.822   0.50 32.13 ? 128  DNF B C4  1 
HETATM 1706 N N4  . DNF D 2 .   ? 11.805  7.922   7.839   0.50 32.07 ? 128  DNF B N4  1 
HETATM 1707 O O41 . DNF D 2 .   ? 12.300  6.982   7.244   0.50 34.53 ? 128  DNF B O41 1 
HETATM 1708 O O42 . DNF D 2 .   ? 12.476  8.725   8.464   0.50 34.88 ? 128  DNF B O42 1 
HETATM 1709 C C5  . DNF D 2 .   ? 9.747   8.961   8.726   0.50 30.99 ? 128  DNF B C5  1 
HETATM 1710 C C6  . DNF D 2 .   ? 8.355   9.095   8.689   0.50 30.77 ? 128  DNF B C6  1 
HETATM 1711 O O   . HOH E 3 .   ? -9.027  17.169  -4.802  1.00 23.25 ? 2001 HOH A O   1 
HETATM 1712 O O   . HOH E 3 .   ? -11.208 -13.591 0.453   1.00 19.95 ? 2002 HOH A O   1 
HETATM 1713 O O   . HOH E 3 .   ? -13.402 -3.696  -8.327  1.00 24.60 ? 2003 HOH A O   1 
HETATM 1714 O O   . HOH E 3 .   ? -15.474 -17.727 0.607   1.00 21.89 ? 2004 HOH A O   1 
HETATM 1715 O O   . HOH E 3 .   ? -0.033  9.644   -3.112  1.00 14.17 ? 2005 HOH A O   1 
HETATM 1716 O O   . HOH E 3 .   ? 2.468   8.703   -5.062  1.00 17.51 ? 2006 HOH A O   1 
HETATM 1717 O O   . HOH E 3 .   ? 0.508   8.390   -7.108  1.00 15.31 ? 2007 HOH A O   1 
HETATM 1718 O O   . HOH E 3 .   ? -5.153  1.284   5.852   1.00 23.99 ? 2011 HOH A O   1 
HETATM 1719 O O   . HOH E 3 .   ? 6.715   4.477   -1.026  1.00 22.27 ? 2012 HOH A O   1 
HETATM 1720 O O   . HOH E 3 .   ? -16.925 5.465   1.677   1.00 22.76 ? 2015 HOH A O   1 
HETATM 1721 O O   . HOH E 3 .   ? -0.135  23.905  -1.135  1.00 32.39 ? 2016 HOH A O   1 
HETATM 1722 O O   . HOH E 3 .   ? -8.036  8.620   -9.257  1.00 16.78 ? 2017 HOH A O   1 
HETATM 1723 O O   . HOH E 3 .   ? -13.962 -12.766 -4.120  1.00 28.45 ? 2018 HOH A O   1 
HETATM 1724 O O   . HOH E 3 .   ? -14.117 19.972  -0.261  1.00 44.04 ? 2019 HOH A O   1 
HETATM 1725 O O   . HOH E 3 .   ? -22.129 -8.832  7.109   1.00 39.45 ? 2020 HOH A O   1 
HETATM 1726 O O   . HOH E 3 .   ? -20.186 -10.686 -1.702  1.00 28.07 ? 2021 HOH A O   1 
HETATM 1727 O O   . HOH E 3 .   ? -11.025 -15.516 2.146   1.00 35.35 ? 2022 HOH A O   1 
HETATM 1728 O O   . HOH E 3 .   ? 7.312   14.661  -15.421 1.00 33.08 ? 2023 HOH A O   1 
HETATM 1729 O O   . HOH E 3 .   ? 1.503   1.508   -3.543  1.00 19.23 ? 2025 HOH A O   1 
HETATM 1730 O O   . HOH E 3 .   ? -15.163 2.701   11.041  1.00 22.25 ? 2028 HOH A O   1 
HETATM 1731 O O   . HOH E 3 .   ? -16.136 6.806   8.360   1.00 33.46 ? 2029 HOH A O   1 
HETATM 1732 O O   . HOH E 3 .   ? 0.900   12.086  2.677   1.00 27.89 ? 2030 HOH A O   1 
HETATM 1733 O O   . HOH E 3 .   ? -6.290  4.582   13.046  1.00 26.03 ? 2031 HOH A O   1 
HETATM 1734 O O   . HOH E 3 .   ? -7.770  -6.944  9.646   1.00 20.51 ? 2038 HOH A O   1 
HETATM 1735 O O   . HOH E 3 .   ? -18.871 3.480   1.238   1.00 27.39 ? 2039 HOH A O   1 
HETATM 1736 O O   . HOH E 3 .   ? -1.715  -9.867  -3.873  1.00 40.64 ? 2040 HOH A O   1 
HETATM 1737 O O   . HOH E 3 .   ? -5.429  -11.468 -9.520  1.00 34.05 ? 2041 HOH A O   1 
HETATM 1738 O O   . HOH E 3 .   ? -16.396 -3.373  -9.119  1.00 36.75 ? 2042 HOH A O   1 
HETATM 1739 O O   . HOH E 3 .   ? -11.586 9.736   -11.185 1.00 33.11 ? 2043 HOH A O   1 
HETATM 1740 O O   . HOH E 3 .   ? -25.919 -2.281  4.542   1.00 37.91 ? 2044 HOH A O   1 
HETATM 1741 O O   . HOH E 3 .   ? -0.312  6.731   -3.213  1.00 38.97 ? 2045 HOH A O   1 
HETATM 1742 O O   . HOH E 3 .   ? -10.689 -9.442  10.502  1.00 35.42 ? 2046 HOH A O   1 
HETATM 1743 O O   . HOH E 3 .   ? -12.089 -7.546  14.207  1.00 37.28 ? 2047 HOH A O   1 
HETATM 1744 O O   . HOH E 3 .   ? -11.561 -6.769  11.789  1.00 29.61 ? 2048 HOH A O   1 
HETATM 1745 O O   . HOH E 3 .   ? -16.124 -0.252  18.655  1.00 38.69 ? 2050 HOH A O   1 
HETATM 1746 O O   . HOH E 3 .   ? -9.320  16.498  -8.137  1.00 40.17 ? 2054 HOH A O   1 
HETATM 1747 O O   . HOH E 3 .   ? -0.731  -11.000 -2.065  1.00 43.24 ? 2055 HOH A O   1 
HETATM 1748 O O   . HOH E 3 .   ? -18.760 10.409  -4.593  1.00 36.53 ? 2056 HOH A O   1 
HETATM 1749 O O   . HOH E 3 .   ? -0.531  0.219   -12.565 1.00 36.35 ? 2057 HOH A O   1 
HETATM 1750 O O   . HOH E 3 .   ? -3.940  -1.954  -11.387 1.00 43.34 ? 2061 HOH A O   1 
HETATM 1751 O O   . HOH E 3 .   ? -11.087 10.080  9.478   1.00 37.21 ? 2062 HOH A O   1 
HETATM 1752 O O   . HOH E 3 .   ? -11.587 15.293  7.566   1.00 43.21 ? 2063 HOH A O   1 
HETATM 1753 O O   . HOH E 3 .   ? -7.233  23.894  1.373   1.00 36.89 ? 2064 HOH A O   1 
HETATM 1754 O O   . HOH E 3 .   ? -8.349  27.018  1.490   1.00 41.82 ? 2065 HOH A O   1 
HETATM 1755 O O   . HOH E 3 .   ? -16.089 -10.674 -4.890  1.00 34.66 ? 2066 HOH A O   1 
HETATM 1756 O O   . HOH E 3 .   ? -18.967 -10.091 -4.173  1.00 38.65 ? 2067 HOH A O   1 
HETATM 1757 O O   . HOH E 3 .   ? -15.191 -1.814  -11.401 1.00 34.72 ? 2068 HOH A O   1 
HETATM 1758 O O   . HOH E 3 .   ? -12.888 -15.894 -11.137 1.00 43.42 ? 2069 HOH A O   1 
HETATM 1759 O O   . HOH E 3 .   ? -22.478 -5.021  -5.533  1.00 41.70 ? 2070 HOH A O   1 
HETATM 1760 O O   . HOH F 3 .   ? 0.135   -11.857 -10.227 1.00 36.49 ? 2008 HOH B O   1 
HETATM 1761 O O   . HOH F 3 .   ? 18.352  -10.492 3.131   1.00 30.55 ? 2009 HOH B O   1 
HETATM 1762 O O   . HOH F 3 .   ? 0.253   -5.972  9.407   1.00 21.43 ? 2010 HOH B O   1 
HETATM 1763 O O   . HOH F 3 .   ? 2.277   -2.051  9.682   1.00 17.01 ? 2013 HOH B O   1 
HETATM 1764 O O   . HOH F 3 .   ? -0.910  -3.401  9.644   1.00 17.76 ? 2014 HOH B O   1 
HETATM 1765 O O   . HOH F 3 .   ? 7.486   6.696   -10.321 1.00 29.23 ? 2024 HOH B O   1 
HETATM 1766 O O   . HOH F 3 .   ? -1.964  -2.864  2.469   1.00 18.51 ? 2026 HOH B O   1 
HETATM 1767 O O   . HOH F 3 .   ? -5.470  -8.841  7.961   1.00 25.41 ? 2027 HOH B O   1 
HETATM 1768 O O   . HOH F 3 .   ? 19.092  -3.087  -1.612  1.00 29.51 ? 2032 HOH B O   1 
HETATM 1769 O O   . HOH F 3 .   ? 17.758  -2.483  1.091   1.00 25.95 ? 2033 HOH B O   1 
HETATM 1770 O O   . HOH F 3 .   ? 12.342  -4.627  15.147  1.00 30.31 ? 2034 HOH B O   1 
HETATM 1771 O O   . HOH F 3 .   ? 19.085  3.734   -18.756 1.00 25.64 ? 2035 HOH B O   1 
HETATM 1772 O O   . HOH F 3 .   ? 7.228   -3.697  -15.904 1.00 33.99 ? 2036 HOH B O   1 
HETATM 1773 O O   . HOH F 3 .   ? 24.712  -2.487  -8.848  1.00 37.05 ? 2037 HOH B O   1 
HETATM 1774 O O   . HOH F 3 .   ? -9.058  -5.476  11.565  1.00 31.22 ? 2049 HOH B O   1 
HETATM 1775 O O   . HOH F 3 .   ? 7.836   -10.286 7.947   1.00 24.63 ? 2051 HOH B O   1 
HETATM 1776 O O   . HOH F 3 .   ? 15.345  2.344   -13.265 1.00 39.66 ? 2052 HOH B O   1 
HETATM 1777 O O   . HOH F 3 .   ? 10.726  11.382  0.961   1.00 34.06 ? 2053 HOH B O   1 
HETATM 1778 O O   . HOH F 3 .   ? 16.450  7.939   3.460   1.00 36.60 ? 2058 HOH B O   1 
HETATM 1779 O O   . HOH F 3 .   ? 15.255  7.226   6.288   1.00 34.01 ? 2059 HOH B O   1 
HETATM 1780 O O   . HOH F 3 .   ? -1.474  -3.701  -9.882  1.00 39.51 ? 2060 HOH B O   1 
HETATM 1781 O O   . HOH F 3 .   ? 6.090   -6.624  -19.319 1.00 42.17 ? 2071 HOH B O   1 
HETATM 1782 O O   . HOH F 3 .   ? 9.197   4.338   -17.235 1.00 38.87 ? 2072 HOH B O   1 
# 
loop_
_pdbx_poly_seq_scheme.asym_id 
_pdbx_poly_seq_scheme.entity_id 
_pdbx_poly_seq_scheme.seq_id 
_pdbx_poly_seq_scheme.mon_id 
_pdbx_poly_seq_scheme.ndb_seq_num 
_pdbx_poly_seq_scheme.pdb_seq_num 
_pdbx_poly_seq_scheme.auth_seq_num 
_pdbx_poly_seq_scheme.pdb_mon_id 
_pdbx_poly_seq_scheme.auth_mon_id 
_pdbx_poly_seq_scheme.pdb_strand_id 
_pdbx_poly_seq_scheme.pdb_ins_code 
_pdbx_poly_seq_scheme.hetero 
A 1 1   GLY 1   1   ?   ?   ?   A . n 
A 1 2   PRO 2   2   ?   ?   ?   A . n 
A 1 3   THR 3   3   ?   ?   ?   A . n 
A 1 4   GLY 4   4   ?   ?   ?   A . n 
A 1 5   THR 5   5   ?   ?   ?   A . n 
A 1 6   GLY 6   6   ?   ?   ?   A . n 
A 1 7   GLU 7   7   ?   ?   ?   A . n 
A 1 8   SER 8   8   ?   ?   ?   A . n 
A 1 9   LYS 9   9   ?   ?   ?   A . n 
A 1 10  CYS 10  10  10  CYS CYS A . n 
A 1 11  PRO 11  11  11  PRO PRO A . n 
A 1 12  LEU 12  12  12  LEU LEU A . n 
A 1 13  MET 13  13  13  MET MET A . n 
A 1 14  VAL 14  14  14  VAL VAL A . n 
A 1 15  LYS 15  15  15  LYS LYS A . n 
A 1 16  VAL 16  16  16  VAL VAL A . n 
A 1 17  LEU 17  17  17  LEU LEU A . n 
A 1 18  ASP 18  18  18  ASP ASP A . n 
A 1 19  ALA 19  19  19  ALA ALA A . n 
A 1 20  VAL 20  20  20  VAL VAL A . n 
A 1 21  ARG 21  21  21  ARG ARG A . n 
A 1 22  GLY 22  22  22  GLY GLY A . n 
A 1 23  SER 23  23  23  SER SER A . n 
A 1 24  PRO 24  24  24  PRO PRO A . n 
A 1 25  ALA 25  25  25  ALA ALA A . n 
A 1 26  ILE 26  26  26  ILE ILE A . n 
A 1 27  ASN 27  27  27  ASN ASN A . n 
A 1 28  VAL 28  28  28  VAL VAL A . n 
A 1 29  ALA 29  29  29  ALA ALA A . n 
A 1 30  VAL 30  30  30  VAL VAL A . n 
A 1 31  HIS 31  31  31  HIS HIS A . n 
A 1 32  VAL 32  32  32  VAL VAL A . n 
A 1 33  PHE 33  33  33  PHE PHE A . n 
A 1 34  ARG 34  34  34  ARG ARG A . n 
A 1 35  LYS 35  35  35  LYS LYS A . n 
A 1 36  ALA 36  36  36  ALA ALA A . n 
A 1 37  ALA 37  37  37  ALA ALA A . n 
A 1 38  ASP 38  38  38  ASP ASP A . n 
A 1 39  ASP 39  39  39  ASP ASP A . n 
A 1 40  THR 40  40  40  THR THR A . n 
A 1 41  TRP 41  41  41  TRP TRP A . n 
A 1 42  GLU 42  42  42  GLU GLU A . n 
A 1 43  PRO 43  43  43  PRO PRO A . n 
A 1 44  PHE 44  44  44  PHE PHE A . n 
A 1 45  ALA 45  45  45  ALA ALA A . n 
A 1 46  SER 46  46  46  SER SER A . n 
A 1 47  GLY 47  47  47  GLY GLY A . n 
A 1 48  LYS 48  48  48  LYS LYS A . n 
A 1 49  THR 49  49  49  THR THR A . n 
A 1 50  SER 50  50  50  SER SER A . n 
A 1 51  GLU 51  51  51  GLU GLU A . n 
A 1 52  SER 52  52  52  SER SER A . n 
A 1 53  GLY 53  53  53  GLY GLY A . n 
A 1 54  GLU 54  54  54  GLU GLU A . n 
A 1 55  PRO 55  55  55  PRO PRO A . n 
A 1 56  HIS 56  56  56  HIS HIS A . n 
A 1 57  GLY 57  57  57  GLY GLY A . n 
A 1 58  LEU 58  58  58  LEU LEU A . n 
A 1 59  THR 59  59  59  THR THR A . n 
A 1 60  THR 60  60  60  THR THR A . n 
A 1 61  GLU 61  61  61  GLU GLU A . n 
A 1 62  GLU 62  62  62  GLU GLU A . n 
A 1 63  GLU 63  63  63  GLU GLU A . n 
A 1 64  PHE 64  64  64  PHE PHE A . n 
A 1 65  VAL 65  65  65  VAL VAL A . n 
A 1 66  GLU 66  66  66  GLU GLU A . n 
A 1 67  GLY 67  67  67  GLY GLY A . n 
A 1 68  ILE 68  68  68  ILE ILE A . n 
A 1 69  TYR 69  69  69  TYR TYR A . n 
A 1 70  LYS 70  70  70  LYS LYS A . n 
A 1 71  VAL 71  71  71  VAL VAL A . n 
A 1 72  GLU 72  72  72  GLU GLU A . n 
A 1 73  ILE 73  73  73  ILE ILE A . n 
A 1 74  ASP 74  74  74  ASP ASP A . n 
A 1 75  THR 75  75  75  THR THR A . n 
A 1 76  LYS 76  76  76  LYS LYS A . n 
A 1 77  SER 77  77  77  SER SER A . n 
A 1 78  TYR 78  78  78  TYR TYR A . n 
A 1 79  TRP 79  79  79  TRP TRP A . n 
A 1 80  LYS 80  80  80  LYS LYS A . n 
A 1 81  ALA 81  81  81  ALA ALA A . n 
A 1 82  LEU 82  82  82  LEU LEU A . n 
A 1 83  GLY 83  83  83  GLY GLY A . n 
A 1 84  ILE 84  84  84  ILE ILE A . n 
A 1 85  SER 85  85  85  SER SER A . n 
A 1 86  PRO 86  86  86  PRO PRO A . n 
A 1 87  PHE 87  87  87  PHE PHE A . n 
A 1 88  HIS 88  88  88  HIS HIS A . n 
A 1 89  GLU 89  89  89  GLU GLU A . n 
A 1 90  HIS 90  90  90  HIS HIS A . n 
A 1 91  ALA 91  91  91  ALA ALA A . n 
A 1 92  GLU 92  92  92  GLU GLU A . n 
A 1 93  VAL 93  93  93  VAL VAL A . n 
A 1 94  VAL 94  94  94  VAL VAL A . n 
A 1 95  PHE 95  95  95  PHE PHE A . n 
A 1 96  THR 96  96  96  THR THR A . n 
A 1 97  ALA 97  97  97  ALA ALA A . n 
A 1 98  ASN 98  98  98  ASN ASN A . n 
A 1 99  ASP 99  99  99  ASP ASP A . n 
A 1 100 SER 100 100 100 SER SER A . n 
A 1 101 GLY 101 101 101 GLY GLY A . n 
A 1 102 PRO 102 102 102 PRO PRO A . n 
A 1 103 ARG 103 103 103 ARG ARG A . n 
A 1 104 ARG 104 104 104 ARG ARG A . n 
A 1 105 TYR 105 105 105 TYR TYR A . n 
A 1 106 THR 106 106 106 THR THR A . n 
A 1 107 ILE 107 107 107 ILE ILE A . n 
A 1 108 ALA 108 108 108 ALA ALA A . n 
A 1 109 ALA 109 109 109 ALA ALA A . n 
A 1 110 LEU 110 110 110 LEU LEU A . n 
A 1 111 LEU 111 111 111 LEU LEU A . n 
A 1 112 SER 112 112 112 SER SER A . n 
A 1 113 PRO 113 113 113 PRO PRO A . n 
A 1 114 TYR 114 114 114 TYR TYR A . n 
A 1 115 SER 115 115 115 SER SER A . n 
A 1 116 TYR 116 116 116 TYR TYR A . n 
A 1 117 SER 117 117 117 SER SER A . n 
A 1 118 THR 118 118 118 THR THR A . n 
A 1 119 THR 119 119 119 THR THR A . n 
A 1 120 ALA 120 120 120 ALA ALA A . n 
A 1 121 VAL 121 121 121 VAL VAL A . n 
A 1 122 VAL 122 122 122 VAL VAL A . n 
A 1 123 THR 123 123 123 THR THR A . n 
A 1 124 ASN 124 124 124 ASN ASN A . n 
A 1 125 PRO 125 125 ?   ?   ?   A . n 
A 1 126 LYS 126 126 ?   ?   ?   A . n 
A 1 127 GLU 127 127 ?   ?   ?   A . n 
B 1 1   GLY 1   1   ?   ?   ?   B . n 
B 1 2   PRO 2   2   ?   ?   ?   B . n 
B 1 3   THR 3   3   ?   ?   ?   B . n 
B 1 4   GLY 4   4   ?   ?   ?   B . n 
B 1 5   THR 5   5   ?   ?   ?   B . n 
B 1 6   GLY 6   6   ?   ?   ?   B . n 
B 1 7   GLU 7   7   ?   ?   ?   B . n 
B 1 8   SER 8   8   ?   ?   ?   B . n 
B 1 9   LYS 9   9   ?   ?   ?   B . n 
B 1 10  CYS 10  10  10  CYS CYS B . n 
B 1 11  PRO 11  11  11  PRO PRO B . n 
B 1 12  LEU 12  12  12  LEU LEU B . n 
B 1 13  MET 13  13  13  MET MET B . n 
B 1 14  VAL 14  14  14  VAL VAL B . n 
B 1 15  LYS 15  15  15  LYS LYS B . n 
B 1 16  VAL 16  16  16  VAL VAL B . n 
B 1 17  LEU 17  17  17  LEU LEU B . n 
B 1 18  ASP 18  18  18  ASP ASP B . n 
B 1 19  ALA 19  19  19  ALA ALA B . n 
B 1 20  VAL 20  20  20  VAL VAL B . n 
B 1 21  ARG 21  21  21  ARG ARG B . n 
B 1 22  GLY 22  22  22  GLY GLY B . n 
B 1 23  SER 23  23  23  SER SER B . n 
B 1 24  PRO 24  24  24  PRO PRO B . n 
B 1 25  ALA 25  25  25  ALA ALA B . n 
B 1 26  ILE 26  26  26  ILE ILE B . n 
B 1 27  ASN 27  27  27  ASN ASN B . n 
B 1 28  VAL 28  28  28  VAL VAL B . n 
B 1 29  ALA 29  29  29  ALA ALA B . n 
B 1 30  VAL 30  30  30  VAL VAL B . n 
B 1 31  HIS 31  31  31  HIS HIS B . n 
B 1 32  VAL 32  32  32  VAL VAL B . n 
B 1 33  PHE 33  33  33  PHE PHE B . n 
B 1 34  ARG 34  34  34  ARG ARG B . n 
B 1 35  LYS 35  35  35  LYS LYS B . n 
B 1 36  ALA 36  36  36  ALA ALA B . n 
B 1 37  ALA 37  37  37  ALA ALA B . n 
B 1 38  ASP 38  38  38  ASP ASP B . n 
B 1 39  ASP 39  39  39  ASP ASP B . n 
B 1 40  THR 40  40  40  THR THR B . n 
B 1 41  TRP 41  41  41  TRP TRP B . n 
B 1 42  GLU 42  42  42  GLU GLU B . n 
B 1 43  PRO 43  43  43  PRO PRO B . n 
B 1 44  PHE 44  44  44  PHE PHE B . n 
B 1 45  ALA 45  45  45  ALA ALA B . n 
B 1 46  SER 46  46  46  SER SER B . n 
B 1 47  GLY 47  47  47  GLY GLY B . n 
B 1 48  LYS 48  48  48  LYS LYS B . n 
B 1 49  THR 49  49  49  THR THR B . n 
B 1 50  SER 50  50  50  SER SER B . n 
B 1 51  GLU 51  51  51  GLU GLU B . n 
B 1 52  SER 52  52  52  SER SER B . n 
B 1 53  GLY 53  53  53  GLY GLY B . n 
B 1 54  GLU 54  54  54  GLU GLU B . n 
B 1 55  PRO 55  55  55  PRO PRO B . n 
B 1 56  HIS 56  56  56  HIS HIS B . n 
B 1 57  GLY 57  57  57  GLY GLY B . n 
B 1 58  LEU 58  58  58  LEU LEU B . n 
B 1 59  THR 59  59  59  THR THR B . n 
B 1 60  THR 60  60  60  THR THR B . n 
B 1 61  GLU 61  61  61  GLU GLU B . n 
B 1 62  GLU 62  62  62  GLU GLU B . n 
B 1 63  GLU 63  63  63  GLU GLU B . n 
B 1 64  PHE 64  64  64  PHE PHE B . n 
B 1 65  VAL 65  65  65  VAL VAL B . n 
B 1 66  GLU 66  66  66  GLU GLU B . n 
B 1 67  GLY 67  67  67  GLY GLY B . n 
B 1 68  ILE 68  68  68  ILE ILE B . n 
B 1 69  TYR 69  69  69  TYR TYR B . n 
B 1 70  LYS 70  70  70  LYS LYS B . n 
B 1 71  VAL 71  71  71  VAL VAL B . n 
B 1 72  GLU 72  72  72  GLU GLU B . n 
B 1 73  ILE 73  73  73  ILE ILE B . n 
B 1 74  ASP 74  74  74  ASP ASP B . n 
B 1 75  THR 75  75  75  THR THR B . n 
B 1 76  LYS 76  76  76  LYS LYS B . n 
B 1 77  SER 77  77  77  SER SER B . n 
B 1 78  TYR 78  78  78  TYR TYR B . n 
B 1 79  TRP 79  79  79  TRP TRP B . n 
B 1 80  LYS 80  80  80  LYS LYS B . n 
B 1 81  ALA 81  81  81  ALA ALA B . n 
B 1 82  LEU 82  82  82  LEU LEU B . n 
B 1 83  GLY 83  83  83  GLY GLY B . n 
B 1 84  ILE 84  84  84  ILE ILE B . n 
B 1 85  SER 85  85  85  SER SER B . n 
B 1 86  PRO 86  86  86  PRO PRO B . n 
B 1 87  PHE 87  87  87  PHE PHE B . n 
B 1 88  HIS 88  88  88  HIS HIS B . n 
B 1 89  GLU 89  89  89  GLU GLU B . n 
B 1 90  HIS 90  90  90  HIS HIS B . n 
B 1 91  ALA 91  91  91  ALA ALA B . n 
B 1 92  GLU 92  92  92  GLU GLU B . n 
B 1 93  VAL 93  93  93  VAL VAL B . n 
B 1 94  VAL 94  94  94  VAL VAL B . n 
B 1 95  PHE 95  95  95  PHE PHE B . n 
B 1 96  THR 96  96  96  THR THR B . n 
B 1 97  ALA 97  97  97  ALA ALA B . n 
B 1 98  ASN 98  98  98  ASN ASN B . n 
B 1 99  ASP 99  99  99  ASP ASP B . n 
B 1 100 SER 100 100 100 SER SER B . n 
B 1 101 GLY 101 101 101 GLY GLY B . n 
B 1 102 PRO 102 102 102 PRO PRO B . n 
B 1 103 ARG 103 103 103 ARG ARG B . n 
B 1 104 ARG 104 104 104 ARG ARG B . n 
B 1 105 TYR 105 105 105 TYR TYR B . n 
B 1 106 THR 106 106 106 THR THR B . n 
B 1 107 ILE 107 107 107 ILE ILE B . n 
B 1 108 ALA 108 108 108 ALA ALA B . n 
B 1 109 ALA 109 109 109 ALA ALA B . n 
B 1 110 LEU 110 110 110 LEU LEU B . n 
B 1 111 LEU 111 111 111 LEU LEU B . n 
B 1 112 SER 112 112 112 SER SER B . n 
B 1 113 PRO 113 113 113 PRO PRO B . n 
B 1 114 TYR 114 114 114 TYR TYR B . n 
B 1 115 SER 115 115 115 SER SER B . n 
B 1 116 TYR 116 116 116 TYR TYR B . n 
B 1 117 SER 117 117 117 SER SER B . n 
B 1 118 THR 118 118 118 THR THR B . n 
B 1 119 THR 119 119 119 THR THR B . n 
B 1 120 ALA 120 120 120 ALA ALA B . n 
B 1 121 VAL 121 121 121 VAL VAL B . n 
B 1 122 VAL 122 122 122 VAL VAL B . n 
B 1 123 THR 123 123 123 THR THR B . n 
B 1 124 ASN 124 124 ?   ?   ?   B . n 
B 1 125 PRO 125 125 ?   ?   ?   B . n 
B 1 126 LYS 126 126 ?   ?   ?   B . n 
B 1 127 GLU 127 127 ?   ?   ?   B . n 
# 
loop_
_pdbx_nonpoly_scheme.asym_id 
_pdbx_nonpoly_scheme.entity_id 
_pdbx_nonpoly_scheme.mon_id 
_pdbx_nonpoly_scheme.ndb_seq_num 
_pdbx_nonpoly_scheme.pdb_seq_num 
_pdbx_nonpoly_scheme.auth_seq_num 
_pdbx_nonpoly_scheme.pdb_mon_id 
_pdbx_nonpoly_scheme.auth_mon_id 
_pdbx_nonpoly_scheme.pdb_strand_id 
_pdbx_nonpoly_scheme.pdb_ins_code 
C 2 DNF 1  128  2    DNF DNF A . 
D 2 DNF 1  128  1    DNF DNF B . 
E 3 HOH 1  2001 2001 HOH HOH A . 
E 3 HOH 2  2002 2002 HOH HOH A . 
E 3 HOH 3  2003 2003 HOH HOH A . 
E 3 HOH 4  2004 2004 HOH HOH A . 
E 3 HOH 5  2005 2005 HOH HOH A . 
E 3 HOH 6  2006 2006 HOH HOH A . 
E 3 HOH 7  2007 2007 HOH HOH A . 
E 3 HOH 8  2011 2011 HOH HOH A . 
E 3 HOH 9  2012 2012 HOH HOH A . 
E 3 HOH 10 2015 2015 HOH HOH A . 
E 3 HOH 11 2016 2016 HOH HOH A . 
E 3 HOH 12 2017 2017 HOH HOH A . 
E 3 HOH 13 2018 2018 HOH HOH A . 
E 3 HOH 14 2019 2019 HOH HOH A . 
E 3 HOH 15 2020 2020 HOH HOH A . 
E 3 HOH 16 2021 2021 HOH HOH A . 
E 3 HOH 17 2022 2022 HOH HOH A . 
E 3 HOH 18 2023 2023 HOH HOH A . 
E 3 HOH 19 2025 2025 HOH HOH A . 
E 3 HOH 20 2028 2028 HOH HOH A . 
E 3 HOH 21 2029 2029 HOH HOH A . 
E 3 HOH 22 2030 2030 HOH HOH A . 
E 3 HOH 23 2031 2031 HOH HOH A . 
E 3 HOH 24 2038 2038 HOH HOH A . 
E 3 HOH 25 2039 2039 HOH HOH A . 
E 3 HOH 26 2040 2040 HOH HOH A . 
E 3 HOH 27 2041 2041 HOH HOH A . 
E 3 HOH 28 2042 2042 HOH HOH A . 
E 3 HOH 29 2043 2043 HOH HOH A . 
E 3 HOH 30 2044 2044 HOH HOH A . 
E 3 HOH 31 2045 2045 HOH HOH A . 
E 3 HOH 32 2046 2046 HOH HOH A . 
E 3 HOH 33 2047 2047 HOH HOH A . 
E 3 HOH 34 2048 2048 HOH HOH A . 
E 3 HOH 35 2050 2050 HOH HOH A . 
E 3 HOH 36 2054 2054 HOH HOH A . 
E 3 HOH 37 2055 2055 HOH HOH A . 
E 3 HOH 38 2056 2056 HOH HOH A . 
E 3 HOH 39 2057 2057 HOH HOH A . 
E 3 HOH 40 2061 2061 HOH HOH A . 
E 3 HOH 41 2062 2062 HOH HOH A . 
E 3 HOH 42 2063 2063 HOH HOH A . 
E 3 HOH 43 2064 2064 HOH HOH A . 
E 3 HOH 44 2065 2065 HOH HOH A . 
E 3 HOH 45 2066 2066 HOH HOH A . 
E 3 HOH 46 2067 2067 HOH HOH A . 
E 3 HOH 47 2068 2068 HOH HOH A . 
E 3 HOH 48 2069 2069 HOH HOH A . 
E 3 HOH 49 2070 2070 HOH HOH A . 
F 3 HOH 1  2008 2008 HOH HOH B . 
F 3 HOH 2  2009 2009 HOH HOH B . 
F 3 HOH 3  2010 2010 HOH HOH B . 
F 3 HOH 4  2013 2013 HOH HOH B . 
F 3 HOH 5  2014 2014 HOH HOH B . 
F 3 HOH 6  2024 2024 HOH HOH B . 
F 3 HOH 7  2026 2026 HOH HOH B . 
F 3 HOH 8  2027 2027 HOH HOH B . 
F 3 HOH 9  2032 2032 HOH HOH B . 
F 3 HOH 10 2033 2033 HOH HOH B . 
F 3 HOH 11 2034 2034 HOH HOH B . 
F 3 HOH 12 2035 2035 HOH HOH B . 
F 3 HOH 13 2036 2036 HOH HOH B . 
F 3 HOH 14 2037 2037 HOH HOH B . 
F 3 HOH 15 2049 2049 HOH HOH B . 
F 3 HOH 16 2051 2051 HOH HOH B . 
F 3 HOH 17 2052 2052 HOH HOH B . 
F 3 HOH 18 2053 2053 HOH HOH B . 
F 3 HOH 19 2058 2058 HOH HOH B . 
F 3 HOH 20 2059 2059 HOH HOH B . 
F 3 HOH 21 2060 2060 HOH HOH B . 
F 3 HOH 22 2071 2071 HOH HOH B . 
F 3 HOH 23 2072 2072 HOH HOH B . 
# 
_pdbx_struct_assembly.id                   1 
_pdbx_struct_assembly.details              author_and_software_defined_assembly 
_pdbx_struct_assembly.method_details       PISA,PQS 
_pdbx_struct_assembly.oligomeric_details   tetrameric 
_pdbx_struct_assembly.oligomeric_count     4 
# 
_pdbx_struct_assembly_gen.assembly_id       1 
_pdbx_struct_assembly_gen.oper_expression   1,2 
_pdbx_struct_assembly_gen.asym_id_list      A,B,C,D,E,F 
# 
loop_
_pdbx_struct_assembly_prop.biol_id 
_pdbx_struct_assembly_prop.type 
_pdbx_struct_assembly_prop.value 
_pdbx_struct_assembly_prop.details 
1 'ABSA (A^2)' 7750  ? 
1 MORE         -60   ? 
1 'SSA (A^2)'  17760 ? 
# 
loop_
_pdbx_struct_oper_list.id 
_pdbx_struct_oper_list.type 
_pdbx_struct_oper_list.name 
_pdbx_struct_oper_list.symmetry_operation 
_pdbx_struct_oper_list.matrix[1][1] 
_pdbx_struct_oper_list.matrix[1][2] 
_pdbx_struct_oper_list.matrix[1][3] 
_pdbx_struct_oper_list.vector[1] 
_pdbx_struct_oper_list.matrix[2][1] 
_pdbx_struct_oper_list.matrix[2][2] 
_pdbx_struct_oper_list.matrix[2][3] 
_pdbx_struct_oper_list.vector[2] 
_pdbx_struct_oper_list.matrix[3][1] 
_pdbx_struct_oper_list.matrix[3][2] 
_pdbx_struct_oper_list.matrix[3][3] 
_pdbx_struct_oper_list.vector[3] 
1 'identity operation'         1_555 x,y,z       1.0000000000 0.0000000000  0.0000000000  0.0000000000 0.0000000000  1.0000000000  0.0000000000 0.0000000000  0.0000000000  0.0000000000 1.0000000000  0.0000000000  
2 'crystal symmetry operation' 2_665 -x+1,-y+1,z 0.9320419336 -0.3340215632 -0.1404543674 4.4262170424 -0.3340215632 -0.9422525967 0.0242824892 18.7517539956 -0.1404543674 0.0242824892 -0.9897893369 16.2910331111 
# 
loop_
_pdbx_struct_special_symmetry.id 
_pdbx_struct_special_symmetry.PDB_model_num 
_pdbx_struct_special_symmetry.auth_asym_id 
_pdbx_struct_special_symmetry.auth_comp_id 
_pdbx_struct_special_symmetry.auth_seq_id 
_pdbx_struct_special_symmetry.PDB_ins_code 
_pdbx_struct_special_symmetry.label_asym_id 
_pdbx_struct_special_symmetry.label_comp_id 
_pdbx_struct_special_symmetry.label_seq_id 
1 1 A DNF 128 ? C DNF . 
2 1 A DNF 128 ? C DNF . 
3 1 B DNF 128 ? D DNF . 
4 1 B DNF 128 ? D DNF . 
# 
loop_
_pdbx_audit_revision_history.ordinal 
_pdbx_audit_revision_history.data_content_type 
_pdbx_audit_revision_history.major_revision 
_pdbx_audit_revision_history.minor_revision 
_pdbx_audit_revision_history.revision_date 
1 'Structure model' 1 0 2006-07-18 
2 'Structure model' 1 1 2008-05-01 
3 'Structure model' 1 2 2011-07-13 
4 'Structure model' 1 3 2021-11-10 
5 'Structure model' 1 4 2023-10-25 
# 
_pdbx_audit_revision_details.ordinal             1 
_pdbx_audit_revision_details.revision_ordinal    1 
_pdbx_audit_revision_details.data_content_type   'Structure model' 
_pdbx_audit_revision_details.provider            repository 
_pdbx_audit_revision_details.type                'Initial release' 
_pdbx_audit_revision_details.description         ? 
_pdbx_audit_revision_details.details             ? 
# 
loop_
_pdbx_audit_revision_group.ordinal 
_pdbx_audit_revision_group.revision_ordinal 
_pdbx_audit_revision_group.data_content_type 
_pdbx_audit_revision_group.group 
1 2 'Structure model' 'Version format compliance' 
2 3 'Structure model' 'Derived calculations'      
3 3 'Structure model' 'Version format compliance' 
4 4 'Structure model' 'Database references'       
5 4 'Structure model' 'Derived calculations'      
6 5 'Structure model' 'Data collection'           
7 5 'Structure model' 'Refinement description'    
# 
loop_
_pdbx_audit_revision_category.ordinal 
_pdbx_audit_revision_category.revision_ordinal 
_pdbx_audit_revision_category.data_content_type 
_pdbx_audit_revision_category.category 
1 4 'Structure model' database_2                    
2 4 'Structure model' pdbx_struct_special_symmetry  
3 4 'Structure model' struct_ref_seq_dif            
4 4 'Structure model' struct_site                   
5 5 'Structure model' chem_comp_atom                
6 5 'Structure model' chem_comp_bond                
7 5 'Structure model' pdbx_initial_refinement_model 
# 
loop_
_pdbx_audit_revision_item.ordinal 
_pdbx_audit_revision_item.revision_ordinal 
_pdbx_audit_revision_item.data_content_type 
_pdbx_audit_revision_item.item 
1 4 'Structure model' '_database_2.pdbx_DOI'                
2 4 'Structure model' '_database_2.pdbx_database_accession' 
3 4 'Structure model' '_struct_ref_seq_dif.details'         
4 4 'Structure model' '_struct_site.pdbx_auth_asym_id'      
5 4 'Structure model' '_struct_site.pdbx_auth_comp_id'      
6 4 'Structure model' '_struct_site.pdbx_auth_seq_id'       
# 
loop_
_software.name 
_software.classification 
_software.version 
_software.citation_id 
_software.pdbx_ordinal 
MOSFLM   'data reduction' .         ? 1 
SCALA    'data scaling'   .         ? 2 
AMoRE    phasing          .         ? 3 
ARP/wARP 'model building' 6.0       ? 4 
CCP4     'data scaling'   '(SCALA)' ? 5 
# 
_pdbx_validate_symm_contact.id                1 
_pdbx_validate_symm_contact.PDB_model_num     1 
_pdbx_validate_symm_contact.auth_atom_id_1    O 
_pdbx_validate_symm_contact.auth_asym_id_1    B 
_pdbx_validate_symm_contact.auth_comp_id_1    HOH 
_pdbx_validate_symm_contact.auth_seq_id_1     2059 
_pdbx_validate_symm_contact.PDB_ins_code_1    ? 
_pdbx_validate_symm_contact.label_alt_id_1    ? 
_pdbx_validate_symm_contact.site_symmetry_1   1_555 
_pdbx_validate_symm_contact.auth_atom_id_2    O 
_pdbx_validate_symm_contact.auth_asym_id_2    B 
_pdbx_validate_symm_contact.auth_comp_id_2    HOH 
_pdbx_validate_symm_contact.auth_seq_id_2     2059 
_pdbx_validate_symm_contact.PDB_ins_code_2    ? 
_pdbx_validate_symm_contact.label_alt_id_2    ? 
_pdbx_validate_symm_contact.site_symmetry_2   2_665 
_pdbx_validate_symm_contact.dist              1.83 
# 
_pdbx_validate_torsion.id              1 
_pdbx_validate_torsion.PDB_model_num   1 
_pdbx_validate_torsion.auth_comp_id    SER 
_pdbx_validate_torsion.auth_asym_id    B 
_pdbx_validate_torsion.auth_seq_id     100 
_pdbx_validate_torsion.PDB_ins_code    ? 
_pdbx_validate_torsion.label_alt_id    ? 
_pdbx_validate_torsion.phi             -167.03 
_pdbx_validate_torsion.psi             74.11 
# 
loop_
_pdbx_unobs_or_zero_occ_atoms.id 
_pdbx_unobs_or_zero_occ_atoms.PDB_model_num 
_pdbx_unobs_or_zero_occ_atoms.polymer_flag 
_pdbx_unobs_or_zero_occ_atoms.occupancy_flag 
_pdbx_unobs_or_zero_occ_atoms.auth_asym_id 
_pdbx_unobs_or_zero_occ_atoms.auth_comp_id 
_pdbx_unobs_or_zero_occ_atoms.auth_seq_id 
_pdbx_unobs_or_zero_occ_atoms.PDB_ins_code 
_pdbx_unobs_or_zero_occ_atoms.auth_atom_id 
_pdbx_unobs_or_zero_occ_atoms.label_alt_id 
_pdbx_unobs_or_zero_occ_atoms.label_asym_id 
_pdbx_unobs_or_zero_occ_atoms.label_comp_id 
_pdbx_unobs_or_zero_occ_atoms.label_seq_id 
_pdbx_unobs_or_zero_occ_atoms.label_atom_id 
1  1 Y 1 A ARG 21  ? CZ  ? A ARG 21  CZ  
2  1 Y 1 A ARG 21  ? NH1 ? A ARG 21  NH1 
3  1 Y 1 A ARG 21  ? NH2 ? A ARG 21  NH2 
4  1 Y 1 A ASP 39  ? OD1 ? A ASP 39  OD1 
5  1 Y 1 A ASP 39  ? OD2 ? A ASP 39  OD2 
6  1 Y 1 A LYS 48  ? CE  ? A LYS 48  CE  
7  1 Y 1 A LYS 48  ? NZ  ? A LYS 48  NZ  
8  1 Y 1 A GLU 51  ? CD  ? A GLU 51  CD  
9  1 Y 1 A GLU 51  ? OE1 ? A GLU 51  OE1 
10 1 Y 1 A GLU 51  ? OE2 ? A GLU 51  OE2 
11 1 Y 1 A GLU 61  ? CD  ? A GLU 61  CD  
12 1 Y 1 A GLU 61  ? OE1 ? A GLU 61  OE1 
13 1 Y 1 A GLU 61  ? OE2 ? A GLU 61  OE2 
14 1 Y 1 A GLU 62  ? CG  ? A GLU 62  CG  
15 1 Y 1 A GLU 62  ? CD  ? A GLU 62  CD  
16 1 Y 1 A GLU 62  ? OE1 ? A GLU 62  OE1 
17 1 Y 1 A GLU 62  ? OE2 ? A GLU 62  OE2 
18 1 Y 1 A LYS 80  ? CE  ? A LYS 80  CE  
19 1 Y 1 A LYS 80  ? NZ  ? A LYS 80  NZ  
20 1 Y 1 A LEU 82  ? CD1 ? A LEU 82  CD1 
21 1 Y 1 A LEU 82  ? CD2 ? A LEU 82  CD2 
22 1 Y 1 A GLU 92  ? CB  ? A GLU 92  CB  
23 1 Y 1 A GLU 92  ? CG  ? A GLU 92  CG  
24 1 Y 1 A GLU 92  ? CD  ? A GLU 92  CD  
25 1 Y 1 A GLU 92  ? OE1 ? A GLU 92  OE1 
26 1 Y 1 A GLU 92  ? OE2 ? A GLU 92  OE2 
27 1 Y 1 A ASP 99  ? OD1 ? A ASP 99  OD1 
28 1 Y 1 A ASP 99  ? OD2 ? A ASP 99  OD2 
29 1 Y 1 A ARG 104 ? CZ  ? A ARG 104 CZ  
30 1 Y 1 A ARG 104 ? NH1 ? A ARG 104 NH1 
31 1 Y 1 A ARG 104 ? NH2 ? A ARG 104 NH2 
32 1 Y 1 B ARG 21  ? CZ  ? B ARG 21  CZ  
33 1 Y 1 B ARG 21  ? NH1 ? B ARG 21  NH1 
34 1 Y 1 B ARG 21  ? NH2 ? B ARG 21  NH2 
35 1 Y 1 B ASP 38  ? CB  ? B ASP 38  CB  
36 1 Y 1 B ASP 38  ? CG  ? B ASP 38  CG  
37 1 Y 1 B ASP 38  ? OD1 ? B ASP 38  OD1 
38 1 Y 1 B ASP 38  ? OD2 ? B ASP 38  OD2 
39 1 Y 1 B GLU 42  ? OE1 ? B GLU 42  OE1 
40 1 Y 1 B GLU 42  ? OE2 ? B GLU 42  OE2 
41 1 Y 1 B LYS 48  ? CD  ? B LYS 48  CD  
42 1 Y 1 B LYS 48  ? CE  ? B LYS 48  CE  
43 1 Y 1 B LYS 48  ? NZ  ? B LYS 48  NZ  
44 1 Y 1 B GLU 51  ? CD  ? B GLU 51  CD  
45 1 Y 1 B GLU 51  ? OE1 ? B GLU 51  OE1 
46 1 Y 1 B GLU 51  ? OE2 ? B GLU 51  OE2 
47 1 Y 1 B HIS 56  ? CB  ? B HIS 56  CB  
48 1 Y 1 B HIS 56  ? CG  ? B HIS 56  CG  
49 1 Y 1 B HIS 56  ? ND1 ? B HIS 56  ND1 
50 1 Y 1 B HIS 56  ? CD2 ? B HIS 56  CD2 
51 1 Y 1 B HIS 56  ? CE1 ? B HIS 56  CE1 
52 1 Y 1 B HIS 56  ? NE2 ? B HIS 56  NE2 
53 1 Y 1 B GLU 61  ? CD  ? B GLU 61  CD  
54 1 Y 1 B GLU 61  ? OE1 ? B GLU 61  OE1 
55 1 Y 1 B GLU 61  ? OE2 ? B GLU 61  OE2 
56 1 Y 1 B GLU 62  ? CG  ? B GLU 62  CG  
57 1 Y 1 B GLU 62  ? CD  ? B GLU 62  CD  
58 1 Y 1 B GLU 62  ? OE1 ? B GLU 62  OE1 
59 1 Y 1 B GLU 62  ? OE2 ? B GLU 62  OE2 
60 1 Y 1 B LYS 80  ? CB  ? B LYS 80  CB  
61 1 Y 1 B LYS 80  ? CG  ? B LYS 80  CG  
62 1 Y 1 B LYS 80  ? CD  ? B LYS 80  CD  
63 1 Y 1 B LYS 80  ? CE  ? B LYS 80  CE  
64 1 Y 1 B LYS 80  ? NZ  ? B LYS 80  NZ  
65 1 Y 1 B GLU 92  ? CD  ? B GLU 92  CD  
66 1 Y 1 B GLU 92  ? OE1 ? B GLU 92  OE1 
67 1 Y 1 B GLU 92  ? OE2 ? B GLU 92  OE2 
68 1 Y 1 B ASN 98  ? CB  ? B ASN 98  CB  
69 1 Y 1 B ASN 98  ? CG  ? B ASN 98  CG  
70 1 Y 1 B ASN 98  ? OD1 ? B ASN 98  OD1 
71 1 Y 1 B ASN 98  ? ND2 ? B ASN 98  ND2 
72 1 Y 1 B SER 100 ? OG  ? B SER 100 OG  
73 1 Y 1 B ARG 103 ? CG  ? B ARG 103 CG  
74 1 Y 1 B ARG 103 ? CD  ? B ARG 103 CD  
75 1 Y 1 B ARG 103 ? NE  ? B ARG 103 NE  
76 1 Y 1 B ARG 103 ? CZ  ? B ARG 103 CZ  
77 1 Y 1 B ARG 103 ? NH1 ? B ARG 103 NH1 
78 1 Y 1 B ARG 103 ? NH2 ? B ARG 103 NH2 
79 1 Y 1 B ARG 104 ? CG  ? B ARG 104 CG  
80 1 Y 1 B ARG 104 ? CD  ? B ARG 104 CD  
81 1 Y 1 B ARG 104 ? NE  ? B ARG 104 NE  
82 1 Y 1 B ARG 104 ? CZ  ? B ARG 104 CZ  
83 1 Y 1 B ARG 104 ? NH1 ? B ARG 104 NH1 
84 1 Y 1 B ARG 104 ? NH2 ? B ARG 104 NH2 
# 
loop_
_pdbx_unobs_or_zero_occ_residues.id 
_pdbx_unobs_or_zero_occ_residues.PDB_model_num 
_pdbx_unobs_or_zero_occ_residues.polymer_flag 
_pdbx_unobs_or_zero_occ_residues.occupancy_flag 
_pdbx_unobs_or_zero_occ_residues.auth_asym_id 
_pdbx_unobs_or_zero_occ_residues.auth_comp_id 
_pdbx_unobs_or_zero_occ_residues.auth_seq_id 
_pdbx_unobs_or_zero_occ_residues.PDB_ins_code 
_pdbx_unobs_or_zero_occ_residues.label_asym_id 
_pdbx_unobs_or_zero_occ_residues.label_comp_id 
_pdbx_unobs_or_zero_occ_residues.label_seq_id 
1  1 Y 1 A GLY 1   ? A GLY 1   
2  1 Y 1 A PRO 2   ? A PRO 2   
3  1 Y 1 A THR 3   ? A THR 3   
4  1 Y 1 A GLY 4   ? A GLY 4   
5  1 Y 1 A THR 5   ? A THR 5   
6  1 Y 1 A GLY 6   ? A GLY 6   
7  1 Y 1 A GLU 7   ? A GLU 7   
8  1 Y 1 A SER 8   ? A SER 8   
9  1 Y 1 A LYS 9   ? A LYS 9   
10 1 Y 1 A PRO 125 ? A PRO 125 
11 1 Y 1 A LYS 126 ? A LYS 126 
12 1 Y 1 A GLU 127 ? A GLU 127 
13 1 Y 1 B GLY 1   ? B GLY 1   
14 1 Y 1 B PRO 2   ? B PRO 2   
15 1 Y 1 B THR 3   ? B THR 3   
16 1 Y 1 B GLY 4   ? B GLY 4   
17 1 Y 1 B THR 5   ? B THR 5   
18 1 Y 1 B GLY 6   ? B GLY 6   
19 1 Y 1 B GLU 7   ? B GLU 7   
20 1 Y 1 B SER 8   ? B SER 8   
21 1 Y 1 B LYS 9   ? B LYS 9   
22 1 Y 1 B ASN 124 ? B ASN 124 
23 1 Y 1 B PRO 125 ? B PRO 125 
24 1 Y 1 B LYS 126 ? B LYS 126 
25 1 Y 1 B GLU 127 ? B GLU 127 
# 
loop_
_chem_comp_atom.comp_id 
_chem_comp_atom.atom_id 
_chem_comp_atom.type_symbol 
_chem_comp_atom.pdbx_aromatic_flag 
_chem_comp_atom.pdbx_stereo_config 
_chem_comp_atom.pdbx_ordinal 
ALA N    N N N 1   
ALA CA   C N S 2   
ALA C    C N N 3   
ALA O    O N N 4   
ALA CB   C N N 5   
ALA OXT  O N N 6   
ALA H    H N N 7   
ALA H2   H N N 8   
ALA HA   H N N 9   
ALA HB1  H N N 10  
ALA HB2  H N N 11  
ALA HB3  H N N 12  
ALA HXT  H N N 13  
ARG N    N N N 14  
ARG CA   C N S 15  
ARG C    C N N 16  
ARG O    O N N 17  
ARG CB   C N N 18  
ARG CG   C N N 19  
ARG CD   C N N 20  
ARG NE   N N N 21  
ARG CZ   C N N 22  
ARG NH1  N N N 23  
ARG NH2  N N N 24  
ARG OXT  O N N 25  
ARG H    H N N 26  
ARG H2   H N N 27  
ARG HA   H N N 28  
ARG HB2  H N N 29  
ARG HB3  H N N 30  
ARG HG2  H N N 31  
ARG HG3  H N N 32  
ARG HD2  H N N 33  
ARG HD3  H N N 34  
ARG HE   H N N 35  
ARG HH11 H N N 36  
ARG HH12 H N N 37  
ARG HH21 H N N 38  
ARG HH22 H N N 39  
ARG HXT  H N N 40  
ASN N    N N N 41  
ASN CA   C N S 42  
ASN C    C N N 43  
ASN O    O N N 44  
ASN CB   C N N 45  
ASN CG   C N N 46  
ASN OD1  O N N 47  
ASN ND2  N N N 48  
ASN OXT  O N N 49  
ASN H    H N N 50  
ASN H2   H N N 51  
ASN HA   H N N 52  
ASN HB2  H N N 53  
ASN HB3  H N N 54  
ASN HD21 H N N 55  
ASN HD22 H N N 56  
ASN HXT  H N N 57  
ASP N    N N N 58  
ASP CA   C N S 59  
ASP C    C N N 60  
ASP O    O N N 61  
ASP CB   C N N 62  
ASP CG   C N N 63  
ASP OD1  O N N 64  
ASP OD2  O N N 65  
ASP OXT  O N N 66  
ASP H    H N N 67  
ASP H2   H N N 68  
ASP HA   H N N 69  
ASP HB2  H N N 70  
ASP HB3  H N N 71  
ASP HD2  H N N 72  
ASP HXT  H N N 73  
CYS N    N N N 74  
CYS CA   C N R 75  
CYS C    C N N 76  
CYS O    O N N 77  
CYS CB   C N N 78  
CYS SG   S N N 79  
CYS OXT  O N N 80  
CYS H    H N N 81  
CYS H2   H N N 82  
CYS HA   H N N 83  
CYS HB2  H N N 84  
CYS HB3  H N N 85  
CYS HG   H N N 86  
CYS HXT  H N N 87  
DNF C1   C Y N 88  
DNF O1   O N N 89  
DNF C2   C Y N 90  
DNF N2   N N N 91  
DNF O21  O N N 92  
DNF O22  O N N 93  
DNF C3   C Y N 94  
DNF C4   C Y N 95  
DNF N4   N N N 96  
DNF O41  O N N 97  
DNF O42  O N N 98  
DNF C5   C Y N 99  
DNF C6   C Y N 100 
DNF HO1  H N N 101 
DNF H3   H N N 102 
DNF H5   H N N 103 
DNF H6   H N N 104 
GLU N    N N N 105 
GLU CA   C N S 106 
GLU C    C N N 107 
GLU O    O N N 108 
GLU CB   C N N 109 
GLU CG   C N N 110 
GLU CD   C N N 111 
GLU OE1  O N N 112 
GLU OE2  O N N 113 
GLU OXT  O N N 114 
GLU H    H N N 115 
GLU H2   H N N 116 
GLU HA   H N N 117 
GLU HB2  H N N 118 
GLU HB3  H N N 119 
GLU HG2  H N N 120 
GLU HG3  H N N 121 
GLU HE2  H N N 122 
GLU HXT  H N N 123 
GLY N    N N N 124 
GLY CA   C N N 125 
GLY C    C N N 126 
GLY O    O N N 127 
GLY OXT  O N N 128 
GLY H    H N N 129 
GLY H2   H N N 130 
GLY HA2  H N N 131 
GLY HA3  H N N 132 
GLY HXT  H N N 133 
HIS N    N N N 134 
HIS CA   C N S 135 
HIS C    C N N 136 
HIS O    O N N 137 
HIS CB   C N N 138 
HIS CG   C Y N 139 
HIS ND1  N Y N 140 
HIS CD2  C Y N 141 
HIS CE1  C Y N 142 
HIS NE2  N Y N 143 
HIS OXT  O N N 144 
HIS H    H N N 145 
HIS H2   H N N 146 
HIS HA   H N N 147 
HIS HB2  H N N 148 
HIS HB3  H N N 149 
HIS HD1  H N N 150 
HIS HD2  H N N 151 
HIS HE1  H N N 152 
HIS HE2  H N N 153 
HIS HXT  H N N 154 
HOH O    O N N 155 
HOH H1   H N N 156 
HOH H2   H N N 157 
ILE N    N N N 158 
ILE CA   C N S 159 
ILE C    C N N 160 
ILE O    O N N 161 
ILE CB   C N S 162 
ILE CG1  C N N 163 
ILE CG2  C N N 164 
ILE CD1  C N N 165 
ILE OXT  O N N 166 
ILE H    H N N 167 
ILE H2   H N N 168 
ILE HA   H N N 169 
ILE HB   H N N 170 
ILE HG12 H N N 171 
ILE HG13 H N N 172 
ILE HG21 H N N 173 
ILE HG22 H N N 174 
ILE HG23 H N N 175 
ILE HD11 H N N 176 
ILE HD12 H N N 177 
ILE HD13 H N N 178 
ILE HXT  H N N 179 
LEU N    N N N 180 
LEU CA   C N S 181 
LEU C    C N N 182 
LEU O    O N N 183 
LEU CB   C N N 184 
LEU CG   C N N 185 
LEU CD1  C N N 186 
LEU CD2  C N N 187 
LEU OXT  O N N 188 
LEU H    H N N 189 
LEU H2   H N N 190 
LEU HA   H N N 191 
LEU HB2  H N N 192 
LEU HB3  H N N 193 
LEU HG   H N N 194 
LEU HD11 H N N 195 
LEU HD12 H N N 196 
LEU HD13 H N N 197 
LEU HD21 H N N 198 
LEU HD22 H N N 199 
LEU HD23 H N N 200 
LEU HXT  H N N 201 
LYS N    N N N 202 
LYS CA   C N S 203 
LYS C    C N N 204 
LYS O    O N N 205 
LYS CB   C N N 206 
LYS CG   C N N 207 
LYS CD   C N N 208 
LYS CE   C N N 209 
LYS NZ   N N N 210 
LYS OXT  O N N 211 
LYS H    H N N 212 
LYS H2   H N N 213 
LYS HA   H N N 214 
LYS HB2  H N N 215 
LYS HB3  H N N 216 
LYS HG2  H N N 217 
LYS HG3  H N N 218 
LYS HD2  H N N 219 
LYS HD3  H N N 220 
LYS HE2  H N N 221 
LYS HE3  H N N 222 
LYS HZ1  H N N 223 
LYS HZ2  H N N 224 
LYS HZ3  H N N 225 
LYS HXT  H N N 226 
MET N    N N N 227 
MET CA   C N S 228 
MET C    C N N 229 
MET O    O N N 230 
MET CB   C N N 231 
MET CG   C N N 232 
MET SD   S N N 233 
MET CE   C N N 234 
MET OXT  O N N 235 
MET H    H N N 236 
MET H2   H N N 237 
MET HA   H N N 238 
MET HB2  H N N 239 
MET HB3  H N N 240 
MET HG2  H N N 241 
MET HG3  H N N 242 
MET HE1  H N N 243 
MET HE2  H N N 244 
MET HE3  H N N 245 
MET HXT  H N N 246 
PHE N    N N N 247 
PHE CA   C N S 248 
PHE C    C N N 249 
PHE O    O N N 250 
PHE CB   C N N 251 
PHE CG   C Y N 252 
PHE CD1  C Y N 253 
PHE CD2  C Y N 254 
PHE CE1  C Y N 255 
PHE CE2  C Y N 256 
PHE CZ   C Y N 257 
PHE OXT  O N N 258 
PHE H    H N N 259 
PHE H2   H N N 260 
PHE HA   H N N 261 
PHE HB2  H N N 262 
PHE HB3  H N N 263 
PHE HD1  H N N 264 
PHE HD2  H N N 265 
PHE HE1  H N N 266 
PHE HE2  H N N 267 
PHE HZ   H N N 268 
PHE HXT  H N N 269 
PRO N    N N N 270 
PRO CA   C N S 271 
PRO C    C N N 272 
PRO O    O N N 273 
PRO CB   C N N 274 
PRO CG   C N N 275 
PRO CD   C N N 276 
PRO OXT  O N N 277 
PRO H    H N N 278 
PRO HA   H N N 279 
PRO HB2  H N N 280 
PRO HB3  H N N 281 
PRO HG2  H N N 282 
PRO HG3  H N N 283 
PRO HD2  H N N 284 
PRO HD3  H N N 285 
PRO HXT  H N N 286 
SER N    N N N 287 
SER CA   C N S 288 
SER C    C N N 289 
SER O    O N N 290 
SER CB   C N N 291 
SER OG   O N N 292 
SER OXT  O N N 293 
SER H    H N N 294 
SER H2   H N N 295 
SER HA   H N N 296 
SER HB2  H N N 297 
SER HB3  H N N 298 
SER HG   H N N 299 
SER HXT  H N N 300 
THR N    N N N 301 
THR CA   C N S 302 
THR C    C N N 303 
THR O    O N N 304 
THR CB   C N R 305 
THR OG1  O N N 306 
THR CG2  C N N 307 
THR OXT  O N N 308 
THR H    H N N 309 
THR H2   H N N 310 
THR HA   H N N 311 
THR HB   H N N 312 
THR HG1  H N N 313 
THR HG21 H N N 314 
THR HG22 H N N 315 
THR HG23 H N N 316 
THR HXT  H N N 317 
TRP N    N N N 318 
TRP CA   C N S 319 
TRP C    C N N 320 
TRP O    O N N 321 
TRP CB   C N N 322 
TRP CG   C Y N 323 
TRP CD1  C Y N 324 
TRP CD2  C Y N 325 
TRP NE1  N Y N 326 
TRP CE2  C Y N 327 
TRP CE3  C Y N 328 
TRP CZ2  C Y N 329 
TRP CZ3  C Y N 330 
TRP CH2  C Y N 331 
TRP OXT  O N N 332 
TRP H    H N N 333 
TRP H2   H N N 334 
TRP HA   H N N 335 
TRP HB2  H N N 336 
TRP HB3  H N N 337 
TRP HD1  H N N 338 
TRP HE1  H N N 339 
TRP HE3  H N N 340 
TRP HZ2  H N N 341 
TRP HZ3  H N N 342 
TRP HH2  H N N 343 
TRP HXT  H N N 344 
TYR N    N N N 345 
TYR CA   C N S 346 
TYR C    C N N 347 
TYR O    O N N 348 
TYR CB   C N N 349 
TYR CG   C Y N 350 
TYR CD1  C Y N 351 
TYR CD2  C Y N 352 
TYR CE1  C Y N 353 
TYR CE2  C Y N 354 
TYR CZ   C Y N 355 
TYR OH   O N N 356 
TYR OXT  O N N 357 
TYR H    H N N 358 
TYR H2   H N N 359 
TYR HA   H N N 360 
TYR HB2  H N N 361 
TYR HB3  H N N 362 
TYR HD1  H N N 363 
TYR HD2  H N N 364 
TYR HE1  H N N 365 
TYR HE2  H N N 366 
TYR HH   H N N 367 
TYR HXT  H N N 368 
VAL N    N N N 369 
VAL CA   C N S 370 
VAL C    C N N 371 
VAL O    O N N 372 
VAL CB   C N N 373 
VAL CG1  C N N 374 
VAL CG2  C N N 375 
VAL OXT  O N N 376 
VAL H    H N N 377 
VAL H2   H N N 378 
VAL HA   H N N 379 
VAL HB   H N N 380 
VAL HG11 H N N 381 
VAL HG12 H N N 382 
VAL HG13 H N N 383 
VAL HG21 H N N 384 
VAL HG22 H N N 385 
VAL HG23 H N N 386 
VAL HXT  H N N 387 
# 
loop_
_chem_comp_bond.comp_id 
_chem_comp_bond.atom_id_1 
_chem_comp_bond.atom_id_2 
_chem_comp_bond.value_order 
_chem_comp_bond.pdbx_aromatic_flag 
_chem_comp_bond.pdbx_stereo_config 
_chem_comp_bond.pdbx_ordinal 
ALA N   CA   sing N N 1   
ALA N   H    sing N N 2   
ALA N   H2   sing N N 3   
ALA CA  C    sing N N 4   
ALA CA  CB   sing N N 5   
ALA CA  HA   sing N N 6   
ALA C   O    doub N N 7   
ALA C   OXT  sing N N 8   
ALA CB  HB1  sing N N 9   
ALA CB  HB2  sing N N 10  
ALA CB  HB3  sing N N 11  
ALA OXT HXT  sing N N 12  
ARG N   CA   sing N N 13  
ARG N   H    sing N N 14  
ARG N   H2   sing N N 15  
ARG CA  C    sing N N 16  
ARG CA  CB   sing N N 17  
ARG CA  HA   sing N N 18  
ARG C   O    doub N N 19  
ARG C   OXT  sing N N 20  
ARG CB  CG   sing N N 21  
ARG CB  HB2  sing N N 22  
ARG CB  HB3  sing N N 23  
ARG CG  CD   sing N N 24  
ARG CG  HG2  sing N N 25  
ARG CG  HG3  sing N N 26  
ARG CD  NE   sing N N 27  
ARG CD  HD2  sing N N 28  
ARG CD  HD3  sing N N 29  
ARG NE  CZ   sing N N 30  
ARG NE  HE   sing N N 31  
ARG CZ  NH1  sing N N 32  
ARG CZ  NH2  doub N N 33  
ARG NH1 HH11 sing N N 34  
ARG NH1 HH12 sing N N 35  
ARG NH2 HH21 sing N N 36  
ARG NH2 HH22 sing N N 37  
ARG OXT HXT  sing N N 38  
ASN N   CA   sing N N 39  
ASN N   H    sing N N 40  
ASN N   H2   sing N N 41  
ASN CA  C    sing N N 42  
ASN CA  CB   sing N N 43  
ASN CA  HA   sing N N 44  
ASN C   O    doub N N 45  
ASN C   OXT  sing N N 46  
ASN CB  CG   sing N N 47  
ASN CB  HB2  sing N N 48  
ASN CB  HB3  sing N N 49  
ASN CG  OD1  doub N N 50  
ASN CG  ND2  sing N N 51  
ASN ND2 HD21 sing N N 52  
ASN ND2 HD22 sing N N 53  
ASN OXT HXT  sing N N 54  
ASP N   CA   sing N N 55  
ASP N   H    sing N N 56  
ASP N   H2   sing N N 57  
ASP CA  C    sing N N 58  
ASP CA  CB   sing N N 59  
ASP CA  HA   sing N N 60  
ASP C   O    doub N N 61  
ASP C   OXT  sing N N 62  
ASP CB  CG   sing N N 63  
ASP CB  HB2  sing N N 64  
ASP CB  HB3  sing N N 65  
ASP CG  OD1  doub N N 66  
ASP CG  OD2  sing N N 67  
ASP OD2 HD2  sing N N 68  
ASP OXT HXT  sing N N 69  
CYS N   CA   sing N N 70  
CYS N   H    sing N N 71  
CYS N   H2   sing N N 72  
CYS CA  C    sing N N 73  
CYS CA  CB   sing N N 74  
CYS CA  HA   sing N N 75  
CYS C   O    doub N N 76  
CYS C   OXT  sing N N 77  
CYS CB  SG   sing N N 78  
CYS CB  HB2  sing N N 79  
CYS CB  HB3  sing N N 80  
CYS SG  HG   sing N N 81  
CYS OXT HXT  sing N N 82  
DNF C1  O1   sing N N 83  
DNF C1  C2   sing Y N 84  
DNF C1  C6   doub Y N 85  
DNF O1  HO1  sing N N 86  
DNF C2  N2   sing N N 87  
DNF C2  C3   doub Y N 88  
DNF N2  O21  doub N N 89  
DNF N2  O22  sing N N 90  
DNF C3  C4   sing Y N 91  
DNF C3  H3   sing N N 92  
DNF C4  N4   sing N N 93  
DNF C4  C5   doub Y N 94  
DNF N4  O41  doub N N 95  
DNF N4  O42  sing N N 96  
DNF C5  C6   sing Y N 97  
DNF C5  H5   sing N N 98  
DNF C6  H6   sing N N 99  
GLU N   CA   sing N N 100 
GLU N   H    sing N N 101 
GLU N   H2   sing N N 102 
GLU CA  C    sing N N 103 
GLU CA  CB   sing N N 104 
GLU CA  HA   sing N N 105 
GLU C   O    doub N N 106 
GLU C   OXT  sing N N 107 
GLU CB  CG   sing N N 108 
GLU CB  HB2  sing N N 109 
GLU CB  HB3  sing N N 110 
GLU CG  CD   sing N N 111 
GLU CG  HG2  sing N N 112 
GLU CG  HG3  sing N N 113 
GLU CD  OE1  doub N N 114 
GLU CD  OE2  sing N N 115 
GLU OE2 HE2  sing N N 116 
GLU OXT HXT  sing N N 117 
GLY N   CA   sing N N 118 
GLY N   H    sing N N 119 
GLY N   H2   sing N N 120 
GLY CA  C    sing N N 121 
GLY CA  HA2  sing N N 122 
GLY CA  HA3  sing N N 123 
GLY C   O    doub N N 124 
GLY C   OXT  sing N N 125 
GLY OXT HXT  sing N N 126 
HIS N   CA   sing N N 127 
HIS N   H    sing N N 128 
HIS N   H2   sing N N 129 
HIS CA  C    sing N N 130 
HIS CA  CB   sing N N 131 
HIS CA  HA   sing N N 132 
HIS C   O    doub N N 133 
HIS C   OXT  sing N N 134 
HIS CB  CG   sing N N 135 
HIS CB  HB2  sing N N 136 
HIS CB  HB3  sing N N 137 
HIS CG  ND1  sing Y N 138 
HIS CG  CD2  doub Y N 139 
HIS ND1 CE1  doub Y N 140 
HIS ND1 HD1  sing N N 141 
HIS CD2 NE2  sing Y N 142 
HIS CD2 HD2  sing N N 143 
HIS CE1 NE2  sing Y N 144 
HIS CE1 HE1  sing N N 145 
HIS NE2 HE2  sing N N 146 
HIS OXT HXT  sing N N 147 
HOH O   H1   sing N N 148 
HOH O   H2   sing N N 149 
ILE N   CA   sing N N 150 
ILE N   H    sing N N 151 
ILE N   H2   sing N N 152 
ILE CA  C    sing N N 153 
ILE CA  CB   sing N N 154 
ILE CA  HA   sing N N 155 
ILE C   O    doub N N 156 
ILE C   OXT  sing N N 157 
ILE CB  CG1  sing N N 158 
ILE CB  CG2  sing N N 159 
ILE CB  HB   sing N N 160 
ILE CG1 CD1  sing N N 161 
ILE CG1 HG12 sing N N 162 
ILE CG1 HG13 sing N N 163 
ILE CG2 HG21 sing N N 164 
ILE CG2 HG22 sing N N 165 
ILE CG2 HG23 sing N N 166 
ILE CD1 HD11 sing N N 167 
ILE CD1 HD12 sing N N 168 
ILE CD1 HD13 sing N N 169 
ILE OXT HXT  sing N N 170 
LEU N   CA   sing N N 171 
LEU N   H    sing N N 172 
LEU N   H2   sing N N 173 
LEU CA  C    sing N N 174 
LEU CA  CB   sing N N 175 
LEU CA  HA   sing N N 176 
LEU C   O    doub N N 177 
LEU C   OXT  sing N N 178 
LEU CB  CG   sing N N 179 
LEU CB  HB2  sing N N 180 
LEU CB  HB3  sing N N 181 
LEU CG  CD1  sing N N 182 
LEU CG  CD2  sing N N 183 
LEU CG  HG   sing N N 184 
LEU CD1 HD11 sing N N 185 
LEU CD1 HD12 sing N N 186 
LEU CD1 HD13 sing N N 187 
LEU CD2 HD21 sing N N 188 
LEU CD2 HD22 sing N N 189 
LEU CD2 HD23 sing N N 190 
LEU OXT HXT  sing N N 191 
LYS N   CA   sing N N 192 
LYS N   H    sing N N 193 
LYS N   H2   sing N N 194 
LYS CA  C    sing N N 195 
LYS CA  CB   sing N N 196 
LYS CA  HA   sing N N 197 
LYS C   O    doub N N 198 
LYS C   OXT  sing N N 199 
LYS CB  CG   sing N N 200 
LYS CB  HB2  sing N N 201 
LYS CB  HB3  sing N N 202 
LYS CG  CD   sing N N 203 
LYS CG  HG2  sing N N 204 
LYS CG  HG3  sing N N 205 
LYS CD  CE   sing N N 206 
LYS CD  HD2  sing N N 207 
LYS CD  HD3  sing N N 208 
LYS CE  NZ   sing N N 209 
LYS CE  HE2  sing N N 210 
LYS CE  HE3  sing N N 211 
LYS NZ  HZ1  sing N N 212 
LYS NZ  HZ2  sing N N 213 
LYS NZ  HZ3  sing N N 214 
LYS OXT HXT  sing N N 215 
MET N   CA   sing N N 216 
MET N   H    sing N N 217 
MET N   H2   sing N N 218 
MET CA  C    sing N N 219 
MET CA  CB   sing N N 220 
MET CA  HA   sing N N 221 
MET C   O    doub N N 222 
MET C   OXT  sing N N 223 
MET CB  CG   sing N N 224 
MET CB  HB2  sing N N 225 
MET CB  HB3  sing N N 226 
MET CG  SD   sing N N 227 
MET CG  HG2  sing N N 228 
MET CG  HG3  sing N N 229 
MET SD  CE   sing N N 230 
MET CE  HE1  sing N N 231 
MET CE  HE2  sing N N 232 
MET CE  HE3  sing N N 233 
MET OXT HXT  sing N N 234 
PHE N   CA   sing N N 235 
PHE N   H    sing N N 236 
PHE N   H2   sing N N 237 
PHE CA  C    sing N N 238 
PHE CA  CB   sing N N 239 
PHE CA  HA   sing N N 240 
PHE C   O    doub N N 241 
PHE C   OXT  sing N N 242 
PHE CB  CG   sing N N 243 
PHE CB  HB2  sing N N 244 
PHE CB  HB3  sing N N 245 
PHE CG  CD1  doub Y N 246 
PHE CG  CD2  sing Y N 247 
PHE CD1 CE1  sing Y N 248 
PHE CD1 HD1  sing N N 249 
PHE CD2 CE2  doub Y N 250 
PHE CD2 HD2  sing N N 251 
PHE CE1 CZ   doub Y N 252 
PHE CE1 HE1  sing N N 253 
PHE CE2 CZ   sing Y N 254 
PHE CE2 HE2  sing N N 255 
PHE CZ  HZ   sing N N 256 
PHE OXT HXT  sing N N 257 
PRO N   CA   sing N N 258 
PRO N   CD   sing N N 259 
PRO N   H    sing N N 260 
PRO CA  C    sing N N 261 
PRO CA  CB   sing N N 262 
PRO CA  HA   sing N N 263 
PRO C   O    doub N N 264 
PRO C   OXT  sing N N 265 
PRO CB  CG   sing N N 266 
PRO CB  HB2  sing N N 267 
PRO CB  HB3  sing N N 268 
PRO CG  CD   sing N N 269 
PRO CG  HG2  sing N N 270 
PRO CG  HG3  sing N N 271 
PRO CD  HD2  sing N N 272 
PRO CD  HD3  sing N N 273 
PRO OXT HXT  sing N N 274 
SER N   CA   sing N N 275 
SER N   H    sing N N 276 
SER N   H2   sing N N 277 
SER CA  C    sing N N 278 
SER CA  CB   sing N N 279 
SER CA  HA   sing N N 280 
SER C   O    doub N N 281 
SER C   OXT  sing N N 282 
SER CB  OG   sing N N 283 
SER CB  HB2  sing N N 284 
SER CB  HB3  sing N N 285 
SER OG  HG   sing N N 286 
SER OXT HXT  sing N N 287 
THR N   CA   sing N N 288 
THR N   H    sing N N 289 
THR N   H2   sing N N 290 
THR CA  C    sing N N 291 
THR CA  CB   sing N N 292 
THR CA  HA   sing N N 293 
THR C   O    doub N N 294 
THR C   OXT  sing N N 295 
THR CB  OG1  sing N N 296 
THR CB  CG2  sing N N 297 
THR CB  HB   sing N N 298 
THR OG1 HG1  sing N N 299 
THR CG2 HG21 sing N N 300 
THR CG2 HG22 sing N N 301 
THR CG2 HG23 sing N N 302 
THR OXT HXT  sing N N 303 
TRP N   CA   sing N N 304 
TRP N   H    sing N N 305 
TRP N   H2   sing N N 306 
TRP CA  C    sing N N 307 
TRP CA  CB   sing N N 308 
TRP CA  HA   sing N N 309 
TRP C   O    doub N N 310 
TRP C   OXT  sing N N 311 
TRP CB  CG   sing N N 312 
TRP CB  HB2  sing N N 313 
TRP CB  HB3  sing N N 314 
TRP CG  CD1  doub Y N 315 
TRP CG  CD2  sing Y N 316 
TRP CD1 NE1  sing Y N 317 
TRP CD1 HD1  sing N N 318 
TRP CD2 CE2  doub Y N 319 
TRP CD2 CE3  sing Y N 320 
TRP NE1 CE2  sing Y N 321 
TRP NE1 HE1  sing N N 322 
TRP CE2 CZ2  sing Y N 323 
TRP CE3 CZ3  doub Y N 324 
TRP CE3 HE3  sing N N 325 
TRP CZ2 CH2  doub Y N 326 
TRP CZ2 HZ2  sing N N 327 
TRP CZ3 CH2  sing Y N 328 
TRP CZ3 HZ3  sing N N 329 
TRP CH2 HH2  sing N N 330 
TRP OXT HXT  sing N N 331 
TYR N   CA   sing N N 332 
TYR N   H    sing N N 333 
TYR N   H2   sing N N 334 
TYR CA  C    sing N N 335 
TYR CA  CB   sing N N 336 
TYR CA  HA   sing N N 337 
TYR C   O    doub N N 338 
TYR C   OXT  sing N N 339 
TYR CB  CG   sing N N 340 
TYR CB  HB2  sing N N 341 
TYR CB  HB3  sing N N 342 
TYR CG  CD1  doub Y N 343 
TYR CG  CD2  sing Y N 344 
TYR CD1 CE1  sing Y N 345 
TYR CD1 HD1  sing N N 346 
TYR CD2 CE2  doub Y N 347 
TYR CD2 HD2  sing N N 348 
TYR CE1 CZ   doub Y N 349 
TYR CE1 HE1  sing N N 350 
TYR CE2 CZ   sing Y N 351 
TYR CE2 HE2  sing N N 352 
TYR CZ  OH   sing N N 353 
TYR OH  HH   sing N N 354 
TYR OXT HXT  sing N N 355 
VAL N   CA   sing N N 356 
VAL N   H    sing N N 357 
VAL N   H2   sing N N 358 
VAL CA  C    sing N N 359 
VAL CA  CB   sing N N 360 
VAL CA  HA   sing N N 361 
VAL C   O    doub N N 362 
VAL C   OXT  sing N N 363 
VAL CB  CG1  sing N N 364 
VAL CB  CG2  sing N N 365 
VAL CB  HB   sing N N 366 
VAL CG1 HG11 sing N N 367 
VAL CG1 HG12 sing N N 368 
VAL CG1 HG13 sing N N 369 
VAL CG2 HG21 sing N N 370 
VAL CG2 HG22 sing N N 371 
VAL CG2 HG23 sing N N 372 
VAL OXT HXT  sing N N 373 
# 
loop_
_pdbx_entity_nonpoly.entity_id 
_pdbx_entity_nonpoly.name 
_pdbx_entity_nonpoly.comp_id 
2 2,4-DINITROPHENOL DNF 
3 water             HOH 
# 
_pdbx_initial_refinement_model.id               1 
_pdbx_initial_refinement_model.entity_id_list   ? 
_pdbx_initial_refinement_model.type             'experimental model' 
_pdbx_initial_refinement_model.source_name      PDB 
_pdbx_initial_refinement_model.accession_code   1F86 
_pdbx_initial_refinement_model.details          'PDB ENTRY 1F86' 
# 
